data_5LMY
#
_entry.id   5LMY
#
_entity_poly.entity_id   1
_entity_poly.type   'polypeptide(L)'
_entity_poly.pdbx_seq_one_letter_code
;(MYR)GQELSQHERYVEQLKQALKTRGVKVKYADLLKFFDFVKDTCPWFPQEGTIDIKRWRRVGDCFQDYYNTFGPEKVP
VTAFSYWNLIKELIDKKEVNPQVMAAVAQTEEILKSNSQTDLEHHHHHH
;
_entity_poly.pdbx_strand_id   A
#
loop_
_chem_comp.id
_chem_comp.type
_chem_comp.name
_chem_comp.formula
MYR non-polymer 'MYRISTIC ACID' 'C14 H28 O2'
#
# COMPACT_ATOMS: atom_id res chain seq x y z
C1 MYR A 1 -1.38 -11.53 8.58
O1 MYR A 1 -0.70 -12.49 8.25
C2 MYR A 1 -0.94 -10.27 8.15
C3 MYR A 1 -0.94 -10.18 6.61
C4 MYR A 1 -0.04 -9.05 6.12
C5 MYR A 1 0.85 -9.49 4.97
C6 MYR A 1 2.08 -8.59 4.86
C7 MYR A 1 1.79 -7.17 4.35
C8 MYR A 1 2.94 -6.49 3.59
C9 MYR A 1 3.38 -5.13 4.17
C10 MYR A 1 3.31 -4.00 3.15
C11 MYR A 1 3.76 -2.65 3.72
C12 MYR A 1 3.79 -1.57 2.64
C13 MYR A 1 2.80 -0.44 2.94
C14 MYR A 1 3.26 0.89 2.33
H21 MYR A 1 -1.55 -9.56 8.52
H22 MYR A 1 -0.02 -10.11 8.48
H31 MYR A 1 -0.63 -11.05 6.23
H32 MYR A 1 -1.88 -10.00 6.29
H41 MYR A 1 -0.60 -8.28 5.82
H42 MYR A 1 0.54 -8.75 6.88
H51 MYR A 1 1.15 -10.43 5.12
H52 MYR A 1 0.34 -9.45 4.09
H61 MYR A 1 2.51 -8.52 5.76
H62 MYR A 1 2.73 -9.01 4.22
H71 MYR A 1 1.00 -7.22 3.74
H72 MYR A 1 1.56 -6.59 5.14
H81 MYR A 1 3.72 -7.10 3.60
H82 MYR A 1 2.65 -6.34 2.65
H91 MYR A 1 2.79 -4.90 4.95
H92 MYR A 1 4.33 -5.21 4.50
H101 MYR A 1 3.89 -4.23 2.37
H102 MYR A 1 2.36 -3.91 2.82
H111 MYR A 1 3.13 -2.36 4.44
H112 MYR A 1 4.68 -2.74 4.11
H121 MYR A 1 4.72 -1.19 2.57
H122 MYR A 1 3.55 -1.98 1.76
H131 MYR A 1 1.90 -0.68 2.58
H132 MYR A 1 2.74 -0.32 3.94
H141 MYR A 1 3.13 0.85 1.33
H142 MYR A 1 2.70 1.63 2.70
H143 MYR A 1 4.22 1.04 2.55
N GLY A 2 -1.72 -11.30 9.85
CA GLY A 2 -1.31 -12.21 10.92
C GLY A 2 0.11 -11.90 11.36
N GLN A 3 0.85 -12.94 11.73
CA GLN A 3 2.24 -12.77 12.17
C GLN A 3 3.06 -12.11 11.08
N GLU A 4 2.58 -12.21 9.86
CA GLU A 4 3.25 -11.60 8.72
C GLU A 4 3.57 -10.14 8.99
N LEU A 5 2.88 -9.57 9.97
CA LEU A 5 3.08 -8.16 10.32
C LEU A 5 4.56 -7.80 10.28
N SER A 6 5.41 -8.78 10.54
CA SER A 6 6.84 -8.57 10.53
C SER A 6 7.27 -7.97 9.19
N GLN A 7 6.49 -8.27 8.15
CA GLN A 7 6.78 -7.75 6.83
C GLN A 7 6.81 -6.23 6.86
N HIS A 8 5.80 -5.62 7.51
CA HIS A 8 5.75 -4.17 7.59
C HIS A 8 7.01 -3.63 8.23
N GLU A 9 7.39 -4.21 9.36
CA GLU A 9 8.59 -3.76 10.05
C GLU A 9 9.77 -3.67 9.08
N ARG A 10 9.85 -4.64 8.17
CA ARG A 10 10.92 -4.66 7.18
C ARG A 10 10.65 -3.63 6.09
N TYR A 11 9.41 -3.60 5.61
CA TYR A 11 9.04 -2.67 4.55
C TYR A 11 9.38 -1.24 4.96
N VAL A 12 9.04 -0.87 6.18
CA VAL A 12 9.33 0.47 6.65
C VAL A 12 10.83 0.76 6.64
N GLU A 13 11.60 -0.15 7.24
CA GLU A 13 13.05 0.04 7.28
C GLU A 13 13.68 -0.11 5.90
N GLN A 14 13.19 -1.08 5.15
CA GLN A 14 13.70 -1.36 3.81
C GLN A 14 13.30 -0.24 2.86
N LEU A 15 12.02 -0.20 2.51
CA LEU A 15 11.52 0.80 1.57
C LEU A 15 12.23 2.12 1.83
N LYS A 16 12.27 2.55 3.09
CA LYS A 16 12.94 3.79 3.42
C LYS A 16 14.42 3.75 3.03
N GLN A 17 15.06 2.61 3.27
CA GLN A 17 16.47 2.46 2.92
C GLN A 17 16.63 2.50 1.40
N ALA A 18 15.96 1.58 0.72
CA ALA A 18 16.00 1.51 -0.74
C ALA A 18 15.65 2.86 -1.33
N LEU A 19 15.08 3.72 -0.50
CA LEU A 19 14.73 5.07 -0.94
C LEU A 19 15.92 6.00 -0.83
N LYS A 20 16.58 5.99 0.32
CA LYS A 20 17.73 6.85 0.53
C LYS A 20 18.65 6.79 -0.68
N THR A 21 18.69 5.63 -1.32
CA THR A 21 19.53 5.47 -2.49
C THR A 21 19.13 6.45 -3.59
N ARG A 22 17.84 6.72 -3.69
CA ARG A 22 17.33 7.63 -4.69
C ARG A 22 17.69 9.08 -4.34
N GLY A 23 18.19 9.27 -3.12
CA GLY A 23 18.57 10.60 -2.67
C GLY A 23 17.54 11.16 -1.69
N VAL A 24 16.89 10.28 -0.95
CA VAL A 24 15.88 10.70 0.03
C VAL A 24 16.41 10.59 1.45
N LYS A 25 15.70 11.17 2.40
CA LYS A 25 16.12 11.12 3.79
C LYS A 25 15.07 10.38 4.64
N VAL A 26 15.52 9.76 5.72
CA VAL A 26 14.63 9.01 6.59
C VAL A 26 14.75 9.49 8.05
N LYS A 27 13.79 10.29 8.48
CA LYS A 27 13.79 10.81 9.85
C LYS A 27 12.65 10.19 10.67
N TYR A 28 12.73 10.27 11.98
CA TYR A 28 11.69 9.72 12.84
C TYR A 28 10.33 10.35 12.49
N ALA A 29 10.33 11.65 12.29
CA ALA A 29 9.12 12.38 11.95
C ALA A 29 8.49 11.79 10.68
N ASP A 30 9.33 11.09 9.90
CA ASP A 30 8.87 10.47 8.67
C ASP A 30 7.97 9.28 8.96
N LEU A 31 8.35 8.48 9.94
CA LEU A 31 7.54 7.32 10.31
C LEU A 31 6.18 7.76 10.83
N LEU A 32 6.14 8.80 11.62
CA LEU A 32 4.87 9.25 12.17
C LEU A 32 3.90 9.61 11.06
N LYS A 33 4.37 10.38 10.08
CA LYS A 33 3.51 10.82 8.97
C LYS A 33 3.33 9.71 7.95
N PHE A 34 4.44 9.14 7.48
CA PHE A 34 4.40 8.09 6.47
C PHE A 34 3.58 6.88 6.93
N PHE A 35 3.74 6.53 8.20
CA PHE A 35 3.00 5.41 8.77
C PHE A 35 1.52 5.79 8.97
N ASP A 36 1.27 6.99 9.50
CA ASP A 36 -0.10 7.44 9.74
C ASP A 36 -0.82 7.73 8.43
N PHE A 37 -0.05 8.04 7.39
CA PHE A 37 -0.62 8.36 6.08
C PHE A 37 -1.31 7.14 5.49
N VAL A 38 -0.54 6.07 5.29
CA VAL A 38 -1.10 4.86 4.72
C VAL A 38 -2.09 4.20 5.69
N LYS A 39 -1.76 4.22 6.97
CA LYS A 39 -2.63 3.63 7.98
C LYS A 39 -4.02 4.23 7.91
N ASP A 40 -4.11 5.48 7.48
CA ASP A 40 -5.40 6.15 7.38
C ASP A 40 -6.43 5.25 6.69
N THR A 41 -6.16 4.91 5.42
CA THR A 41 -7.06 4.06 4.65
C THR A 41 -6.41 2.73 4.31
N CYS A 42 -5.19 2.52 4.83
CA CYS A 42 -4.43 1.29 4.55
C CYS A 42 -4.71 0.82 3.13
N PRO A 43 -4.31 1.58 2.15
CA PRO A 43 -4.54 1.24 0.71
C PRO A 43 -3.81 -0.03 0.29
N TRP A 44 -2.81 -0.41 1.08
CA TRP A 44 -2.04 -1.61 0.78
C TRP A 44 -2.89 -2.86 0.95
N PHE A 45 -4.21 -2.71 0.86
CA PHE A 45 -5.10 -3.84 1.02
C PHE A 45 -5.23 -4.17 2.52
N PRO A 46 -6.22 -3.62 3.17
CA PRO A 46 -6.43 -3.85 4.63
C PRO A 46 -6.54 -5.34 4.96
N GLN A 47 -6.82 -6.15 3.95
CA GLN A 47 -6.96 -7.60 4.19
C GLN A 47 -5.60 -8.29 4.19
N GLU A 48 -4.89 -8.20 3.08
CA GLU A 48 -3.57 -8.82 2.97
C GLU A 48 -2.45 -7.84 3.32
N GLY A 49 -2.72 -6.56 3.10
CA GLY A 49 -1.69 -5.55 3.37
C GLY A 49 -0.60 -5.57 2.29
N THR A 50 -1.00 -5.90 1.05
CA THR A 50 -0.06 -5.96 -0.07
C THR A 50 -0.03 -4.64 -0.83
N ILE A 51 0.89 -4.53 -1.77
CA ILE A 51 1.00 -3.31 -2.55
C ILE A 51 0.01 -3.33 -3.72
N ASP A 52 -0.62 -2.19 -3.97
CA ASP A 52 -1.58 -2.09 -5.07
C ASP A 52 -1.38 -0.79 -5.84
N ILE A 53 -1.12 -0.92 -7.13
CA ILE A 53 -0.91 0.26 -7.98
C ILE A 53 -2.22 1.02 -8.21
N LYS A 54 -3.29 0.29 -8.46
CA LYS A 54 -4.59 0.91 -8.71
C LYS A 54 -5.08 1.66 -7.46
N ARG A 55 -5.07 0.98 -6.34
CA ARG A 55 -5.50 1.60 -5.09
C ARG A 55 -4.56 2.72 -4.71
N TRP A 56 -3.27 2.53 -5.00
CA TRP A 56 -2.28 3.55 -4.67
C TRP A 56 -2.69 4.89 -5.28
N ARG A 57 -3.21 4.83 -6.49
CA ARG A 57 -3.64 6.05 -7.18
C ARG A 57 -4.82 6.67 -6.44
N ARG A 58 -5.71 5.82 -5.92
CA ARG A 58 -6.88 6.32 -5.22
C ARG A 58 -6.48 7.17 -4.01
N VAL A 59 -5.57 6.64 -3.19
CA VAL A 59 -5.10 7.37 -2.00
C VAL A 59 -4.27 8.58 -2.43
N GLY A 60 -3.54 8.43 -3.53
CA GLY A 60 -2.70 9.52 -4.03
C GLY A 60 -3.53 10.72 -4.43
N ASP A 61 -4.55 10.49 -5.25
CA ASP A 61 -5.42 11.57 -5.70
C ASP A 61 -6.28 12.09 -4.55
N CYS A 62 -6.70 11.19 -3.67
CA CYS A 62 -7.53 11.57 -2.54
C CYS A 62 -6.77 12.49 -1.58
N PHE A 63 -5.48 12.20 -1.39
CA PHE A 63 -4.65 13.01 -0.52
C PHE A 63 -4.19 14.28 -1.24
N GLN A 64 -3.82 14.12 -2.50
CA GLN A 64 -3.35 15.25 -3.28
C GLN A 64 -4.48 16.26 -3.50
N ASP A 65 -5.69 15.75 -3.68
CA ASP A 65 -6.84 16.60 -3.90
C ASP A 65 -7.14 17.43 -2.65
N TYR A 66 -7.31 16.76 -1.52
CA TYR A 66 -7.59 17.46 -0.27
C TYR A 66 -6.42 18.33 0.13
N TYR A 67 -5.21 17.81 -0.06
CA TYR A 67 -4.01 18.55 0.30
C TYR A 67 -3.89 19.82 -0.55
N ASN A 68 -4.20 19.69 -1.83
CA ASN A 68 -4.11 20.83 -2.76
C ASN A 68 -5.05 21.96 -2.35
N THR A 69 -6.26 21.60 -1.91
CA THR A 69 -7.24 22.60 -1.50
C THR A 69 -6.62 23.57 -0.50
N PHE A 70 -5.59 23.11 0.20
CA PHE A 70 -4.93 23.96 1.19
C PHE A 70 -3.88 24.83 0.52
N GLY A 71 -3.92 24.89 -0.80
CA GLY A 71 -2.95 25.69 -1.56
C GLY A 71 -1.54 25.54 -0.95
N PRO A 72 -1.03 24.35 -0.91
CA PRO A 72 0.32 24.07 -0.35
C PRO A 72 1.43 24.45 -1.33
N GLU A 73 2.39 25.22 -0.86
CA GLU A 73 3.50 25.64 -1.71
C GLU A 73 4.63 24.61 -1.64
N LYS A 74 4.77 23.97 -0.50
CA LYS A 74 5.82 22.99 -0.31
C LYS A 74 5.66 21.80 -1.24
N VAL A 75 4.43 21.27 -1.34
CA VAL A 75 4.15 20.13 -2.22
C VAL A 75 5.40 19.29 -2.43
N PRO A 76 5.76 18.47 -1.47
CA PRO A 76 6.99 17.62 -1.57
C PRO A 76 6.97 16.76 -2.82
N VAL A 77 8.03 16.87 -3.61
CA VAL A 77 8.15 16.10 -4.84
C VAL A 77 8.66 14.70 -4.56
N THR A 78 9.33 14.53 -3.42
CA THR A 78 9.87 13.24 -3.04
C THR A 78 8.82 12.14 -3.26
N ALA A 79 7.55 12.52 -3.17
CA ALA A 79 6.47 11.56 -3.34
C ALA A 79 6.55 10.87 -4.70
N PHE A 80 7.19 11.55 -5.65
CA PHE A 80 7.36 11.01 -6.99
C PHE A 80 8.24 9.76 -6.96
N SER A 81 9.28 9.79 -6.13
CA SER A 81 10.18 8.66 -6.01
C SER A 81 9.45 7.42 -5.49
N TYR A 82 8.54 7.64 -4.54
CA TYR A 82 7.80 6.53 -3.95
C TYR A 82 7.04 5.77 -5.03
N TRP A 83 6.30 6.50 -5.86
CA TRP A 83 5.53 5.86 -6.93
C TRP A 83 6.45 5.09 -7.87
N ASN A 84 7.58 5.70 -8.22
CA ASN A 84 8.53 5.07 -9.12
C ASN A 84 9.13 3.80 -8.50
N LEU A 85 9.51 3.88 -7.22
CA LEU A 85 10.10 2.75 -6.55
C LEU A 85 9.07 1.65 -6.36
N ILE A 86 7.95 1.99 -5.74
CA ILE A 86 6.88 1.03 -5.52
C ILE A 86 6.42 0.43 -6.83
N LYS A 87 6.34 1.26 -7.85
CA LYS A 87 5.90 0.79 -9.15
C LYS A 87 6.68 -0.43 -9.57
N GLU A 88 7.99 -0.34 -9.50
CA GLU A 88 8.84 -1.46 -9.87
C GLU A 88 9.02 -2.46 -8.74
N LEU A 89 8.70 -2.03 -7.53
CA LEU A 89 8.91 -2.86 -6.36
C LEU A 89 8.10 -4.14 -6.46
N ILE A 90 6.88 -4.00 -6.94
CA ILE A 90 6.02 -5.15 -7.09
C ILE A 90 6.63 -6.15 -8.07
N ASP A 91 7.21 -5.64 -9.15
CA ASP A 91 7.82 -6.49 -10.17
C ASP A 91 8.58 -7.64 -9.53
N LYS A 92 9.03 -7.43 -8.29
CA LYS A 92 9.77 -8.46 -7.58
C LYS A 92 8.91 -9.69 -7.35
N LYS A 93 9.47 -10.86 -7.62
CA LYS A 93 8.73 -12.11 -7.43
C LYS A 93 9.04 -12.72 -6.07
N GLU A 94 10.05 -12.17 -5.39
CA GLU A 94 10.45 -12.67 -4.08
C GLU A 94 9.63 -12.01 -2.98
N VAL A 95 8.51 -11.42 -3.38
CA VAL A 95 7.62 -10.75 -2.43
C VAL A 95 7.06 -11.75 -1.44
N ASN A 96 6.97 -11.34 -0.18
CA ASN A 96 6.47 -12.23 0.86
C ASN A 96 5.27 -13.03 0.36
N PRO A 97 4.96 -14.14 1.01
CA PRO A 97 3.82 -15.00 0.63
C PRO A 97 2.58 -14.19 0.27
N GLN A 98 2.52 -12.95 0.74
CA GLN A 98 1.37 -12.10 0.45
C GLN A 98 0.97 -12.20 -1.01
N VAL A 99 1.85 -12.75 -1.83
CA VAL A 99 1.57 -12.90 -3.25
C VAL A 99 0.34 -13.79 -3.46
N MET A 100 0.32 -14.93 -2.76
CA MET A 100 -0.81 -15.86 -2.88
C MET A 100 -2.08 -15.26 -2.30
N ALA A 101 -1.94 -14.56 -1.18
CA ALA A 101 -3.07 -13.93 -0.52
C ALA A 101 -3.48 -12.64 -1.23
N ALA A 102 -2.56 -12.13 -2.04
CA ALA A 102 -2.81 -10.91 -2.79
C ALA A 102 -3.48 -11.22 -4.12
N VAL A 103 -3.01 -12.26 -4.79
CA VAL A 103 -3.57 -12.67 -6.07
C VAL A 103 -5.10 -12.58 -6.04
N ALA A 104 -5.65 -12.58 -4.83
CA ALA A 104 -7.11 -12.49 -4.68
C ALA A 104 -7.68 -11.43 -5.61
N GLN A 105 -6.82 -10.54 -6.10
CA GLN A 105 -7.26 -9.48 -7.00
C GLN A 105 -7.96 -10.07 -8.21
N THR A 106 -7.41 -11.16 -8.74
CA THR A 106 -7.99 -11.81 -9.91
C THR A 106 -8.44 -13.24 -9.56
N GLU A 107 -9.69 -13.56 -9.90
CA GLU A 107 -10.22 -14.89 -9.62
C GLU A 107 -11.02 -15.41 -10.81
N GLU A 108 -11.01 -16.72 -11.00
CA GLU A 108 -11.74 -17.32 -12.11
C GLU A 108 -13.24 -17.08 -11.92
N ILE A 109 -13.86 -16.48 -12.92
CA ILE A 109 -15.29 -16.18 -12.85
C ILE A 109 -16.11 -17.48 -12.86
N LEU A 110 -15.48 -18.57 -13.29
CA LEU A 110 -16.16 -19.86 -13.36
C LEU A 110 -15.43 -20.89 -12.49
N LYS A 111 -15.03 -20.47 -11.30
CA LYS A 111 -14.32 -21.35 -10.38
C LYS A 111 -15.22 -22.48 -9.92
N SER A 112 -16.50 -22.17 -9.73
CA SER A 112 -17.46 -23.17 -9.28
C SER A 112 -18.76 -23.08 -10.08
N ASN A 113 -19.60 -24.09 -9.94
CA ASN A 113 -20.87 -24.12 -10.65
C ASN A 113 -21.77 -22.96 -10.20
N SER A 114 -21.75 -22.68 -8.90
CA SER A 114 -22.56 -21.60 -8.36
C SER A 114 -22.38 -20.33 -9.19
N GLN A 115 -21.19 -20.15 -9.72
CA GLN A 115 -20.90 -18.97 -10.54
C GLN A 115 -21.95 -18.83 -11.63
N THR A 116 -22.44 -17.61 -11.80
CA THR A 116 -23.47 -17.34 -12.81
C THR A 116 -22.95 -17.69 -14.19
N ASP A 117 -21.72 -17.29 -14.48
CA ASP A 117 -21.11 -17.57 -15.77
C ASP A 117 -21.15 -19.06 -16.08
N LEU A 118 -20.36 -19.49 -17.06
CA LEU A 118 -20.33 -20.90 -17.44
C LEU A 118 -19.74 -21.74 -16.30
N GLU A 119 -20.26 -22.95 -16.14
CA GLU A 119 -19.79 -23.84 -15.08
C GLU A 119 -18.32 -24.16 -15.28
N HIS A 120 -17.66 -24.58 -14.20
CA HIS A 120 -16.24 -24.92 -14.27
C HIS A 120 -16.02 -26.13 -15.17
N HIS A 121 -16.89 -27.12 -15.04
CA HIS A 121 -16.78 -28.33 -15.86
C HIS A 121 -17.76 -28.27 -17.03
N HIS A 122 -17.24 -28.55 -18.22
CA HIS A 122 -18.07 -28.53 -19.42
C HIS A 122 -17.55 -29.51 -20.46
N HIS A 123 -18.38 -29.82 -21.46
CA HIS A 123 -18.00 -30.75 -22.51
C HIS A 123 -18.37 -30.18 -23.88
N HIS A 124 -17.49 -30.40 -24.86
CA HIS A 124 -17.73 -29.91 -26.21
C HIS A 124 -17.17 -30.88 -27.23
N HIS A 125 -17.89 -31.06 -28.34
CA HIS A 125 -17.46 -31.98 -29.38
C HIS A 125 -16.28 -31.39 -30.15
C1 MYR A 1 -0.46 -12.21 10.23
O1 MYR A 1 0.21 -13.05 9.64
C2 MYR A 1 -0.23 -10.87 9.88
C3 MYR A 1 -0.41 -10.64 8.38
C4 MYR A 1 0.34 -9.39 7.92
C5 MYR A 1 0.98 -9.58 6.56
C6 MYR A 1 2.02 -8.49 6.28
C7 MYR A 1 2.83 -8.69 4.99
C8 MYR A 1 3.92 -7.65 4.74
C9 MYR A 1 4.04 -7.18 3.28
C10 MYR A 1 4.69 -5.78 3.16
C11 MYR A 1 3.66 -4.66 2.92
C12 MYR A 1 4.19 -3.64 1.91
C13 MYR A 1 3.08 -2.69 1.45
C14 MYR A 1 3.58 -1.71 0.41
H21 MYR A 1 -0.88 -10.29 10.39
H22 MYR A 1 0.71 -10.61 10.15
H31 MYR A 1 -0.05 -11.42 7.88
H32 MYR A 1 -1.38 -10.52 8.17
H41 MYR A 1 -0.31 -8.63 7.88
H42 MYR A 1 1.06 -9.17 8.59
H51 MYR A 1 1.41 -10.48 6.51
H52 MYR A 1 0.27 -9.52 5.84
H61 MYR A 1 1.56 -7.61 6.24
H62 MYR A 1 2.68 -8.48 7.05
H71 MYR A 1 3.25 -9.59 5.02
H72 MYR A 1 2.19 -8.66 4.22
H81 MYR A 1 3.75 -6.85 5.31
H82 MYR A 1 4.81 -8.04 5.00
H91 MYR A 1 4.59 -7.83 2.77
H92 MYR A 1 3.12 -7.12 2.88
H101 MYR A 1 5.20 -5.59 4.00
H102 MYR A 1 5.32 -5.80 2.38
H111 MYR A 1 2.81 -5.05 2.58
H112 MYR A 1 3.48 -4.20 3.79
H121 MYR A 1 4.92 -3.11 2.33
H122 MYR A 1 4.55 -4.12 1.11
H131 MYR A 1 2.33 -3.22 1.06
H132 MYR A 1 2.73 -2.18 2.24
H141 MYR A 1 3.02 -0.87 0.45
H142 MYR A 1 4.53 -1.48 0.61
H143 MYR A 1 3.51 -2.11 -0.50
N GLY A 2 -0.57 -12.16 11.55
CA GLY A 2 0.10 -13.14 12.40
C GLY A 2 1.59 -12.79 12.56
N GLN A 3 2.42 -13.81 12.71
CA GLN A 3 3.86 -13.59 12.88
C GLN A 3 4.41 -12.79 11.69
N GLU A 4 3.71 -12.84 10.57
CA GLU A 4 4.14 -12.12 9.37
C GLU A 4 4.42 -10.66 9.71
N LEU A 5 3.83 -10.18 10.80
CA LEU A 5 4.02 -8.80 11.22
C LEU A 5 5.47 -8.38 11.04
N SER A 6 6.39 -9.27 11.40
CA SER A 6 7.81 -8.99 11.26
C SER A 6 8.14 -8.56 9.84
N GLN A 7 7.42 -9.13 8.88
CA GLN A 7 7.63 -8.78 7.47
C GLN A 7 7.52 -7.27 7.27
N HIS A 8 6.48 -6.68 7.86
CA HIS A 8 6.28 -5.25 7.75
C HIS A 8 7.48 -4.48 8.30
N GLU A 9 7.90 -4.86 9.52
CA GLU A 9 9.06 -4.22 10.14
C GLU A 9 10.19 -4.06 9.13
N ARG A 10 10.26 -4.97 8.17
CA ARG A 10 11.27 -4.91 7.13
C ARG A 10 10.86 -3.94 6.03
N TYR A 11 9.59 -4.00 5.66
CA TYR A 11 9.06 -3.10 4.63
C TYR A 11 9.34 -1.65 4.99
N VAL A 12 9.02 -1.28 6.23
CA VAL A 12 9.22 0.09 6.69
C VAL A 12 10.70 0.45 6.64
N GLU A 13 11.53 -0.37 7.27
CA GLU A 13 12.97 -0.11 7.29
C GLU A 13 13.55 -0.20 5.88
N GLN A 14 13.08 -1.18 5.11
CA GLN A 14 13.58 -1.38 3.76
C GLN A 14 13.11 -0.24 2.85
N LEU A 15 11.83 -0.26 2.49
CA LEU A 15 11.28 0.77 1.62
C LEU A 15 11.93 2.11 1.90
N LYS A 16 12.05 2.46 3.18
CA LYS A 16 12.67 3.72 3.57
C LYS A 16 14.14 3.74 3.15
N GLN A 17 14.82 2.62 3.32
CA GLN A 17 16.22 2.51 2.90
C GLN A 17 16.33 2.57 1.38
N ALA A 18 15.66 1.64 0.71
CA ALA A 18 15.66 1.62 -0.75
C ALA A 18 15.30 3.00 -1.31
N LEU A 19 14.75 3.85 -0.46
CA LEU A 19 14.39 5.20 -0.87
C LEU A 19 15.57 6.14 -0.73
N LYS A 20 16.23 6.10 0.42
CA LYS A 20 17.40 6.94 0.66
C LYS A 20 18.32 6.93 -0.56
N THR A 21 18.37 5.79 -1.25
CA THR A 21 19.21 5.67 -2.44
C THR A 21 18.77 6.65 -3.51
N ARG A 22 17.47 6.94 -3.55
CA ARG A 22 16.94 7.87 -4.54
C ARG A 22 17.26 9.31 -4.15
N GLY A 23 17.78 9.48 -2.93
CA GLY A 23 18.13 10.81 -2.45
C GLY A 23 17.12 11.30 -1.41
N VAL A 24 16.53 10.36 -0.68
CA VAL A 24 15.55 10.70 0.34
C VAL A 24 16.14 10.54 1.73
N LYS A 25 15.43 11.05 2.74
CA LYS A 25 15.89 10.94 4.12
C LYS A 25 14.96 10.06 4.93
N VAL A 26 15.53 9.26 5.83
CA VAL A 26 14.74 8.36 6.66
C VAL A 26 14.85 8.75 8.13
N LYS A 27 13.93 9.62 8.58
CA LYS A 27 13.94 10.06 9.97
C LYS A 27 12.75 9.47 10.72
N TYR A 28 12.81 9.53 12.05
CA TYR A 28 11.73 9.01 12.87
C TYR A 28 10.44 9.81 12.64
N ALA A 29 10.59 11.11 12.40
CA ALA A 29 9.43 11.96 12.14
C ALA A 29 8.71 11.51 10.87
N ASP A 30 9.43 10.80 10.01
CA ASP A 30 8.85 10.32 8.76
C ASP A 30 7.91 9.14 9.02
N LEU A 31 8.30 8.28 9.95
CA LEU A 31 7.49 7.12 10.30
C LEU A 31 6.13 7.57 10.84
N LEU A 32 6.15 8.59 11.69
CA LEU A 32 4.92 9.09 12.30
C LEU A 32 3.88 9.42 11.23
N LYS A 33 4.27 10.27 10.29
CA LYS A 33 3.35 10.68 9.23
C LYS A 33 3.17 9.56 8.21
N PHE A 34 4.28 9.02 7.72
CA PHE A 34 4.23 7.97 6.71
C PHE A 34 3.43 6.77 7.22
N PHE A 35 3.65 6.41 8.48
CA PHE A 35 2.99 5.25 9.05
C PHE A 35 1.52 5.53 9.29
N ASP A 36 1.23 6.69 9.88
CA ASP A 36 -0.16 7.07 10.16
C ASP A 36 -0.84 7.55 8.89
N PHE A 37 -0.04 7.96 7.89
CA PHE A 37 -0.58 8.46 6.64
C PHE A 37 -1.42 7.37 5.95
N VAL A 38 -0.84 6.19 5.79
CA VAL A 38 -1.53 5.10 5.14
C VAL A 38 -2.55 4.47 6.08
N LYS A 39 -2.21 4.43 7.37
CA LYS A 39 -3.10 3.86 8.37
C LYS A 39 -4.40 4.66 8.46
N ASP A 40 -4.30 5.96 8.22
CA ASP A 40 -5.46 6.83 8.30
C ASP A 40 -6.60 6.29 7.45
N THR A 41 -6.28 5.87 6.23
CA THR A 41 -7.29 5.33 5.33
C THR A 41 -7.02 3.85 5.06
N CYS A 42 -5.89 3.35 5.55
CA CYS A 42 -5.52 1.96 5.36
C CYS A 42 -5.94 1.49 3.97
N PRO A 43 -5.44 2.13 2.96
CA PRO A 43 -5.75 1.78 1.53
C PRO A 43 -4.93 0.59 1.05
N TRP A 44 -3.67 0.55 1.45
CA TRP A 44 -2.79 -0.55 1.03
C TRP A 44 -3.10 -1.82 1.81
N PHE A 45 -4.16 -1.76 2.62
CA PHE A 45 -4.55 -2.92 3.42
C PHE A 45 -3.39 -3.39 4.29
N PRO A 46 -2.81 -2.50 5.04
CA PRO A 46 -1.65 -2.80 5.91
C PRO A 46 -1.85 -4.08 6.73
N GLN A 47 -3.08 -4.59 6.70
CA GLN A 47 -3.41 -5.81 7.44
C GLN A 47 -2.60 -6.98 6.92
N GLU A 48 -2.73 -7.26 5.63
CA GLU A 48 -1.98 -8.35 5.01
C GLU A 48 -0.69 -7.83 4.38
N GLY A 49 -0.61 -6.51 4.25
CA GLY A 49 0.58 -5.89 3.66
C GLY A 49 0.71 -6.25 2.18
N THR A 50 0.13 -5.41 1.32
CA THR A 50 0.19 -5.65 -0.12
C THR A 50 0.43 -4.34 -0.86
N ILE A 51 0.73 -4.45 -2.16
CA ILE A 51 0.96 -3.27 -2.98
C ILE A 51 -0.03 -3.23 -4.14
N ASP A 52 -0.52 -2.03 -4.44
CA ASP A 52 -1.47 -1.87 -5.54
C ASP A 52 -1.24 -0.53 -6.25
N ILE A 53 -0.96 -0.58 -7.54
CA ILE A 53 -0.73 0.62 -8.32
C ILE A 53 -2.03 1.39 -8.53
N LYS A 54 -3.09 0.65 -8.83
CA LYS A 54 -4.39 1.28 -9.07
C LYS A 54 -4.89 1.98 -7.82
N ARG A 55 -4.93 1.24 -6.71
CA ARG A 55 -5.40 1.81 -5.45
C ARG A 55 -4.50 2.94 -5.00
N TRP A 56 -3.20 2.78 -5.21
CA TRP A 56 -2.24 3.81 -4.84
C TRP A 56 -2.60 5.15 -5.46
N ARG A 57 -3.09 5.10 -6.70
CA ARG A 57 -3.48 6.32 -7.39
C ARG A 57 -4.68 6.97 -6.71
N ARG A 58 -5.63 6.15 -6.28
CA ARG A 58 -6.82 6.66 -5.61
C ARG A 58 -6.44 7.47 -4.38
N VAL A 59 -5.65 6.85 -3.50
CA VAL A 59 -5.22 7.51 -2.28
C VAL A 59 -4.35 8.72 -2.59
N GLY A 60 -3.49 8.58 -3.60
CA GLY A 60 -2.61 9.67 -4.00
C GLY A 60 -3.43 10.88 -4.47
N ASP A 61 -4.38 10.63 -5.35
CA ASP A 61 -5.22 11.71 -5.88
C ASP A 61 -6.14 12.26 -4.78
N CYS A 62 -6.59 11.37 -3.91
CA CYS A 62 -7.48 11.78 -2.82
C CYS A 62 -6.78 12.73 -1.87
N PHE A 63 -5.49 12.47 -1.64
CA PHE A 63 -4.71 13.31 -0.73
C PHE A 63 -4.22 14.57 -1.44
N GLN A 64 -3.77 14.39 -2.69
CA GLN A 64 -3.28 15.52 -3.47
C GLN A 64 -4.41 16.50 -3.76
N ASP A 65 -5.58 15.97 -4.06
CA ASP A 65 -6.75 16.81 -4.35
C ASP A 65 -7.10 17.67 -3.14
N TYR A 66 -7.28 17.02 -1.99
CA TYR A 66 -7.63 17.74 -0.78
C TYR A 66 -6.48 18.63 -0.33
N TYR A 67 -5.25 18.12 -0.47
CA TYR A 67 -4.07 18.87 -0.07
C TYR A 67 -3.88 20.09 -0.97
N ASN A 68 -4.13 19.92 -2.26
CA ASN A 68 -3.96 21.00 -3.22
C ASN A 68 -4.90 22.16 -2.89
N THR A 69 -6.13 21.83 -2.52
CA THR A 69 -7.13 22.85 -2.20
C THR A 69 -6.56 23.86 -1.21
N PHE A 70 -5.54 23.45 -0.48
CA PHE A 70 -4.91 24.34 0.50
C PHE A 70 -3.80 25.16 -0.14
N GLY A 71 -3.76 25.17 -1.47
CA GLY A 71 -2.75 25.91 -2.19
C GLY A 71 -1.38 25.75 -1.53
N PRO A 72 -0.92 24.54 -1.42
CA PRO A 72 0.40 24.23 -0.79
C PRO A 72 1.56 24.51 -1.72
N GLU A 73 2.53 25.29 -1.24
CA GLU A 73 3.70 25.63 -2.05
C GLU A 73 4.80 24.58 -1.87
N LYS A 74 4.70 23.82 -0.80
CA LYS A 74 5.71 22.79 -0.51
C LYS A 74 5.54 21.60 -1.46
N VAL A 75 4.31 21.13 -1.61
CA VAL A 75 4.04 20.00 -2.49
C VAL A 75 5.27 19.08 -2.58
N PRO A 76 5.47 18.26 -1.59
CA PRO A 76 6.62 17.33 -1.55
C PRO A 76 6.68 16.43 -2.78
N VAL A 77 7.81 16.46 -3.47
CA VAL A 77 7.98 15.65 -4.68
C VAL A 77 8.34 14.22 -4.32
N THR A 78 8.79 14.02 -3.08
CA THR A 78 9.16 12.69 -2.61
C THR A 78 8.10 11.66 -3.03
N ALA A 79 6.85 12.10 -3.10
CA ALA A 79 5.76 11.21 -3.48
C ALA A 79 6.04 10.60 -4.85
N PHE A 80 6.75 11.32 -5.69
CA PHE A 80 7.08 10.83 -7.03
C PHE A 80 8.05 9.66 -6.95
N SER A 81 8.97 9.72 -5.99
CA SER A 81 9.95 8.66 -5.80
C SER A 81 9.26 7.35 -5.44
N TYR A 82 8.25 7.44 -4.58
CA TYR A 82 7.52 6.25 -4.15
C TYR A 82 6.90 5.54 -5.35
N TRP A 83 6.21 6.31 -6.20
CA TRP A 83 5.56 5.74 -7.36
C TRP A 83 6.57 4.97 -8.22
N ASN A 84 7.69 5.60 -8.52
CA ASN A 84 8.71 4.97 -9.37
C ASN A 84 9.29 3.74 -8.66
N LEU A 85 9.57 3.87 -7.37
CA LEU A 85 10.16 2.78 -6.61
C LEU A 85 9.18 1.61 -6.50
N ILE A 86 8.10 1.84 -5.76
CA ILE A 86 7.09 0.78 -5.57
C ILE A 86 6.69 0.18 -6.92
N LYS A 87 6.66 1.02 -7.95
CA LYS A 87 6.27 0.56 -9.28
C LYS A 87 7.13 -0.64 -9.70
N GLU A 88 8.43 -0.55 -9.45
CA GLU A 88 9.34 -1.61 -9.86
C GLU A 88 9.37 -2.71 -8.81
N LEU A 89 8.92 -2.39 -7.60
CA LEU A 89 8.92 -3.36 -6.51
C LEU A 89 7.98 -4.52 -6.82
N ILE A 90 6.81 -4.20 -7.37
CA ILE A 90 5.82 -5.22 -7.67
C ILE A 90 6.36 -6.21 -8.71
N ASP A 91 6.98 -5.67 -9.75
CA ASP A 91 7.52 -6.52 -10.82
C ASP A 91 8.84 -7.15 -10.39
N LYS A 92 9.33 -6.75 -9.22
CA LYS A 92 10.58 -7.30 -8.70
C LYS A 92 10.46 -8.80 -8.46
N LYS A 93 9.38 -9.19 -7.79
CA LYS A 93 9.15 -10.61 -7.50
C LYS A 93 7.76 -11.03 -7.95
N GLU A 94 7.48 -12.33 -7.84
CA GLU A 94 6.17 -12.85 -8.23
C GLU A 94 5.16 -12.66 -7.11
N VAL A 95 5.50 -11.80 -6.15
CA VAL A 95 4.62 -11.54 -5.02
C VAL A 95 3.89 -12.81 -4.61
N ASN A 96 2.77 -12.64 -3.91
CA ASN A 96 1.99 -13.79 -3.45
C ASN A 96 0.53 -13.41 -3.27
N PRO A 97 -0.34 -14.38 -3.22
CA PRO A 97 -1.80 -14.16 -3.05
C PRO A 97 -2.10 -13.18 -1.93
N GLN A 98 -1.15 -12.99 -1.03
CA GLN A 98 -1.31 -12.05 0.08
C GLN A 98 -2.06 -10.81 -0.39
N VAL A 99 -2.06 -10.58 -1.70
CA VAL A 99 -2.75 -9.42 -2.27
C VAL A 99 -4.27 -9.55 -2.05
N MET A 100 -4.79 -10.76 -2.28
CA MET A 100 -6.21 -11.00 -2.10
C MET A 100 -6.58 -10.99 -0.61
N ALA A 101 -5.71 -11.55 0.22
CA ALA A 101 -5.96 -11.60 1.65
C ALA A 101 -6.01 -10.19 2.23
N ALA A 102 -5.41 -9.24 1.53
CA ALA A 102 -5.39 -7.85 1.98
C ALA A 102 -6.80 -7.26 1.95
N VAL A 103 -7.56 -7.63 0.93
CA VAL A 103 -8.94 -7.15 0.82
C VAL A 103 -9.74 -7.51 2.07
N ALA A 104 -9.54 -8.72 2.57
CA ALA A 104 -10.23 -9.17 3.77
C ALA A 104 -10.01 -8.18 4.92
N GLN A 105 -8.89 -7.47 4.86
CA GLN A 105 -8.56 -6.51 5.91
C GLN A 105 -8.55 -7.18 7.28
N THR A 106 -9.73 -7.40 7.84
CA THR A 106 -9.85 -8.04 9.15
C THR A 106 -10.78 -9.24 9.08
N GLU A 107 -11.25 -9.68 10.24
CA GLU A 107 -12.15 -10.83 10.30
C GLU A 107 -11.52 -12.03 9.62
N GLU A 108 -12.11 -13.20 9.84
CA GLU A 108 -11.61 -14.43 9.22
C GLU A 108 -12.23 -14.64 7.85
N ILE A 109 -11.39 -14.82 6.84
CA ILE A 109 -11.86 -15.02 5.48
C ILE A 109 -12.92 -16.12 5.44
N LEU A 110 -12.88 -17.00 6.43
CA LEU A 110 -13.83 -18.11 6.50
C LEU A 110 -15.25 -17.57 6.68
N LYS A 111 -15.37 -16.50 7.46
CA LYS A 111 -16.68 -15.91 7.72
C LYS A 111 -17.24 -15.26 6.44
N SER A 112 -16.34 -14.75 5.61
CA SER A 112 -16.75 -14.11 4.37
C SER A 112 -17.54 -15.07 3.50
N ASN A 113 -17.03 -16.29 3.36
CA ASN A 113 -17.70 -17.30 2.54
C ASN A 113 -19.06 -17.66 3.16
N SER A 114 -19.07 -17.87 4.47
CA SER A 114 -20.30 -18.23 5.17
C SER A 114 -20.17 -17.95 6.67
N GLN A 115 -21.29 -17.68 7.32
CA GLN A 115 -21.29 -17.40 8.75
C GLN A 115 -21.70 -18.64 9.53
N THR A 116 -21.76 -19.77 8.86
CA THR A 116 -22.15 -21.02 9.50
C THR A 116 -21.14 -21.40 10.58
N ASP A 117 -19.87 -21.25 10.27
CA ASP A 117 -18.81 -21.57 11.23
C ASP A 117 -18.89 -20.66 12.45
N LEU A 118 -19.07 -19.36 12.19
CA LEU A 118 -19.16 -18.40 13.27
C LEU A 118 -20.48 -17.63 13.19
N GLU A 119 -21.57 -18.29 13.59
CA GLU A 119 -22.88 -17.66 13.55
C GLU A 119 -23.14 -16.91 14.85
N HIS A 120 -23.75 -15.73 14.74
CA HIS A 120 -24.06 -14.92 15.91
C HIS A 120 -25.10 -15.61 16.77
N HIS A 121 -26.09 -16.23 16.12
CA HIS A 121 -27.14 -16.91 16.85
C HIS A 121 -27.08 -18.42 16.59
N HIS A 122 -27.09 -19.20 17.68
CA HIS A 122 -27.04 -20.65 17.56
C HIS A 122 -28.24 -21.18 16.79
N HIS A 123 -29.42 -20.66 17.13
CA HIS A 123 -30.65 -21.09 16.46
C HIS A 123 -31.08 -20.06 15.43
N HIS A 124 -31.31 -20.52 14.20
CA HIS A 124 -31.73 -19.62 13.13
C HIS A 124 -33.11 -19.03 13.43
N HIS A 125 -34.01 -19.88 13.92
CA HIS A 125 -35.37 -19.44 14.24
C HIS A 125 -35.81 -20.03 15.57
C1 MYR A 1 -0.40 -11.74 7.89
O1 MYR A 1 0.62 -12.29 7.47
C2 MYR A 1 -0.43 -10.35 7.89
C3 MYR A 1 0.19 -9.76 6.60
C4 MYR A 1 -0.23 -10.56 5.38
C5 MYR A 1 0.70 -10.32 4.19
C6 MYR A 1 1.70 -9.19 4.50
C7 MYR A 1 2.53 -8.74 3.30
C8 MYR A 1 3.30 -7.42 3.50
C9 MYR A 1 3.35 -6.52 2.26
C10 MYR A 1 3.29 -5.02 2.61
C11 MYR A 1 4.64 -4.30 2.40
C12 MYR A 1 4.43 -2.92 1.76
C13 MYR A 1 3.90 -1.92 2.79
C14 MYR A 1 3.98 -0.49 2.26
H21 MYR A 1 -1.38 -10.04 7.97
H22 MYR A 1 0.09 -10.00 8.67
H31 MYR A 1 -0.10 -8.82 6.50
H32 MYR A 1 1.19 -9.79 6.69
H41 MYR A 1 -0.22 -11.54 5.61
H42 MYR A 1 -1.16 -10.30 5.11
H51 MYR A 1 1.21 -11.15 3.99
H52 MYR A 1 0.16 -10.06 3.39
H61 MYR A 1 1.18 -8.40 4.85
H62 MYR A 1 2.32 -9.51 5.22
H71 MYR A 1 3.20 -9.45 3.10
H72 MYR A 1 1.93 -8.62 2.52
H81 MYR A 1 2.85 -6.91 4.24
H82 MYR A 1 4.24 -7.64 3.78
H91 MYR A 1 4.21 -6.70 1.76
H92 MYR A 1 2.58 -6.74 1.66
H101 MYR A 1 2.60 -4.59 2.04
H102 MYR A 1 3.03 -4.92 3.57
H111 MYR A 1 5.10 -4.20 3.27
H112 MYR A 1 5.21 -4.85 1.78
H121 MYR A 1 5.30 -2.59 1.40
H122 MYR A 1 3.77 -2.99 1.02
H131 MYR A 1 2.96 -2.13 3.01
H132 MYR A 1 4.46 -1.98 3.63
H141 MYR A 1 3.75 -0.49 1.28
H142 MYR A 1 3.33 0.08 2.75
H143 MYR A 1 4.90 -0.14 2.39
N GLY A 2 -0.95 -12.06 9.06
CA GLY A 2 -0.37 -13.09 9.91
C GLY A 2 0.97 -12.65 10.46
N GLN A 3 1.78 -13.62 10.88
CA GLN A 3 3.10 -13.32 11.44
C GLN A 3 3.91 -12.47 10.47
N GLU A 4 3.54 -12.52 9.19
CA GLU A 4 4.23 -11.76 8.17
C GLU A 4 4.38 -10.30 8.60
N LEU A 5 3.56 -9.89 9.56
CA LEU A 5 3.61 -8.52 10.05
C LEU A 5 5.06 -8.06 10.22
N SER A 6 5.91 -8.97 10.66
CA SER A 6 7.32 -8.65 10.86
C SER A 6 7.91 -8.08 9.57
N GLN A 7 7.42 -8.57 8.44
CA GLN A 7 7.89 -8.09 7.14
C GLN A 7 7.73 -6.58 7.05
N HIS A 8 6.59 -6.08 7.52
CA HIS A 8 6.33 -4.65 7.48
C HIS A 8 7.43 -3.89 8.23
N GLU A 9 7.72 -4.34 9.44
CA GLU A 9 8.76 -3.70 10.24
C GLU A 9 10.04 -3.55 9.42
N ARG A 10 10.27 -4.51 8.54
CA ARG A 10 11.45 -4.48 7.68
C ARG A 10 11.22 -3.54 6.50
N TYR A 11 10.08 -3.70 5.83
CA TYR A 11 9.77 -2.85 4.69
C TYR A 11 9.92 -1.38 5.07
N VAL A 12 9.46 -1.03 6.26
CA VAL A 12 9.58 0.36 6.72
C VAL A 12 11.03 0.81 6.75
N GLU A 13 11.85 0.09 7.53
CA GLU A 13 13.27 0.43 7.63
C GLU A 13 13.97 0.28 6.29
N GLN A 14 13.64 -0.79 5.58
CA GLN A 14 14.25 -1.06 4.28
C GLN A 14 13.82 -0.02 3.26
N LEU A 15 12.58 -0.13 2.79
CA LEU A 15 12.09 0.81 1.78
C LEU A 15 12.66 2.21 2.04
N LYS A 16 12.64 2.64 3.28
CA LYS A 16 13.19 3.93 3.62
C LYS A 16 14.68 4.00 3.28
N GLN A 17 15.41 2.94 3.60
CA GLN A 17 16.84 2.88 3.30
C GLN A 17 17.04 2.88 1.78
N ALA A 18 16.46 1.89 1.12
CA ALA A 18 16.56 1.78 -0.33
C ALA A 18 16.21 3.12 -0.98
N LEU A 19 15.55 3.98 -0.20
CA LEU A 19 15.17 5.30 -0.68
C LEU A 19 16.31 6.30 -0.47
N LYS A 20 16.87 6.31 0.74
CA LYS A 20 17.95 7.22 1.06
C LYS A 20 18.96 7.27 -0.09
N THR A 21 19.13 6.14 -0.76
CA THR A 21 20.06 6.08 -1.89
C THR A 21 19.61 7.01 -3.02
N ARG A 22 18.29 7.15 -3.17
CA ARG A 22 17.74 8.00 -4.22
C ARG A 22 17.97 9.47 -3.88
N GLY A 23 18.40 9.74 -2.65
CA GLY A 23 18.65 11.11 -2.20
C GLY A 23 17.57 11.58 -1.23
N VAL A 24 16.95 10.64 -0.55
CA VAL A 24 15.90 10.96 0.41
C VAL A 24 16.42 10.84 1.84
N LYS A 25 15.63 11.32 2.80
CA LYS A 25 16.03 11.25 4.19
C LYS A 25 15.12 10.28 4.96
N VAL A 26 15.64 9.72 6.04
CA VAL A 26 14.87 8.77 6.85
C VAL A 26 14.98 9.11 8.33
N LYS A 27 14.11 10.00 8.80
CA LYS A 27 14.10 10.40 10.19
C LYS A 27 12.89 9.84 10.93
N TYR A 28 12.92 9.91 12.25
CA TYR A 28 11.80 9.40 13.05
C TYR A 28 10.51 10.17 12.70
N ALA A 29 10.65 11.48 12.52
CA ALA A 29 9.51 12.32 12.19
C ALA A 29 8.84 11.85 10.91
N ASP A 30 9.60 11.13 10.09
CA ASP A 30 9.07 10.63 8.83
C ASP A 30 8.12 9.47 9.06
N LEU A 31 8.50 8.56 9.93
CA LEU A 31 7.66 7.39 10.21
C LEU A 31 6.31 7.84 10.70
N LEU A 32 6.28 8.83 11.57
CA LEU A 32 5.00 9.31 12.09
C LEU A 32 4.00 9.58 10.98
N LYS A 33 4.38 10.46 10.06
CA LYS A 33 3.50 10.82 8.95
C LYS A 33 3.33 9.67 7.97
N PHE A 34 4.44 9.14 7.48
CA PHE A 34 4.38 8.06 6.50
C PHE A 34 3.63 6.85 7.03
N PHE A 35 3.86 6.53 8.29
CA PHE A 35 3.21 5.38 8.93
C PHE A 35 1.72 5.66 9.14
N ASP A 36 1.43 6.83 9.71
CA ASP A 36 0.04 7.20 9.98
C ASP A 36 -0.67 7.62 8.69
N PHE A 37 0.13 7.96 7.68
CA PHE A 37 -0.42 8.41 6.40
C PHE A 37 -1.17 7.28 5.71
N VAL A 38 -0.49 6.17 5.49
CA VAL A 38 -1.10 5.02 4.84
C VAL A 38 -2.08 4.32 5.77
N LYS A 39 -1.78 4.36 7.06
CA LYS A 39 -2.64 3.70 8.06
C LYS A 39 -4.04 4.31 8.03
N ASP A 40 -4.12 5.59 7.69
CA ASP A 40 -5.41 6.27 7.65
C ASP A 40 -6.46 5.39 6.97
N THR A 41 -6.21 5.04 5.72
CA THR A 41 -7.14 4.19 4.97
C THR A 41 -6.51 2.85 4.64
N CYS A 42 -5.28 2.64 5.10
CA CYS A 42 -4.57 1.40 4.83
C CYS A 42 -4.86 0.91 3.41
N PRO A 43 -4.49 1.68 2.42
CA PRO A 43 -4.71 1.32 0.99
C PRO A 43 -4.00 0.03 0.60
N TRP A 44 -2.97 -0.33 1.38
CA TRP A 44 -2.22 -1.54 1.11
C TRP A 44 -3.08 -2.79 1.32
N PHE A 45 -4.39 -2.63 1.18
CA PHE A 45 -5.31 -3.73 1.35
C PHE A 45 -5.23 -4.24 2.80
N PRO A 46 -6.13 -3.81 3.66
CA PRO A 46 -6.12 -4.21 5.09
C PRO A 46 -6.47 -5.68 5.29
N GLN A 47 -6.86 -6.35 4.20
CA GLN A 47 -7.24 -7.75 4.30
C GLN A 47 -6.00 -8.65 4.20
N GLU A 48 -5.31 -8.55 3.08
CA GLU A 48 -4.09 -9.34 2.87
C GLU A 48 -2.85 -8.55 3.26
N GLY A 49 -2.98 -7.23 3.29
CA GLY A 49 -1.83 -6.36 3.61
C GLY A 49 -0.77 -6.46 2.52
N THR A 50 -1.11 -6.01 1.32
CA THR A 50 -0.19 -6.05 0.19
C THR A 50 -0.15 -4.72 -0.54
N ILE A 51 0.78 -4.59 -1.47
CA ILE A 51 0.91 -3.35 -2.24
C ILE A 51 -0.07 -3.36 -3.41
N ASP A 52 -0.69 -2.22 -3.67
CA ASP A 52 -1.64 -2.11 -4.77
C ASP A 52 -1.45 -0.78 -5.50
N ILE A 53 -1.20 -0.87 -6.80
CA ILE A 53 -1.00 0.32 -7.62
C ILE A 53 -2.31 1.06 -7.85
N LYS A 54 -3.38 0.30 -8.07
CA LYS A 54 -4.69 0.91 -8.32
C LYS A 54 -5.16 1.72 -7.12
N ARG A 55 -5.21 1.07 -5.96
CA ARG A 55 -5.65 1.74 -4.74
C ARG A 55 -4.68 2.84 -4.37
N TRP A 56 -3.40 2.63 -4.66
CA TRP A 56 -2.38 3.61 -4.33
C TRP A 56 -2.69 4.95 -4.99
N ARG A 57 -3.17 4.89 -6.22
CA ARG A 57 -3.52 6.10 -6.96
C ARG A 57 -4.71 6.79 -6.31
N ARG A 58 -5.65 5.99 -5.81
CA ARG A 58 -6.84 6.55 -5.18
C ARG A 58 -6.47 7.39 -3.95
N VAL A 59 -5.66 6.82 -3.08
CA VAL A 59 -5.22 7.53 -1.87
C VAL A 59 -4.37 8.73 -2.24
N GLY A 60 -3.48 8.56 -3.22
CA GLY A 60 -2.60 9.63 -3.65
C GLY A 60 -3.39 10.79 -4.22
N ASP A 61 -4.31 10.47 -5.12
CA ASP A 61 -5.15 11.49 -5.75
C ASP A 61 -6.10 12.11 -4.74
N CYS A 62 -6.62 11.27 -3.84
CA CYS A 62 -7.55 11.74 -2.81
C CYS A 62 -6.86 12.75 -1.89
N PHE A 63 -5.60 12.49 -1.57
CA PHE A 63 -4.84 13.39 -0.70
C PHE A 63 -4.29 14.58 -1.48
N GLN A 64 -3.80 14.31 -2.69
CA GLN A 64 -3.25 15.36 -3.52
C GLN A 64 -4.33 16.35 -3.95
N ASP A 65 -5.51 15.83 -4.23
CA ASP A 65 -6.63 16.66 -4.65
C ASP A 65 -7.07 17.58 -3.51
N TYR A 66 -7.30 16.98 -2.34
CA TYR A 66 -7.73 17.75 -1.17
C TYR A 66 -6.62 18.69 -0.72
N TYR A 67 -5.39 18.21 -0.79
CA TYR A 67 -4.24 19.01 -0.37
C TYR A 67 -4.04 20.18 -1.32
N ASN A 68 -4.27 19.95 -2.62
CA ASN A 68 -4.09 20.98 -3.62
C ASN A 68 -5.03 22.15 -3.36
N THR A 69 -6.26 21.86 -2.99
CA THR A 69 -7.25 22.90 -2.73
C THR A 69 -6.67 23.99 -1.84
N PHE A 70 -5.61 23.66 -1.12
CA PHE A 70 -4.97 24.63 -0.24
C PHE A 70 -3.87 25.38 -0.97
N GLY A 71 -3.88 25.29 -2.30
CA GLY A 71 -2.87 25.95 -3.12
C GLY A 71 -1.50 25.85 -2.47
N PRO A 72 -1.04 24.65 -2.24
CA PRO A 72 0.29 24.40 -1.60
C PRO A 72 1.45 24.55 -2.59
N GLU A 73 2.44 25.34 -2.20
CA GLU A 73 3.61 25.55 -3.06
C GLU A 73 4.66 24.49 -2.79
N LYS A 74 4.63 23.93 -1.59
CA LYS A 74 5.61 22.92 -1.21
C LYS A 74 5.43 21.65 -2.04
N VAL A 75 4.18 21.20 -2.16
CA VAL A 75 3.87 19.99 -2.95
C VAL A 75 5.08 19.05 -2.98
N PRO A 76 5.28 18.29 -1.94
CA PRO A 76 6.43 17.35 -1.85
C PRO A 76 6.48 16.40 -3.05
N VAL A 77 7.62 16.39 -3.73
CA VAL A 77 7.79 15.53 -4.91
C VAL A 77 8.12 14.11 -4.48
N THR A 78 8.61 13.95 -3.26
CA THR A 78 8.97 12.64 -2.76
C THR A 78 7.87 11.63 -3.08
N ALA A 79 6.64 12.11 -3.15
CA ALA A 79 5.51 11.24 -3.45
C ALA A 79 5.70 10.56 -4.81
N PHE A 80 6.34 11.27 -5.73
CA PHE A 80 6.59 10.73 -7.06
C PHE A 80 7.67 9.66 -7.03
N SER A 81 8.66 9.85 -6.15
CA SER A 81 9.76 8.90 -6.04
C SER A 81 9.26 7.58 -5.44
N TYR A 82 8.38 7.68 -4.46
CA TYR A 82 7.83 6.49 -3.81
C TYR A 82 7.08 5.64 -4.82
N TRP A 83 6.24 6.27 -5.63
CA TRP A 83 5.46 5.54 -6.63
C TRP A 83 6.37 4.78 -7.59
N ASN A 84 7.43 5.44 -8.04
CA ASN A 84 8.36 4.83 -8.98
C ASN A 84 9.04 3.61 -8.35
N LEU A 85 9.50 3.76 -7.11
CA LEU A 85 10.17 2.68 -6.42
C LEU A 85 9.20 1.56 -6.11
N ILE A 86 8.05 1.91 -5.54
CA ILE A 86 7.05 0.92 -5.19
C ILE A 86 6.55 0.21 -6.44
N LYS A 87 6.41 0.97 -7.52
CA LYS A 87 5.92 0.40 -8.77
C LYS A 87 6.74 -0.80 -9.18
N GLU A 88 8.06 -0.68 -9.10
CA GLU A 88 8.92 -1.77 -9.48
C GLU A 88 9.03 -2.80 -8.36
N LEU A 89 8.68 -2.39 -7.15
CA LEU A 89 8.79 -3.29 -6.02
C LEU A 89 7.90 -4.50 -6.20
N ILE A 90 6.69 -4.25 -6.68
CA ILE A 90 5.75 -5.34 -6.89
C ILE A 90 6.31 -6.34 -7.91
N ASP A 91 6.88 -5.81 -8.99
CA ASP A 91 7.43 -6.66 -10.04
C ASP A 91 8.60 -7.48 -9.52
N LYS A 92 9.05 -7.15 -8.31
CA LYS A 92 10.16 -7.86 -7.70
C LYS A 92 9.76 -9.30 -7.36
N LYS A 93 10.62 -10.24 -7.71
CA LYS A 93 10.35 -11.64 -7.43
C LYS A 93 10.29 -11.90 -5.93
N GLU A 94 11.02 -11.10 -5.17
CA GLU A 94 11.05 -11.24 -3.72
C GLU A 94 9.71 -10.86 -3.11
N VAL A 95 8.65 -11.51 -3.58
CA VAL A 95 7.31 -11.23 -3.08
C VAL A 95 6.78 -12.42 -2.27
N ASN A 96 6.30 -12.13 -1.06
CA ASN A 96 5.79 -13.18 -0.20
C ASN A 96 4.49 -13.75 -0.76
N PRO A 97 4.10 -14.92 -0.30
CA PRO A 97 2.85 -15.59 -0.75
C PRO A 97 1.69 -14.60 -0.88
N GLN A 98 1.78 -13.48 -0.17
CA GLN A 98 0.74 -12.47 -0.21
C GLN A 98 0.29 -12.23 -1.65
N VAL A 99 1.10 -12.70 -2.61
CA VAL A 99 0.77 -12.52 -4.02
C VAL A 99 -0.53 -13.25 -4.35
N MET A 100 -0.65 -14.49 -3.88
CA MET A 100 -1.85 -15.29 -4.13
C MET A 100 -3.05 -14.66 -3.44
N ALA A 101 -2.81 -14.11 -2.25
CA ALA A 101 -3.89 -13.49 -1.48
C ALA A 101 -4.12 -12.06 -1.95
N ALA A 102 -3.13 -11.50 -2.62
CA ALA A 102 -3.22 -10.12 -3.12
C ALA A 102 -4.25 -10.06 -4.25
N VAL A 103 -4.10 -10.95 -5.22
CA VAL A 103 -5.02 -10.99 -6.36
C VAL A 103 -6.43 -11.29 -5.88
N ALA A 104 -6.56 -12.23 -4.95
CA ALA A 104 -7.86 -12.61 -4.43
C ALA A 104 -8.73 -11.38 -4.22
N GLN A 105 -8.16 -10.35 -3.63
CA GLN A 105 -8.90 -9.11 -3.38
C GLN A 105 -8.44 -8.00 -4.32
N THR A 106 -9.04 -7.97 -5.51
CA THR A 106 -8.69 -6.95 -6.52
C THR A 106 -9.88 -6.05 -6.79
N GLU A 107 -11.05 -6.45 -6.31
CA GLU A 107 -12.27 -5.66 -6.51
C GLU A 107 -12.27 -4.45 -5.58
N GLU A 108 -13.32 -3.64 -5.66
CA GLU A 108 -13.44 -2.46 -4.82
C GLU A 108 -14.57 -2.64 -3.81
N ILE A 109 -14.24 -2.53 -2.54
CA ILE A 109 -15.22 -2.70 -1.48
C ILE A 109 -16.43 -1.80 -1.73
N LEU A 110 -16.19 -0.66 -2.37
CA LEU A 110 -17.26 0.27 -2.68
C LEU A 110 -18.26 -0.35 -3.66
N LYS A 111 -17.73 -1.17 -4.57
CA LYS A 111 -18.55 -1.81 -5.59
C LYS A 111 -19.91 -2.17 -5.02
N SER A 112 -20.87 -1.26 -5.20
CA SER A 112 -22.21 -1.48 -4.70
C SER A 112 -22.95 -2.50 -5.55
N ASN A 113 -22.36 -2.84 -6.68
CA ASN A 113 -22.97 -3.82 -7.59
C ASN A 113 -23.09 -5.17 -6.91
N SER A 114 -22.05 -5.56 -6.17
CA SER A 114 -22.05 -6.84 -5.46
C SER A 114 -20.74 -7.04 -4.71
N GLN A 115 -20.70 -6.60 -3.45
CA GLN A 115 -19.50 -6.76 -2.65
C GLN A 115 -19.76 -6.30 -1.21
N THR A 116 -18.72 -5.80 -0.57
CA THR A 116 -18.84 -5.33 0.81
C THR A 116 -19.87 -4.22 0.92
N ASP A 117 -19.82 -3.28 -0.02
CA ASP A 117 -20.76 -2.16 -0.02
C ASP A 117 -22.19 -2.67 -0.10
N LEU A 118 -22.43 -3.61 -1.00
CA LEU A 118 -23.76 -4.17 -1.16
C LEU A 118 -23.70 -5.43 -2.04
N GLU A 119 -23.51 -6.58 -1.42
CA GLU A 119 -23.43 -7.84 -2.16
C GLU A 119 -24.58 -7.93 -3.17
N HIS A 120 -25.66 -7.20 -2.91
CA HIS A 120 -26.81 -7.21 -3.81
C HIS A 120 -27.33 -8.62 -4.01
N HIS A 121 -26.73 -9.58 -3.29
CA HIS A 121 -27.14 -10.97 -3.39
C HIS A 121 -27.75 -11.44 -2.08
N HIS A 122 -28.96 -11.97 -2.15
CA HIS A 122 -29.66 -12.46 -0.96
C HIS A 122 -29.89 -13.97 -1.06
N HIS A 123 -29.54 -14.68 0.01
CA HIS A 123 -29.71 -16.13 0.03
C HIS A 123 -31.20 -16.50 -0.04
N HIS A 124 -32.02 -15.77 0.70
CA HIS A 124 -33.45 -16.03 0.71
C HIS A 124 -34.07 -15.67 -0.64
N HIS A 125 -33.57 -14.60 -1.26
CA HIS A 125 -34.07 -14.17 -2.55
C HIS A 125 -35.55 -13.82 -2.46
C1 MYR A 1 -1.64 -11.41 7.93
O1 MYR A 1 -0.69 -12.00 7.43
C2 MYR A 1 -1.65 -10.01 7.86
C3 MYR A 1 -0.73 -9.50 6.74
C4 MYR A 1 -1.25 -9.90 5.37
C5 MYR A 1 -0.15 -9.92 4.33
C6 MYR A 1 0.97 -8.94 4.69
C7 MYR A 1 1.68 -8.29 3.50
C8 MYR A 1 3.02 -7.59 3.82
C9 MYR A 1 2.91 -6.07 4.01
C10 MYR A 1 3.84 -5.29 3.09
C11 MYR A 1 4.10 -3.85 3.56
C12 MYR A 1 4.47 -2.93 2.40
C13 MYR A 1 3.32 -1.97 2.06
C14 MYR A 1 3.84 -0.71 1.39
H21 MYR A 1 -2.58 -9.70 7.69
H22 MYR A 1 -1.33 -9.64 8.74
H31 MYR A 1 -0.67 -8.50 6.79
H32 MYR A 1 0.18 -9.89 6.86
H41 MYR A 1 -1.66 -10.81 5.42
H42 MYR A 1 -1.95 -9.24 5.07
H51 MYR A 1 0.23 -10.83 4.25
H52 MYR A 1 -0.52 -9.65 3.43
H61 MYR A 1 0.58 -8.21 5.26
H62 MYR A 1 1.66 -9.42 5.24
H71 MYR A 1 1.86 -9.00 2.82
H72 MYR A 1 1.07 -7.60 3.09
H81 MYR A 1 3.38 -8.00 4.66
H82 MYR A 1 3.65 -7.76 3.07
H91 MYR A 1 1.97 -5.78 3.85
H92 MYR A 1 3.15 -5.85 4.96
H101 MYR A 1 4.72 -5.77 3.03
H102 MYR A 1 3.43 -5.24 2.17
H111 MYR A 1 3.28 -3.50 4.02
H112 MYR A 1 4.85 -3.84 4.23
H121 MYR A 1 5.28 -2.39 2.64
H122 MYR A 1 4.68 -3.49 1.59
H131 MYR A 1 2.69 -2.44 1.44
H132 MYR A 1 2.84 -1.72 2.90
H141 MYR A 1 3.73 -0.79 0.40
H142 MYR A 1 3.30 0.08 1.72
H143 MYR A 1 4.80 -0.58 1.62
N GLY A 2 -2.07 -11.65 9.16
CA GLY A 2 -1.44 -12.66 10.00
C GLY A 2 -0.08 -12.17 10.50
N GLN A 3 0.65 -13.05 11.19
CA GLN A 3 1.97 -12.69 11.71
C GLN A 3 2.80 -12.02 10.63
N GLU A 4 2.46 -12.27 9.37
CA GLU A 4 3.19 -11.68 8.26
C GLU A 4 3.45 -10.19 8.51
N LEU A 5 2.67 -9.62 9.43
CA LEU A 5 2.83 -8.21 9.76
C LEU A 5 4.31 -7.86 9.91
N SER A 6 5.09 -8.82 10.38
CA SER A 6 6.53 -8.60 10.54
C SER A 6 7.15 -8.06 9.25
N GLN A 7 6.60 -8.49 8.12
CA GLN A 7 7.09 -8.04 6.83
C GLN A 7 7.10 -6.51 6.77
N HIS A 8 6.00 -5.90 7.20
CA HIS A 8 5.89 -4.45 7.19
C HIS A 8 7.05 -3.83 7.96
N GLU A 9 7.30 -4.34 9.17
CA GLU A 9 8.41 -3.84 9.98
C GLU A 9 9.69 -3.76 9.15
N ARG A 10 9.85 -4.69 8.22
CA ARG A 10 11.02 -4.70 7.36
C ARG A 10 10.84 -3.72 6.19
N TYR A 11 9.67 -3.76 5.58
CA TYR A 11 9.37 -2.85 4.47
C TYR A 11 9.65 -1.41 4.87
N VAL A 12 9.22 -1.04 6.08
CA VAL A 12 9.41 0.33 6.56
C VAL A 12 10.89 0.67 6.62
N GLU A 13 11.66 -0.16 7.32
CA GLU A 13 13.10 0.06 7.44
C GLU A 13 13.78 -0.09 6.08
N GLN A 14 13.28 -1.02 5.27
CA GLN A 14 13.86 -1.27 3.96
C GLN A 14 13.49 -0.14 3.00
N LEU A 15 12.23 -0.12 2.58
CA LEU A 15 11.77 0.93 1.67
C LEU A 15 12.47 2.25 1.95
N LYS A 16 12.54 2.62 3.22
CA LYS A 16 13.19 3.86 3.62
C LYS A 16 14.67 3.81 3.27
N GLN A 17 15.30 2.67 3.50
CA GLN A 17 16.71 2.50 3.17
C GLN A 17 16.90 2.55 1.65
N ALA A 18 16.21 1.65 0.94
CA ALA A 18 16.27 1.63 -0.52
C ALA A 18 15.98 3.02 -1.09
N LEU A 19 15.41 3.89 -0.26
CA LEU A 19 15.09 5.24 -0.68
C LEU A 19 16.29 6.17 -0.48
N LYS A 20 16.87 6.11 0.71
CA LYS A 20 18.04 6.93 1.01
C LYS A 20 19.03 6.90 -0.14
N THR A 21 19.12 5.75 -0.80
CA THR A 21 20.05 5.59 -1.92
C THR A 21 19.66 6.53 -3.06
N ARG A 22 18.37 6.83 -3.16
CA ARG A 22 17.88 7.71 -4.22
C ARG A 22 18.18 9.17 -3.89
N GLY A 23 18.65 9.40 -2.66
CA GLY A 23 18.98 10.75 -2.24
C GLY A 23 17.95 11.28 -1.25
N VAL A 24 17.27 10.36 -0.58
CA VAL A 24 16.24 10.74 0.39
C VAL A 24 16.78 10.61 1.81
N LYS A 25 16.02 11.12 2.77
CA LYS A 25 16.42 11.03 4.17
C LYS A 25 15.44 10.15 4.95
N VAL A 26 15.96 9.40 5.91
CA VAL A 26 15.13 8.51 6.72
C VAL A 26 15.17 8.92 8.18
N LYS A 27 14.27 9.82 8.57
CA LYS A 27 14.21 10.28 9.96
C LYS A 27 12.96 9.74 10.64
N TYR A 28 12.94 9.83 11.96
CA TYR A 28 11.79 9.37 12.73
C TYR A 28 10.51 10.07 12.27
N ALA A 29 10.63 11.38 12.02
CA ALA A 29 9.49 12.16 11.56
C ALA A 29 8.87 11.52 10.31
N ASP A 30 9.65 10.69 9.63
CA ASP A 30 9.17 10.03 8.43
C ASP A 30 8.16 8.93 8.78
N LEU A 31 8.46 8.18 9.84
CA LEU A 31 7.58 7.10 10.27
C LEU A 31 6.24 7.66 10.72
N LEU A 32 6.27 8.78 11.44
CA LEU A 32 5.05 9.38 11.96
C LEU A 32 4.08 9.66 10.82
N LYS A 33 4.55 10.38 9.81
CA LYS A 33 3.69 10.77 8.68
C LYS A 33 3.50 9.60 7.73
N PHE A 34 4.60 8.96 7.35
CA PHE A 34 4.54 7.85 6.40
C PHE A 34 3.68 6.72 6.95
N PHE A 35 3.81 6.45 8.24
CA PHE A 35 3.07 5.36 8.87
C PHE A 35 1.60 5.74 9.04
N ASP A 36 1.36 6.93 9.57
CA ASP A 36 0.00 7.40 9.78
C ASP A 36 -0.64 7.82 8.45
N PHE A 37 0.21 8.09 7.46
CA PHE A 37 -0.28 8.52 6.16
C PHE A 37 -1.17 7.45 5.53
N VAL A 38 -0.66 6.23 5.48
CA VAL A 38 -1.42 5.11 4.91
C VAL A 38 -2.45 4.62 5.91
N LYS A 39 -2.11 4.65 7.19
CA LYS A 39 -3.01 4.20 8.23
C LYS A 39 -4.36 4.92 8.12
N ASP A 40 -4.31 6.19 7.75
CA ASP A 40 -5.53 6.99 7.63
C ASP A 40 -6.65 6.15 7.01
N THR A 41 -6.42 5.67 5.79
CA THR A 41 -7.42 4.87 5.10
C THR A 41 -6.95 3.43 4.97
N CYS A 42 -5.71 3.17 5.37
CA CYS A 42 -5.14 1.83 5.27
C CYS A 42 -5.64 1.13 4.01
N PRO A 43 -5.35 1.70 2.86
CA PRO A 43 -5.78 1.15 1.55
C PRO A 43 -4.88 -0.01 1.09
N TRP A 44 -3.79 -0.22 1.81
CA TRP A 44 -2.86 -1.28 1.47
C TRP A 44 -3.45 -2.64 1.79
N PHE A 45 -4.78 -2.70 1.89
CA PHE A 45 -5.47 -3.94 2.19
C PHE A 45 -4.94 -4.57 3.47
N PRO A 46 -5.43 -4.10 4.60
CA PRO A 46 -4.96 -4.58 5.93
C PRO A 46 -4.95 -6.11 6.02
N GLN A 47 -5.75 -6.75 5.19
CA GLN A 47 -5.86 -8.21 5.21
C GLN A 47 -4.76 -8.83 4.37
N GLU A 48 -4.64 -8.37 3.12
CA GLU A 48 -3.65 -8.91 2.20
C GLU A 48 -2.33 -8.16 2.34
N GLY A 49 -2.37 -7.03 3.03
CA GLY A 49 -1.18 -6.20 3.21
C GLY A 49 -0.36 -6.16 1.91
N THR A 50 -1.06 -6.30 0.78
CA THR A 50 -0.38 -6.29 -0.51
C THR A 50 -0.32 -4.87 -1.07
N ILE A 51 0.45 -4.69 -2.14
CA ILE A 51 0.55 -3.40 -2.79
C ILE A 51 -0.31 -3.35 -4.05
N ASP A 52 -0.95 -2.21 -4.29
CA ASP A 52 -1.81 -2.06 -5.45
C ASP A 52 -1.55 -0.72 -6.14
N ILE A 53 -1.22 -0.78 -7.43
CA ILE A 53 -0.94 0.44 -8.18
C ILE A 53 -2.22 1.22 -8.44
N LYS A 54 -3.29 0.50 -8.76
CA LYS A 54 -4.58 1.14 -9.07
C LYS A 54 -5.09 1.91 -7.85
N ARG A 55 -5.29 1.20 -6.74
CA ARG A 55 -5.79 1.83 -5.52
C ARG A 55 -4.81 2.88 -5.01
N TRP A 56 -3.53 2.64 -5.26
CA TRP A 56 -2.50 3.57 -4.81
C TRP A 56 -2.73 4.96 -5.40
N ARG A 57 -3.12 4.99 -6.68
CA ARG A 57 -3.39 6.26 -7.34
C ARG A 57 -4.61 6.94 -6.73
N ARG A 58 -5.57 6.14 -6.29
CA ARG A 58 -6.78 6.66 -5.68
C ARG A 58 -6.45 7.43 -4.40
N VAL A 59 -5.72 6.78 -3.50
CA VAL A 59 -5.33 7.42 -2.24
C VAL A 59 -4.40 8.60 -2.51
N GLY A 60 -3.48 8.42 -3.45
CA GLY A 60 -2.54 9.49 -3.80
C GLY A 60 -3.27 10.73 -4.29
N ASP A 61 -4.20 10.53 -5.22
CA ASP A 61 -4.95 11.64 -5.79
C ASP A 61 -5.93 12.19 -4.76
N CYS A 62 -6.56 11.30 -4.00
CA CYS A 62 -7.53 11.71 -3.00
C CYS A 62 -6.87 12.57 -1.93
N PHE A 63 -5.64 12.23 -1.57
CA PHE A 63 -4.92 12.96 -0.54
C PHE A 63 -4.27 14.21 -1.14
N GLN A 64 -3.69 14.06 -2.32
CA GLN A 64 -3.02 15.19 -2.98
C GLN A 64 -4.05 16.25 -3.36
N ASP A 65 -5.24 15.81 -3.77
CA ASP A 65 -6.29 16.74 -4.17
C ASP A 65 -6.74 17.58 -2.99
N TYR A 66 -7.11 16.92 -1.90
CA TYR A 66 -7.57 17.62 -0.70
C TYR A 66 -6.40 18.36 -0.04
N TYR A 67 -5.25 17.69 0.01
CA TYR A 67 -4.08 18.30 0.63
C TYR A 67 -3.66 19.56 -0.12
N ASN A 68 -3.62 19.48 -1.44
CA ASN A 68 -3.23 20.62 -2.26
C ASN A 68 -4.25 21.75 -2.12
N THR A 69 -5.52 21.38 -2.06
CA THR A 69 -6.58 22.37 -1.93
C THR A 69 -6.46 23.14 -0.61
N PHE A 70 -5.97 22.45 0.42
CA PHE A 70 -5.79 23.07 1.72
C PHE A 70 -4.31 23.23 2.05
N GLY A 71 -3.47 23.01 1.05
CA GLY A 71 -2.02 23.12 1.24
C GLY A 71 -1.40 23.97 0.15
N PRO A 72 -0.12 23.80 -0.09
CA PRO A 72 0.62 24.56 -1.13
C PRO A 72 0.38 24.00 -2.54
N GLU A 73 0.63 24.81 -3.54
CA GLU A 73 0.45 24.38 -4.93
C GLU A 73 1.66 23.58 -5.40
N LYS A 74 2.81 23.82 -4.79
CA LYS A 74 4.03 23.10 -5.14
C LYS A 74 3.87 21.61 -4.86
N VAL A 75 3.35 21.29 -3.68
CA VAL A 75 3.15 19.90 -3.29
C VAL A 75 4.48 19.14 -3.33
N PRO A 76 4.77 18.40 -2.28
CA PRO A 76 6.00 17.57 -2.20
C PRO A 76 6.20 16.70 -3.43
N VAL A 77 7.35 16.86 -4.08
CA VAL A 77 7.64 16.08 -5.29
C VAL A 77 8.17 14.70 -4.91
N THR A 78 8.76 14.59 -3.73
CA THR A 78 9.30 13.32 -3.27
C THR A 78 8.29 12.19 -3.48
N ALA A 79 7.01 12.55 -3.47
CA ALA A 79 5.95 11.55 -3.66
C ALA A 79 6.12 10.84 -5.01
N PHE A 80 6.81 11.51 -5.93
CA PHE A 80 7.03 10.94 -7.27
C PHE A 80 7.98 9.76 -7.20
N SER A 81 8.97 9.85 -6.30
CA SER A 81 9.96 8.80 -6.15
C SER A 81 9.33 7.55 -5.54
N TYR A 82 8.47 7.75 -4.56
CA TYR A 82 7.82 6.63 -3.88
C TYR A 82 7.02 5.80 -4.88
N TRP A 83 6.21 6.46 -5.69
CA TRP A 83 5.39 5.76 -6.68
C TRP A 83 6.28 4.99 -7.66
N ASN A 84 7.38 5.62 -8.07
CA ASN A 84 8.29 4.98 -9.02
C ASN A 84 8.96 3.76 -8.39
N LEU A 85 9.37 3.89 -7.14
CA LEU A 85 10.06 2.81 -6.45
C LEU A 85 9.09 1.67 -6.13
N ILE A 86 7.90 2.03 -5.68
CA ILE A 86 6.88 1.04 -5.36
C ILE A 86 6.35 0.38 -6.64
N LYS A 87 6.29 1.15 -7.71
CA LYS A 87 5.82 0.63 -8.99
C LYS A 87 6.68 -0.55 -9.44
N GLU A 88 7.98 -0.45 -9.19
CA GLU A 88 8.90 -1.50 -9.60
C GLU A 88 9.01 -2.57 -8.53
N LEU A 89 8.67 -2.20 -7.30
CA LEU A 89 8.76 -3.14 -6.18
C LEU A 89 7.89 -4.36 -6.43
N ILE A 90 6.66 -4.12 -6.88
CA ILE A 90 5.73 -5.21 -7.14
C ILE A 90 6.27 -6.13 -8.23
N ASP A 91 6.81 -5.53 -9.28
CA ASP A 91 7.37 -6.31 -10.40
C ASP A 91 8.51 -7.20 -9.90
N LYS A 92 9.27 -6.70 -8.93
CA LYS A 92 10.40 -7.47 -8.40
C LYS A 92 9.89 -8.70 -7.65
N LYS A 93 10.66 -9.79 -7.72
CA LYS A 93 10.28 -11.02 -7.04
C LYS A 93 10.41 -10.86 -5.54
N GLU A 94 10.87 -9.69 -5.11
CA GLU A 94 11.05 -9.43 -3.68
C GLU A 94 9.70 -9.16 -3.02
N VAL A 95 8.77 -10.09 -3.17
CA VAL A 95 7.44 -9.93 -2.58
C VAL A 95 7.19 -11.00 -1.54
N ASN A 96 6.65 -10.59 -0.39
CA ASN A 96 6.38 -11.53 0.69
C ASN A 96 5.27 -12.50 0.30
N PRO A 97 5.11 -13.55 1.06
CA PRO A 97 4.05 -14.57 0.79
C PRO A 97 2.73 -13.95 0.38
N GLN A 98 2.57 -12.66 0.64
CA GLN A 98 1.35 -11.95 0.29
C GLN A 98 0.93 -12.29 -1.15
N VAL A 99 1.84 -12.90 -1.89
CA VAL A 99 1.55 -13.27 -3.27
C VAL A 99 0.36 -14.22 -3.35
N MET A 100 0.39 -15.25 -2.52
CA MET A 100 -0.70 -16.22 -2.49
C MET A 100 -1.99 -15.57 -1.99
N ALA A 101 -1.86 -14.78 -0.93
CA ALA A 101 -3.02 -14.10 -0.37
C ALA A 101 -3.45 -12.92 -1.25
N ALA A 102 -2.53 -12.49 -2.12
CA ALA A 102 -2.81 -11.36 -2.99
C ALA A 102 -3.77 -11.76 -4.10
N VAL A 103 -3.56 -12.95 -4.66
CA VAL A 103 -4.42 -13.45 -5.73
C VAL A 103 -5.88 -13.21 -5.40
N ALA A 104 -6.22 -13.31 -4.12
CA ALA A 104 -7.59 -13.09 -3.68
C ALA A 104 -8.10 -11.73 -4.14
N GLN A 105 -7.20 -10.76 -4.18
CA GLN A 105 -7.57 -9.41 -4.59
C GLN A 105 -8.04 -9.41 -6.05
N THR A 106 -7.31 -10.11 -6.91
CA THR A 106 -7.67 -10.18 -8.31
C THR A 106 -8.97 -10.94 -8.49
N GLU A 107 -9.22 -11.90 -7.61
CA GLU A 107 -10.43 -12.70 -7.68
C GLU A 107 -11.57 -12.01 -6.93
N GLU A 108 -12.81 -12.28 -7.36
CA GLU A 108 -13.98 -11.69 -6.72
C GLU A 108 -14.19 -12.30 -5.34
N ILE A 109 -14.25 -11.45 -4.32
CA ILE A 109 -14.46 -11.92 -2.95
C ILE A 109 -15.69 -12.79 -2.86
N LEU A 110 -16.60 -12.63 -3.82
CA LEU A 110 -17.82 -13.43 -3.85
C LEU A 110 -17.50 -14.89 -4.09
N LYS A 111 -16.56 -15.15 -5.00
CA LYS A 111 -16.17 -16.51 -5.33
C LYS A 111 -15.45 -17.15 -4.15
N SER A 112 -14.61 -16.36 -3.47
CA SER A 112 -13.85 -16.87 -2.34
C SER A 112 -14.78 -17.51 -1.31
N ASN A 113 -15.83 -16.79 -0.95
CA ASN A 113 -16.79 -17.31 0.02
C ASN A 113 -17.43 -18.60 -0.48
N SER A 114 -17.83 -18.61 -1.75
CA SER A 114 -18.44 -19.79 -2.35
C SER A 114 -18.42 -19.69 -3.87
N GLN A 115 -18.47 -20.84 -4.53
CA GLN A 115 -18.46 -20.88 -5.99
C GLN A 115 -19.87 -21.06 -6.53
N THR A 116 -20.86 -20.95 -5.65
CA THR A 116 -22.25 -21.10 -6.06
C THR A 116 -22.61 -20.08 -7.14
N ASP A 117 -22.19 -18.84 -6.95
CA ASP A 117 -22.46 -17.79 -7.91
C ASP A 117 -21.87 -18.14 -9.27
N LEU A 118 -20.61 -18.55 -9.28
CA LEU A 118 -19.93 -18.89 -10.52
C LEU A 118 -19.28 -20.27 -10.40
N GLU A 119 -20.09 -21.32 -10.46
CA GLU A 119 -19.58 -22.68 -10.36
C GLU A 119 -19.09 -23.17 -11.73
N HIS A 120 -17.81 -22.96 -12.00
CA HIS A 120 -17.23 -23.40 -13.26
C HIS A 120 -17.30 -24.92 -13.40
N HIS A 121 -16.94 -25.62 -12.34
CA HIS A 121 -16.96 -27.08 -12.34
C HIS A 121 -18.18 -27.60 -11.59
N HIS A 122 -19.01 -28.36 -12.28
CA HIS A 122 -20.21 -28.93 -11.66
C HIS A 122 -19.83 -29.81 -10.48
N HIS A 123 -18.84 -30.67 -10.68
CA HIS A 123 -18.38 -31.56 -9.62
C HIS A 123 -16.92 -31.29 -9.29
N HIS A 124 -16.59 -31.38 -8.00
CA HIS A 124 -15.22 -31.14 -7.56
C HIS A 124 -14.28 -32.21 -8.11
N HIS A 125 -14.73 -33.46 -8.04
CA HIS A 125 -13.92 -34.58 -8.53
C HIS A 125 -14.82 -35.71 -9.03
C1 MYR A 1 -0.57 -11.41 11.01
O1 MYR A 1 0.20 -12.19 10.46
C2 MYR A 1 -0.45 -10.06 10.65
C3 MYR A 1 -0.41 -9.87 9.13
C4 MYR A 1 0.67 -8.87 8.73
C5 MYR A 1 0.93 -8.87 7.23
C6 MYR A 1 1.66 -7.60 6.79
C7 MYR A 1 3.04 -7.85 6.17
C8 MYR A 1 3.99 -6.65 6.20
C9 MYR A 1 3.38 -5.33 5.70
C10 MYR A 1 3.92 -4.91 4.34
C11 MYR A 1 3.42 -3.52 3.89
C12 MYR A 1 4.06 -3.09 2.57
C13 MYR A 1 3.07 -2.31 1.70
C14 MYR A 1 3.78 -1.60 0.55
H21 MYR A 1 -1.24 -9.55 11.02
H22 MYR A 1 0.39 -9.68 11.06
H31 MYR A 1 -0.21 -10.75 8.70
H32 MYR A 1 -1.29 -9.53 8.81
H41 MYR A 1 0.40 -7.96 9.02
H42 MYR A 1 1.54 -9.10 9.19
H51 MYR A 1 1.47 -9.67 6.98
H52 MYR A 1 0.05 -8.92 6.75
H61 MYR A 1 1.09 -7.13 6.12
H62 MYR A 1 1.78 -7.02 7.59
H71 MYR A 1 3.48 -8.60 6.66
H72 MYR A 1 2.91 -8.12 5.21
H81 MYR A 1 4.31 -6.52 7.15
H82 MYR A 1 4.78 -6.85 5.63
H91 MYR A 1 2.39 -5.43 5.64
H92 MYR A 1 3.59 -4.60 6.36
H101 MYR A 1 4.92 -4.89 4.37
H102 MYR A 1 3.63 -5.58 3.65
H111 MYR A 1 2.43 -3.55 3.78
H112 MYR A 1 3.64 -2.84 4.59
H121 MYR A 1 4.85 -2.51 2.77
H122 MYR A 1 4.37 -3.89 2.08
H131 MYR A 1 2.40 -2.95 1.32
H132 MYR A 1 2.60 -1.63 2.26
H141 MYR A 1 3.23 -0.84 0.24
H142 MYR A 1 4.67 -1.27 0.87
H143 MYR A 1 3.91 -2.24 -0.20
N GLY A 2 -0.74 -11.37 12.32
CA GLY A 2 -0.03 -12.28 13.21
C GLY A 2 1.44 -11.90 13.30
N GLN A 3 2.30 -12.91 13.28
CA GLN A 3 3.74 -12.67 13.36
C GLN A 3 4.24 -11.92 12.13
N GLU A 4 3.63 -12.20 10.99
CA GLU A 4 4.02 -11.54 9.75
C GLU A 4 4.27 -10.06 9.98
N LEU A 5 3.68 -9.53 11.05
CA LEU A 5 3.85 -8.12 11.38
C LEU A 5 5.32 -7.72 11.27
N SER A 6 6.21 -8.65 11.61
CA SER A 6 7.64 -8.37 11.56
C SER A 6 8.05 -7.92 10.15
N GLN A 7 7.38 -8.47 9.14
CA GLN A 7 7.68 -8.11 7.76
C GLN A 7 7.51 -6.61 7.56
N HIS A 8 6.45 -6.05 8.14
CA HIS A 8 6.19 -4.62 8.02
C HIS A 8 7.36 -3.82 8.58
N GLU A 9 7.77 -4.16 9.80
CA GLU A 9 8.89 -3.46 10.44
C GLU A 9 10.08 -3.39 9.48
N ARG A 10 10.25 -4.42 8.68
CA ARG A 10 11.35 -4.46 7.72
C ARG A 10 11.04 -3.59 6.51
N TYR A 11 9.87 -3.81 5.91
CA TYR A 11 9.46 -3.02 4.75
C TYR A 11 9.63 -1.53 5.03
N VAL A 12 9.21 -1.10 6.22
CA VAL A 12 9.29 0.31 6.59
C VAL A 12 10.73 0.79 6.53
N GLU A 13 11.60 0.13 7.30
CA GLU A 13 13.01 0.52 7.35
C GLU A 13 13.67 0.24 6.01
N GLN A 14 13.38 -0.91 5.43
CA GLN A 14 13.97 -1.29 4.15
C GLN A 14 13.52 -0.33 3.05
N LEU A 15 12.31 -0.52 2.56
CA LEU A 15 11.77 0.34 1.51
C LEU A 15 12.32 1.75 1.65
N LYS A 16 12.36 2.25 2.88
CA LYS A 16 12.86 3.59 3.14
C LYS A 16 14.33 3.68 2.78
N GLN A 17 15.10 2.66 3.14
CA GLN A 17 16.52 2.63 2.81
C GLN A 17 16.73 2.67 1.30
N ALA A 18 16.15 1.70 0.60
CA ALA A 18 16.24 1.65 -0.85
C ALA A 18 15.81 2.98 -1.45
N LEU A 19 15.11 3.79 -0.66
CA LEU A 19 14.65 5.10 -1.12
C LEU A 19 15.69 6.16 -0.81
N LYS A 20 16.16 6.19 0.43
CA LYS A 20 17.16 7.17 0.83
C LYS A 20 18.18 7.39 -0.28
N THR A 21 18.60 6.31 -0.92
CA THR A 21 19.57 6.40 -2.01
C THR A 21 19.07 7.35 -3.09
N ARG A 22 17.77 7.31 -3.34
CA ARG A 22 17.17 8.18 -4.35
C ARG A 22 17.20 9.63 -3.90
N GLY A 23 17.56 9.85 -2.63
CA GLY A 23 17.64 11.19 -2.09
C GLY A 23 16.50 11.46 -1.11
N VAL A 24 16.04 10.41 -0.46
CA VAL A 24 14.95 10.54 0.51
C VAL A 24 15.49 10.45 1.93
N LYS A 25 14.63 10.76 2.90
CA LYS A 25 15.03 10.70 4.30
C LYS A 25 14.28 9.59 5.03
N VAL A 26 14.93 8.99 6.02
CA VAL A 26 14.33 7.90 6.78
C VAL A 26 14.24 8.26 8.25
N LYS A 27 14.35 9.55 8.56
CA LYS A 27 14.27 10.01 9.93
C LYS A 27 13.00 9.49 10.60
N TYR A 28 12.96 9.57 11.93
CA TYR A 28 11.80 9.12 12.67
C TYR A 28 10.55 9.91 12.26
N ALA A 29 10.75 11.18 11.94
CA ALA A 29 9.64 12.04 11.55
C ALA A 29 8.95 11.47 10.31
N ASP A 30 9.67 10.64 9.56
CA ASP A 30 9.12 10.05 8.35
C ASP A 30 8.08 8.99 8.70
N LEU A 31 8.39 8.16 9.70
CA LEU A 31 7.48 7.10 10.11
C LEU A 31 6.15 7.68 10.59
N LEU A 32 6.24 8.74 11.38
CA LEU A 32 5.03 9.37 11.93
C LEU A 32 4.01 9.60 10.82
N LYS A 33 4.33 10.50 9.90
CA LYS A 33 3.41 10.85 8.83
C LYS A 33 3.25 9.68 7.86
N PHE A 34 4.38 9.12 7.43
CA PHE A 34 4.34 8.05 6.44
C PHE A 34 3.53 6.87 6.95
N PHE A 35 3.71 6.53 8.22
CA PHE A 35 3.03 5.39 8.82
C PHE A 35 1.54 5.70 9.00
N ASP A 36 1.24 6.87 9.55
CA ASP A 36 -0.15 7.27 9.77
C ASP A 36 -0.79 7.72 8.46
N PHE A 37 0.05 8.08 7.49
CA PHE A 37 -0.44 8.55 6.20
C PHE A 37 -1.23 7.46 5.50
N VAL A 38 -0.63 6.29 5.38
CA VAL A 38 -1.28 5.17 4.70
C VAL A 38 -2.36 4.57 5.60
N LYS A 39 -2.08 4.50 6.89
CA LYS A 39 -3.02 3.94 7.84
C LYS A 39 -4.35 4.70 7.82
N ASP A 40 -4.25 6.02 7.70
CA ASP A 40 -5.44 6.87 7.67
C ASP A 40 -6.55 6.19 6.87
N THR A 41 -6.24 5.78 5.65
CA THR A 41 -7.22 5.13 4.79
C THR A 41 -6.83 3.68 4.55
N CYS A 42 -5.66 3.28 5.06
CA CYS A 42 -5.18 1.92 4.87
C CYS A 42 -5.59 1.38 3.51
N PRO A 43 -5.15 2.02 2.47
CA PRO A 43 -5.47 1.63 1.06
C PRO A 43 -4.63 0.43 0.60
N TRP A 44 -3.39 0.39 1.03
CA TRP A 44 -2.48 -0.70 0.65
C TRP A 44 -2.80 -1.96 1.44
N PHE A 45 -3.83 -1.88 2.28
CA PHE A 45 -4.21 -3.02 3.10
C PHE A 45 -3.02 -3.50 3.95
N PRO A 46 -2.39 -2.60 4.63
CA PRO A 46 -1.21 -2.91 5.49
C PRO A 46 -1.47 -4.11 6.39
N GLN A 47 -2.70 -4.59 6.39
CA GLN A 47 -3.07 -5.74 7.22
C GLN A 47 -2.28 -6.98 6.79
N GLU A 48 -2.38 -7.34 5.51
CA GLU A 48 -1.65 -8.49 5.00
C GLU A 48 -0.31 -8.07 4.41
N GLY A 49 -0.25 -6.84 3.90
CA GLY A 49 0.99 -6.32 3.32
C GLY A 49 1.05 -6.63 1.83
N THR A 50 0.48 -5.74 1.03
CA THR A 50 0.49 -5.94 -0.43
C THR A 50 0.67 -4.60 -1.14
N ILE A 51 0.96 -4.65 -2.43
CA ILE A 51 1.14 -3.44 -3.22
C ILE A 51 0.10 -3.36 -4.33
N ASP A 52 -0.46 -2.17 -4.52
CA ASP A 52 -1.48 -1.97 -5.54
C ASP A 52 -1.27 -0.63 -6.25
N ILE A 53 -1.10 -0.68 -7.57
CA ILE A 53 -0.88 0.53 -8.34
C ILE A 53 -2.19 1.29 -8.53
N LYS A 54 -3.28 0.55 -8.76
CA LYS A 54 -4.58 1.16 -8.97
C LYS A 54 -5.05 1.89 -7.71
N ARG A 55 -5.05 1.17 -6.59
CA ARG A 55 -5.49 1.75 -5.32
C ARG A 55 -4.55 2.88 -4.90
N TRP A 56 -3.26 2.73 -5.23
CA TRP A 56 -2.27 3.74 -4.89
C TRP A 56 -2.64 5.08 -5.51
N ARG A 57 -3.18 5.05 -6.72
CA ARG A 57 -3.58 6.27 -7.39
C ARG A 57 -4.75 6.93 -6.68
N ARG A 58 -5.69 6.10 -6.20
CA ARG A 58 -6.87 6.61 -5.51
C ARG A 58 -6.44 7.46 -4.30
N VAL A 59 -5.59 6.88 -3.45
CA VAL A 59 -5.12 7.58 -2.26
C VAL A 59 -4.25 8.77 -2.65
N GLY A 60 -3.53 8.64 -3.76
CA GLY A 60 -2.66 9.70 -4.23
C GLY A 60 -3.48 10.92 -4.66
N ASP A 61 -4.52 10.67 -5.44
CA ASP A 61 -5.38 11.75 -5.93
C ASP A 61 -6.28 12.27 -4.81
N CYS A 62 -6.71 11.36 -3.93
CA CYS A 62 -7.59 11.73 -2.83
C CYS A 62 -6.86 12.66 -1.86
N PHE A 63 -5.59 12.38 -1.62
CA PHE A 63 -4.80 13.20 -0.71
C PHE A 63 -4.29 14.46 -1.42
N GLN A 64 -3.86 14.29 -2.67
CA GLN A 64 -3.35 15.41 -3.45
C GLN A 64 -4.45 16.43 -3.72
N ASP A 65 -5.67 15.92 -3.94
CA ASP A 65 -6.80 16.80 -4.22
C ASP A 65 -7.15 17.63 -2.98
N TYR A 66 -7.34 16.97 -1.85
CA TYR A 66 -7.67 17.66 -0.62
C TYR A 66 -6.49 18.50 -0.14
N TYR A 67 -5.29 17.97 -0.30
CA TYR A 67 -4.09 18.69 0.13
C TYR A 67 -3.84 19.91 -0.75
N ASN A 68 -4.05 19.74 -2.06
CA ASN A 68 -3.82 20.83 -3.00
C ASN A 68 -4.77 22.00 -2.72
N THR A 69 -6.01 21.67 -2.40
CA THR A 69 -7.01 22.70 -2.12
C THR A 69 -6.47 23.72 -1.12
N PHE A 70 -5.44 23.32 -0.39
CA PHE A 70 -4.83 24.20 0.60
C PHE A 70 -3.66 24.97 0.00
N GLY A 71 -3.58 24.96 -1.33
CA GLY A 71 -2.49 25.65 -2.02
C GLY A 71 -1.17 25.47 -1.28
N PRO A 72 -0.73 24.26 -1.14
CA PRO A 72 0.55 23.94 -0.43
C PRO A 72 1.77 24.18 -1.32
N GLU A 73 2.77 24.86 -0.77
CA GLU A 73 3.99 25.14 -1.52
C GLU A 73 5.01 24.02 -1.33
N LYS A 74 4.99 23.40 -0.15
CA LYS A 74 5.93 22.34 0.17
C LYS A 74 5.75 21.16 -0.79
N VAL A 75 4.50 20.73 -0.96
CA VAL A 75 4.20 19.60 -1.84
C VAL A 75 5.39 18.64 -1.90
N PRO A 76 5.45 17.73 -0.96
CA PRO A 76 6.55 16.72 -0.89
C PRO A 76 6.66 15.91 -2.17
N VAL A 77 7.85 15.90 -2.76
CA VAL A 77 8.08 15.18 -4.00
C VAL A 77 8.32 13.69 -3.72
N THR A 78 8.75 13.39 -2.51
CA THR A 78 9.01 12.01 -2.12
C THR A 78 7.89 11.10 -2.59
N ALA A 79 6.68 11.65 -2.63
CA ALA A 79 5.52 10.87 -3.08
C ALA A 79 5.76 10.33 -4.49
N PHE A 80 6.46 11.10 -5.31
CA PHE A 80 6.73 10.68 -6.69
C PHE A 80 7.79 9.58 -6.71
N SER A 81 8.74 9.66 -5.78
CA SER A 81 9.81 8.67 -5.72
C SER A 81 9.26 7.33 -5.26
N TYR A 82 8.31 7.36 -4.34
CA TYR A 82 7.71 6.13 -3.82
C TYR A 82 7.02 5.37 -4.94
N TRP A 83 6.19 6.07 -5.71
CA TRP A 83 5.45 5.44 -6.80
C TRP A 83 6.41 4.83 -7.82
N ASN A 84 7.51 5.53 -8.07
CA ASN A 84 8.48 5.07 -9.06
C ASN A 84 9.10 3.74 -8.61
N LEU A 85 9.58 3.69 -7.37
CA LEU A 85 10.21 2.48 -6.85
C LEU A 85 9.18 1.36 -6.74
N ILE A 86 8.05 1.67 -6.12
CA ILE A 86 6.99 0.66 -5.94
C ILE A 86 6.48 0.19 -7.29
N LYS A 87 6.34 1.11 -8.24
CA LYS A 87 5.86 0.77 -9.57
C LYS A 87 6.65 -0.40 -10.15
N GLU A 88 7.98 -0.30 -10.07
CA GLU A 88 8.83 -1.35 -10.61
C GLU A 88 9.02 -2.47 -9.58
N LEU A 89 8.72 -2.17 -8.32
CA LEU A 89 8.90 -3.14 -7.26
C LEU A 89 8.04 -4.38 -7.51
N ILE A 90 6.79 -4.15 -7.93
CA ILE A 90 5.88 -5.25 -8.19
C ILE A 90 6.41 -6.14 -9.31
N ASP A 91 6.88 -5.51 -10.38
CA ASP A 91 7.43 -6.26 -11.51
C ASP A 91 8.65 -7.06 -11.10
N LYS A 92 9.16 -6.77 -9.90
CA LYS A 92 10.34 -7.47 -9.40
C LYS A 92 10.05 -8.95 -9.23
N LYS A 93 8.87 -9.26 -8.70
CA LYS A 93 8.48 -10.66 -8.50
C LYS A 93 6.98 -10.83 -8.72
N GLU A 94 6.58 -12.04 -9.08
CA GLU A 94 5.17 -12.33 -9.32
C GLU A 94 4.38 -12.30 -8.01
N VAL A 95 4.84 -11.48 -7.07
CA VAL A 95 4.19 -11.37 -5.78
C VAL A 95 3.60 -12.71 -5.35
N ASN A 96 2.58 -12.66 -4.50
CA ASN A 96 1.96 -13.89 -4.02
C ASN A 96 0.51 -13.62 -3.62
N PRO A 97 -0.20 -14.66 -3.25
CA PRO A 97 -1.65 -14.55 -2.88
C PRO A 97 -1.89 -13.49 -1.81
N GLN A 98 -0.92 -13.31 -0.92
CA GLN A 98 -1.05 -12.34 0.15
C GLN A 98 -1.76 -11.09 -0.34
N VAL A 99 -1.76 -10.89 -1.66
CA VAL A 99 -2.42 -9.75 -2.25
C VAL A 99 -3.91 -9.78 -1.97
N MET A 100 -4.51 -10.96 -2.13
CA MET A 100 -5.94 -11.11 -1.91
C MET A 100 -6.26 -11.03 -0.41
N ALA A 101 -5.42 -11.63 0.40
CA ALA A 101 -5.63 -11.63 1.84
C ALA A 101 -5.65 -10.21 2.38
N ALA A 102 -5.03 -9.29 1.64
CA ALA A 102 -4.99 -7.89 2.06
C ALA A 102 -6.37 -7.25 1.92
N VAL A 103 -7.07 -7.60 0.84
CA VAL A 103 -8.41 -7.08 0.61
C VAL A 103 -9.31 -7.36 1.81
N ALA A 104 -9.17 -8.55 2.37
CA ALA A 104 -9.96 -8.94 3.54
C ALA A 104 -9.84 -7.89 4.64
N GLN A 105 -8.92 -6.95 4.45
CA GLN A 105 -8.70 -5.90 5.44
C GLN A 105 -8.43 -6.50 6.82
N THR A 106 -9.39 -6.36 7.72
CA THR A 106 -9.23 -6.90 9.08
C THR A 106 -10.44 -7.73 9.45
N GLU A 107 -10.19 -8.98 9.86
CA GLU A 107 -11.27 -9.87 10.25
C GLU A 107 -10.91 -10.61 11.55
N GLU A 108 -11.93 -10.89 12.35
CA GLU A 108 -11.72 -11.60 13.61
C GLU A 108 -11.64 -13.10 13.38
N ILE A 109 -10.50 -13.70 13.75
CA ILE A 109 -10.31 -15.13 13.56
C ILE A 109 -11.51 -15.90 14.09
N LEU A 110 -12.26 -15.28 15.00
CA LEU A 110 -13.43 -15.93 15.57
C LEU A 110 -14.52 -16.10 14.52
N LYS A 111 -14.65 -15.10 13.65
CA LYS A 111 -15.66 -15.14 12.59
C LYS A 111 -15.37 -16.29 11.62
N SER A 112 -14.09 -16.60 11.44
CA SER A 112 -13.69 -17.66 10.53
C SER A 112 -14.28 -19.00 10.98
N ASN A 113 -14.15 -19.29 12.28
CA ASN A 113 -14.67 -20.53 12.82
C ASN A 113 -16.20 -20.54 12.78
N SER A 114 -16.80 -19.42 13.16
CA SER A 114 -18.25 -19.29 13.16
C SER A 114 -18.68 -17.84 13.30
N GLN A 115 -19.88 -17.53 12.82
CA GLN A 115 -20.39 -16.17 12.90
C GLN A 115 -21.35 -16.03 14.08
N THR A 116 -21.03 -16.71 15.18
CA THR A 116 -21.88 -16.65 16.37
C THR A 116 -21.92 -15.23 16.93
N ASP A 117 -20.76 -14.59 16.98
CA ASP A 117 -20.69 -13.22 17.50
C ASP A 117 -21.54 -12.29 16.66
N LEU A 118 -21.41 -12.37 15.34
CA LEU A 118 -22.18 -11.51 14.44
C LEU A 118 -23.45 -12.22 14.00
N GLU A 119 -23.68 -13.42 14.52
CA GLU A 119 -24.87 -14.18 14.16
C GLU A 119 -25.15 -14.07 12.67
N HIS A 120 -26.37 -14.43 12.27
CA HIS A 120 -26.76 -14.35 10.87
C HIS A 120 -26.78 -12.91 10.39
N HIS A 121 -27.33 -12.03 11.21
CA HIS A 121 -27.40 -10.61 10.87
C HIS A 121 -26.14 -9.88 11.30
N HIS A 122 -25.44 -9.30 10.32
CA HIS A 122 -24.21 -8.57 10.61
C HIS A 122 -24.49 -7.38 11.55
N HIS A 123 -25.56 -6.66 11.26
CA HIS A 123 -25.92 -5.51 12.08
C HIS A 123 -27.28 -5.74 12.75
N HIS A 124 -27.30 -5.61 14.07
CA HIS A 124 -28.54 -5.81 14.82
C HIS A 124 -29.47 -4.62 14.66
N HIS A 125 -30.77 -4.87 14.68
CA HIS A 125 -31.75 -3.81 14.52
C HIS A 125 -31.48 -3.00 13.26
C1 MYR A 1 -1.76 -11.73 9.16
O1 MYR A 1 -1.64 -12.91 8.85
C2 MYR A 1 -1.25 -10.78 8.25
C3 MYR A 1 -1.16 -11.35 6.83
C4 MYR A 1 -1.38 -10.27 5.78
C5 MYR A 1 -0.21 -10.16 4.82
C6 MYR A 1 0.72 -9.03 5.23
C7 MYR A 1 1.78 -8.66 4.17
C8 MYR A 1 2.27 -7.20 4.20
C9 MYR A 1 3.37 -6.87 3.19
C10 MYR A 1 3.37 -5.38 2.79
C11 MYR A 1 4.78 -4.77 2.79
C12 MYR A 1 5.03 -3.96 1.52
C13 MYR A 1 3.94 -2.90 1.31
C14 MYR A 1 4.54 -1.51 1.15
H21 MYR A 1 -1.84 -9.97 8.24
H22 MYR A 1 -0.33 -10.50 8.54
H31 MYR A 1 -0.26 -11.77 6.69
H32 MYR A 1 -1.86 -12.06 6.71
H41 MYR A 1 -2.22 -10.48 5.27
H42 MYR A 1 -1.51 -9.39 6.24
H51 MYR A 1 0.29 -11.02 4.81
H52 MYR A 1 -0.56 -9.99 3.89
H61 MYR A 1 0.18 -8.21 5.42
H62 MYR A 1 1.21 -9.30 6.06
H71 MYR A 1 2.58 -9.26 4.30
H72 MYR A 1 1.39 -8.82 3.26
H81 MYR A 1 1.49 -6.61 4.03
H82 MYR A 1 2.62 -7.02 5.12
H91 MYR A 1 4.25 -7.09 3.59
H92 MYR A 1 3.24 -7.42 2.36
H101 MYR A 1 2.98 -5.29 1.87
H102 MYR A 1 2.81 -4.87 3.43
H111 MYR A 1 4.89 -4.17 3.58
H112 MYR A 1 5.47 -5.50 2.84
H121 MYR A 1 5.92 -3.51 1.57
H122 MYR A 1 5.03 -4.57 0.72
H131 MYR A 1 3.41 -3.12 0.50
H132 MYR A 1 3.34 -2.89 2.10
H141 MYR A 1 4.17 -1.07 0.33
H142 MYR A 1 4.33 -0.95 1.96
H143 MYR A 1 5.54 -1.58 1.05
N GLY A 2 -1.41 -11.23 10.34
CA GLY A 2 -0.85 -12.09 11.37
C GLY A 2 0.60 -11.73 11.67
N GLN A 3 1.38 -12.72 12.08
CA GLN A 3 2.79 -12.49 12.39
C GLN A 3 3.50 -11.83 11.21
N GLU A 4 2.98 -12.06 10.01
CA GLU A 4 3.56 -11.47 8.81
C GLU A 4 3.78 -9.98 9.00
N LEU A 5 3.08 -9.39 9.96
CA LEU A 5 3.21 -7.97 10.23
C LEU A 5 4.68 -7.55 10.23
N SER A 6 5.54 -8.49 10.59
CA SER A 6 6.97 -8.21 10.63
C SER A 6 7.45 -7.69 9.28
N GLN A 7 6.77 -8.10 8.21
CA GLN A 7 7.12 -7.67 6.87
C GLN A 7 7.10 -6.14 6.79
N HIS A 8 6.04 -5.54 7.30
CA HIS A 8 5.91 -4.08 7.29
C HIS A 8 7.08 -3.45 8.03
N GLU A 9 7.37 -3.96 9.22
CA GLU A 9 8.47 -3.43 10.02
C GLU A 9 9.74 -3.35 9.18
N ARG A 10 9.90 -4.30 8.27
CA ARG A 10 11.06 -4.32 7.39
C ARG A 10 10.89 -3.34 6.25
N TYR A 11 9.75 -3.40 5.59
CA TYR A 11 9.47 -2.50 4.48
C TYR A 11 9.68 -1.05 4.90
N VAL A 12 9.23 -0.72 6.10
CA VAL A 12 9.36 0.64 6.59
C VAL A 12 10.81 1.05 6.72
N GLU A 13 11.55 0.32 7.55
CA GLU A 13 12.96 0.63 7.77
C GLU A 13 13.79 0.34 6.53
N GLN A 14 13.56 -0.81 5.93
CA GLN A 14 14.30 -1.22 4.75
C GLN A 14 14.00 -0.29 3.59
N LEU A 15 12.84 -0.48 2.97
CA LEU A 15 12.47 0.34 1.82
C LEU A 15 13.00 1.75 1.98
N LYS A 16 12.81 2.33 3.16
CA LYS A 16 13.29 3.68 3.41
C LYS A 16 14.78 3.79 3.07
N GLN A 17 15.55 2.80 3.49
CA GLN A 17 16.98 2.78 3.21
C GLN A 17 17.21 2.77 1.70
N ALA A 18 16.61 1.79 1.03
CA ALA A 18 16.72 1.69 -0.43
C ALA A 18 16.25 2.98 -1.10
N LEU A 19 15.57 3.81 -0.33
CA LEU A 19 15.09 5.09 -0.82
C LEU A 19 16.14 6.18 -0.64
N LYS A 20 16.65 6.29 0.59
CA LYS A 20 17.66 7.29 0.89
C LYS A 20 18.69 7.39 -0.22
N THR A 21 19.12 6.22 -0.71
CA THR A 21 20.10 6.18 -1.78
C THR A 21 19.61 6.92 -3.02
N ARG A 22 18.30 6.91 -3.22
CA ARG A 22 17.69 7.60 -4.36
C ARG A 22 17.79 9.11 -4.18
N GLY A 23 18.21 9.54 -3.01
CA GLY A 23 18.34 10.97 -2.73
C GLY A 23 17.24 11.44 -1.78
N VAL A 24 16.66 10.51 -1.04
CA VAL A 24 15.60 10.83 -0.10
C VAL A 24 16.13 10.83 1.33
N LYS A 25 15.30 11.28 2.27
CA LYS A 25 15.70 11.32 3.67
C LYS A 25 14.83 10.38 4.50
N VAL A 26 15.44 9.75 5.50
CA VAL A 26 14.72 8.82 6.37
C VAL A 26 14.82 9.25 7.83
N LYS A 27 13.95 10.16 8.24
CA LYS A 27 13.94 10.64 9.61
C LYS A 27 12.73 10.10 10.37
N TYR A 28 12.77 10.23 11.69
CA TYR A 28 11.65 9.76 12.52
C TYR A 28 10.34 10.40 12.07
N ALA A 29 10.40 11.67 11.68
CA ALA A 29 9.23 12.39 11.23
C ALA A 29 8.61 11.70 10.02
N ASP A 30 9.41 10.89 9.33
CA ASP A 30 8.92 10.18 8.15
C ASP A 30 7.97 9.06 8.54
N LEU A 31 8.31 8.36 9.63
CA LEU A 31 7.48 7.26 10.09
C LEU A 31 6.12 7.79 10.54
N LEU A 32 6.12 8.92 11.21
CA LEU A 32 4.86 9.49 11.71
C LEU A 32 3.89 9.75 10.56
N LYS A 33 4.34 10.47 9.55
CA LYS A 33 3.49 10.79 8.41
C LYS A 33 3.31 9.59 7.51
N PHE A 34 4.42 9.00 7.08
CA PHE A 34 4.38 7.87 6.16
C PHE A 34 3.52 6.73 6.72
N PHE A 35 3.69 6.47 8.01
CA PHE A 35 2.94 5.41 8.66
C PHE A 35 1.47 5.78 8.83
N ASP A 36 1.23 7.03 9.27
CA ASP A 36 -0.14 7.49 9.47
C ASP A 36 -0.83 7.78 8.15
N PHE A 37 -0.02 8.02 7.11
CA PHE A 37 -0.56 8.32 5.80
C PHE A 37 -1.33 7.13 5.23
N VAL A 38 -0.68 5.98 5.21
CA VAL A 38 -1.32 4.78 4.69
C VAL A 38 -2.33 4.23 5.68
N LYS A 39 -2.01 4.32 6.97
CA LYS A 39 -2.89 3.81 8.01
C LYS A 39 -4.27 4.46 7.91
N ASP A 40 -4.30 5.70 7.44
CA ASP A 40 -5.56 6.42 7.32
C ASP A 40 -6.64 5.52 6.73
N THR A 41 -6.44 5.09 5.49
CA THR A 41 -7.41 4.23 4.81
C THR A 41 -6.81 2.85 4.55
N CYS A 42 -5.52 2.70 4.84
CA CYS A 42 -4.83 1.44 4.60
C CYS A 42 -5.14 0.92 3.19
N PRO A 43 -4.72 1.65 2.20
CA PRO A 43 -4.94 1.27 0.77
C PRO A 43 -4.09 0.07 0.34
N TRP A 44 -3.02 -0.18 1.09
CA TRP A 44 -2.12 -1.28 0.79
C TRP A 44 -2.84 -2.62 0.96
N PHE A 45 -4.15 -2.62 0.78
CA PHE A 45 -4.94 -3.83 0.92
C PHE A 45 -4.75 -4.43 2.31
N PRO A 46 -5.62 -4.10 3.22
CA PRO A 46 -5.53 -4.59 4.64
C PRO A 46 -5.96 -6.03 4.77
N GLN A 47 -6.55 -6.58 3.71
CA GLN A 47 -7.02 -7.97 3.74
C GLN A 47 -5.88 -8.93 3.41
N GLU A 48 -5.27 -8.74 2.25
CA GLU A 48 -4.16 -9.60 1.84
C GLU A 48 -2.83 -9.03 2.29
N GLY A 49 -2.76 -7.70 2.39
CA GLY A 49 -1.53 -7.03 2.80
C GLY A 49 -0.51 -7.05 1.67
N THR A 50 -0.85 -6.39 0.56
CA THR A 50 0.04 -6.34 -0.59
C THR A 50 0.03 -4.96 -1.22
N ILE A 51 0.95 -4.74 -2.17
CA ILE A 51 1.03 -3.46 -2.85
C ILE A 51 0.03 -3.42 -4.00
N ASP A 52 -0.57 -2.25 -4.22
CA ASP A 52 -1.54 -2.09 -5.30
C ASP A 52 -1.36 -0.73 -5.97
N ILE A 53 -1.11 -0.76 -7.27
CA ILE A 53 -0.91 0.48 -8.03
C ILE A 53 -2.23 1.23 -8.20
N LYS A 54 -3.29 0.48 -8.48
CA LYS A 54 -4.59 1.09 -8.69
C LYS A 54 -5.06 1.85 -7.44
N ARG A 55 -5.13 1.13 -6.33
CA ARG A 55 -5.57 1.73 -5.07
C ARG A 55 -4.61 2.84 -4.65
N TRP A 56 -3.32 2.65 -4.95
CA TRP A 56 -2.32 3.63 -4.58
C TRP A 56 -2.66 5.00 -5.18
N ARG A 57 -3.14 4.98 -6.41
CA ARG A 57 -3.50 6.21 -7.10
C ARG A 57 -4.70 6.87 -6.41
N ARG A 58 -5.63 6.05 -5.93
CA ARG A 58 -6.82 6.56 -5.27
C ARG A 58 -6.44 7.36 -4.03
N VAL A 59 -5.65 6.75 -3.15
CA VAL A 59 -5.22 7.42 -1.93
C VAL A 59 -4.36 8.64 -2.27
N GLY A 60 -3.54 8.52 -3.29
CA GLY A 60 -2.67 9.62 -3.70
C GLY A 60 -3.49 10.81 -4.16
N ASP A 61 -4.48 10.57 -5.01
CA ASP A 61 -5.33 11.64 -5.53
C ASP A 61 -6.26 12.16 -4.44
N CYS A 62 -6.73 11.25 -3.60
CA CYS A 62 -7.65 11.62 -2.52
C CYS A 62 -6.96 12.55 -1.53
N PHE A 63 -5.69 12.29 -1.26
CA PHE A 63 -4.92 13.10 -0.33
C PHE A 63 -4.35 14.33 -1.03
N GLN A 64 -3.88 14.14 -2.25
CA GLN A 64 -3.30 15.23 -3.02
C GLN A 64 -4.36 16.29 -3.31
N ASP A 65 -5.57 15.84 -3.62
CA ASP A 65 -6.67 16.77 -3.89
C ASP A 65 -7.04 17.56 -2.64
N TYR A 66 -7.27 16.84 -1.55
CA TYR A 66 -7.64 17.48 -0.29
C TYR A 66 -6.50 18.37 0.20
N TYR A 67 -5.28 17.89 0.05
CA TYR A 67 -4.10 18.63 0.50
C TYR A 67 -3.88 19.85 -0.40
N ASN A 68 -4.12 19.67 -1.70
CA ASN A 68 -3.92 20.76 -2.65
C ASN A 68 -4.87 21.91 -2.37
N THR A 69 -6.11 21.58 -2.04
CA THR A 69 -7.12 22.60 -1.76
C THR A 69 -6.57 23.66 -0.82
N PHE A 70 -5.53 23.31 -0.09
CA PHE A 70 -4.92 24.24 0.85
C PHE A 70 -3.79 25.02 0.19
N GLY A 71 -3.73 24.96 -1.14
CA GLY A 71 -2.69 25.65 -1.88
C GLY A 71 -1.34 25.51 -1.19
N PRO A 72 -0.88 24.30 -1.01
CA PRO A 72 0.42 24.03 -0.33
C PRO A 72 1.61 24.26 -1.25
N GLU A 73 2.59 25.03 -0.78
CA GLU A 73 3.78 25.31 -1.57
C GLU A 73 4.84 24.23 -1.35
N LYS A 74 4.80 23.61 -0.18
CA LYS A 74 5.77 22.57 0.16
C LYS A 74 5.63 21.37 -0.77
N VAL A 75 4.39 20.92 -0.96
CA VAL A 75 4.14 19.78 -1.83
C VAL A 75 5.36 18.87 -1.93
N PRO A 76 5.56 18.01 -0.97
CA PRO A 76 6.73 17.09 -0.94
C PRO A 76 6.86 16.30 -2.24
N VAL A 77 8.05 16.38 -2.84
CA VAL A 77 8.31 15.67 -4.09
C VAL A 77 8.66 14.22 -3.82
N THR A 78 9.21 13.95 -2.65
CA THR A 78 9.60 12.60 -2.29
C THR A 78 8.51 11.60 -2.69
N ALA A 79 7.27 12.06 -2.65
CA ALA A 79 6.14 11.21 -3.01
C ALA A 79 6.30 10.65 -4.43
N PHE A 80 6.95 11.44 -5.28
CA PHE A 80 7.18 11.01 -6.65
C PHE A 80 8.14 9.83 -6.72
N SER A 81 9.17 9.87 -5.87
CA SER A 81 10.15 8.79 -5.83
C SER A 81 9.49 7.47 -5.47
N TYR A 82 8.55 7.52 -4.53
CA TYR A 82 7.85 6.32 -4.10
C TYR A 82 7.12 5.69 -5.27
N TRP A 83 6.41 6.50 -6.04
CA TRP A 83 5.65 5.99 -7.17
C TRP A 83 6.55 5.21 -8.12
N ASN A 84 7.68 5.79 -8.47
CA ASN A 84 8.61 5.15 -9.39
C ASN A 84 9.19 3.87 -8.79
N LEU A 85 9.53 3.92 -7.50
CA LEU A 85 10.10 2.77 -6.84
C LEU A 85 9.06 1.67 -6.65
N ILE A 86 7.98 1.99 -5.96
CA ILE A 86 6.92 1.03 -5.74
C ILE A 86 6.42 0.46 -7.06
N LYS A 87 6.33 1.34 -8.07
CA LYS A 87 5.84 0.92 -9.37
C LYS A 87 6.62 -0.28 -9.87
N GLU A 88 7.95 -0.19 -9.81
CA GLU A 88 8.79 -1.27 -10.27
C GLU A 88 8.99 -2.32 -9.18
N LEU A 89 8.70 -1.94 -7.94
CA LEU A 89 8.91 -2.82 -6.81
C LEU A 89 8.09 -4.09 -6.97
N ILE A 90 6.86 -3.93 -7.40
CA ILE A 90 5.97 -5.07 -7.58
C ILE A 90 6.56 -6.05 -8.61
N ASP A 91 7.09 -5.51 -9.69
CA ASP A 91 7.68 -6.33 -10.74
C ASP A 91 9.03 -6.88 -10.30
N LYS A 92 9.48 -6.45 -9.13
CA LYS A 92 10.76 -6.91 -8.60
C LYS A 92 10.71 -8.39 -8.25
N LYS A 93 9.52 -8.97 -8.34
CA LYS A 93 9.34 -10.39 -8.02
C LYS A 93 9.65 -10.65 -6.56
N GLU A 94 9.86 -9.58 -5.80
CA GLU A 94 10.16 -9.70 -4.39
C GLU A 94 8.91 -9.51 -3.55
N VAL A 95 7.89 -10.30 -3.84
CA VAL A 95 6.63 -10.21 -3.11
C VAL A 95 6.69 -11.00 -1.81
N ASN A 96 5.64 -10.89 -1.01
CA ASN A 96 5.59 -11.60 0.27
C ASN A 96 4.53 -12.70 0.23
N PRO A 97 4.54 -13.58 1.20
CA PRO A 97 3.55 -14.69 1.30
C PRO A 97 2.13 -14.21 1.02
N GLN A 98 1.93 -12.91 1.08
CA GLN A 98 0.61 -12.33 0.81
C GLN A 98 0.01 -12.94 -0.45
N VAL A 99 0.84 -13.64 -1.22
CA VAL A 99 0.38 -14.24 -2.47
C VAL A 99 -0.77 -15.21 -2.19
N MET A 100 -0.59 -16.09 -1.22
CA MET A 100 -1.62 -17.06 -0.86
C MET A 100 -2.87 -16.34 -0.37
N ALA A 101 -2.68 -15.38 0.53
CA ALA A 101 -3.79 -14.61 1.07
C ALA A 101 -4.37 -13.68 0.02
N ALA A 102 -3.60 -13.45 -1.04
CA ALA A 102 -4.04 -12.56 -2.12
C ALA A 102 -4.78 -13.35 -3.19
N VAL A 103 -4.44 -14.62 -3.32
CA VAL A 103 -5.07 -15.48 -4.32
C VAL A 103 -6.57 -15.55 -4.09
N ALA A 104 -6.97 -15.74 -2.83
CA ALA A 104 -8.37 -15.83 -2.49
C ALA A 104 -9.12 -14.60 -3.00
N GLN A 105 -8.48 -13.44 -2.93
CA GLN A 105 -9.08 -12.20 -3.39
C GLN A 105 -10.58 -12.21 -3.12
N THR A 106 -10.98 -11.68 -1.97
CA THR A 106 -12.39 -11.65 -1.60
C THR A 106 -12.85 -10.21 -1.42
N GLU A 107 -13.93 -9.85 -2.12
CA GLU A 107 -14.46 -8.49 -2.03
C GLU A 107 -15.68 -8.47 -1.12
N GLU A 108 -15.82 -7.39 -0.35
CA GLU A 108 -16.95 -7.24 0.56
C GLU A 108 -18.24 -7.05 -0.22
N ILE A 109 -19.28 -7.77 0.18
CA ILE A 109 -20.57 -7.67 -0.49
C ILE A 109 -21.07 -6.23 -0.49
N LEU A 110 -20.60 -5.45 0.47
CA LEU A 110 -21.00 -4.05 0.58
C LEU A 110 -20.52 -3.26 -0.63
N LYS A 111 -19.31 -3.57 -1.07
CA LYS A 111 -18.73 -2.89 -2.23
C LYS A 111 -18.90 -3.73 -3.49
N SER A 112 -19.51 -3.14 -4.52
CA SER A 112 -19.71 -3.83 -5.78
C SER A 112 -18.53 -3.59 -6.71
N ASN A 113 -18.66 -4.02 -7.96
CA ASN A 113 -17.60 -3.84 -8.95
C ASN A 113 -17.26 -2.37 -9.10
N SER A 114 -18.28 -1.53 -9.17
CA SER A 114 -18.08 -0.10 -9.31
C SER A 114 -18.39 0.62 -7.99
N GLN A 115 -18.23 1.93 -7.97
CA GLN A 115 -18.50 2.73 -6.78
C GLN A 115 -17.68 2.20 -5.60
N THR A 116 -18.14 2.52 -4.39
CA THR A 116 -17.43 2.09 -3.18
C THR A 116 -18.42 1.52 -2.17
N ASP A 117 -18.01 1.51 -0.91
CA ASP A 117 -18.87 0.99 0.16
C ASP A 117 -20.20 1.72 0.18
N LEU A 118 -20.16 3.04 -0.04
CA LEU A 118 -21.37 3.83 -0.05
C LEU A 118 -21.72 4.26 -1.49
N GLU A 119 -22.94 3.95 -1.92
CA GLU A 119 -23.37 4.31 -3.26
C GLU A 119 -23.47 5.82 -3.40
N HIS A 120 -22.80 6.37 -4.41
CA HIS A 120 -22.83 7.81 -4.64
C HIS A 120 -24.22 8.26 -5.05
N HIS A 121 -24.88 7.46 -5.90
CA HIS A 121 -26.21 7.79 -6.36
C HIS A 121 -27.24 6.83 -5.78
N HIS A 122 -28.41 7.36 -5.42
CA HIS A 122 -29.46 6.52 -4.84
C HIS A 122 -30.55 6.26 -5.87
N HIS A 123 -30.83 4.98 -6.12
CA HIS A 123 -31.85 4.60 -7.09
C HIS A 123 -33.20 5.18 -6.69
N HIS A 124 -33.55 5.03 -5.41
CA HIS A 124 -34.83 5.53 -4.91
C HIS A 124 -34.59 6.70 -3.94
N HIS A 125 -35.32 7.80 -4.17
CA HIS A 125 -35.18 8.97 -3.31
C HIS A 125 -36.55 9.53 -2.96
C1 MYR A 1 -1.71 -12.36 7.95
O1 MYR A 1 -1.45 -13.50 7.57
C2 MYR A 1 -1.22 -11.30 7.16
C3 MYR A 1 -1.15 -11.69 5.68
C4 MYR A 1 -1.20 -10.45 4.78
C5 MYR A 1 0.06 -10.31 3.96
C6 MYR A 1 1.05 -9.34 4.62
C7 MYR A 1 2.06 -8.70 3.67
C8 MYR A 1 2.81 -7.49 4.24
C9 MYR A 1 4.08 -7.08 3.44
C10 MYR A 1 4.08 -5.61 3.05
C11 MYR A 1 4.90 -5.32 1.79
C12 MYR A 1 4.89 -3.84 1.43
C13 MYR A 1 3.88 -3.07 2.29
C14 MYR A 1 4.04 -1.56 2.12
H21 MYR A 1 -1.82 -10.51 7.27
H22 MYR A 1 -0.30 -11.06 7.47
H31 MYR A 1 -0.32 -12.19 5.50
H32 MYR A 1 -1.94 -12.28 5.45
H41 MYR A 1 -1.99 -10.52 4.17
H42 MYR A 1 -1.31 -9.63 5.35
H51 MYR A 1 0.49 -11.20 3.84
H52 MYR A 1 -0.17 -9.94 3.05
H61 MYR A 1 0.53 -8.62 5.07
H62 MYR A 1 1.56 -9.85 5.32
H71 MYR A 1 2.73 -9.39 3.41
H72 MYR A 1 1.57 -8.39 2.85
H81 MYR A 1 2.20 -6.71 4.25
H82 MYR A 1 3.10 -7.70 5.18
H91 MYR A 1 4.88 -7.28 4.00
H92 MYR A 1 4.12 -7.64 2.61
H101 MYR A 1 3.14 -5.31 2.90
H102 MYR A 1 4.47 -5.07 3.80
H111 MYR A 1 5.85 -5.62 1.93
H112 MYR A 1 4.51 -5.83 1.02
H121 MYR A 1 5.80 -3.45 1.57
H122 MYR A 1 4.64 -3.72 0.47
H131 MYR A 1 2.96 -3.33 2.02
H132 MYR A 1 4.02 -3.30 3.26
H141 MYR A 1 3.80 -1.30 1.19
H142 MYR A 1 3.44 -1.09 2.77
H143 MYR A 1 5.00 -1.31 2.30
N GLY A 2 -1.49 -11.94 9.19
CA GLY A 2 -0.92 -12.84 10.20
C GLY A 2 0.50 -12.44 10.54
N GLN A 3 1.30 -13.43 10.98
CA GLN A 3 2.68 -13.16 11.34
C GLN A 3 3.36 -12.31 10.28
N GLU A 4 2.80 -12.32 9.07
CA GLU A 4 3.37 -11.53 7.98
C GLU A 4 3.61 -10.09 8.43
N LEU A 5 2.93 -9.68 9.49
CA LEU A 5 3.07 -8.33 10.01
C LEU A 5 4.55 -7.95 10.11
N SER A 6 5.40 -8.93 10.36
CA SER A 6 6.83 -8.70 10.45
C SER A 6 7.34 -8.04 9.17
N GLN A 7 6.78 -8.42 8.03
CA GLN A 7 7.18 -7.86 6.76
C GLN A 7 7.05 -6.34 6.77
N HIS A 8 5.96 -5.85 7.35
CA HIS A 8 5.73 -4.42 7.44
C HIS A 8 6.89 -3.74 8.15
N GLU A 9 7.24 -4.24 9.33
CA GLU A 9 8.36 -3.70 10.08
C GLU A 9 9.59 -3.53 9.19
N ARG A 10 9.77 -4.47 8.27
CA ARG A 10 10.90 -4.41 7.35
C ARG A 10 10.63 -3.40 6.24
N TYR A 11 9.45 -3.49 5.62
CA TYR A 11 9.07 -2.57 4.57
C TYR A 11 9.36 -1.13 4.99
N VAL A 12 8.99 -0.79 6.22
CA VAL A 12 9.19 0.56 6.72
C VAL A 12 10.68 0.91 6.74
N GLU A 13 11.47 0.07 7.38
CA GLU A 13 12.91 0.31 7.48
C GLU A 13 13.56 0.18 6.12
N GLN A 14 13.20 -0.87 5.38
CA GLN A 14 13.78 -1.10 4.07
C GLN A 14 13.36 -0.01 3.09
N LEU A 15 12.14 -0.10 2.59
CA LEU A 15 11.63 0.89 1.64
C LEU A 15 12.26 2.26 1.91
N LYS A 16 12.25 2.67 3.18
CA LYS A 16 12.82 3.96 3.55
C LYS A 16 14.30 4.01 3.22
N GLN A 17 15.00 2.91 3.47
CA GLN A 17 16.42 2.82 3.16
C GLN A 17 16.64 2.86 1.65
N ALA A 18 16.06 1.88 0.95
CA ALA A 18 16.14 1.85 -0.50
C ALA A 18 15.78 3.19 -1.10
N LEU A 19 15.14 4.04 -0.29
CA LEU A 19 14.76 5.38 -0.75
C LEU A 19 15.89 6.37 -0.51
N LYS A 20 16.41 6.38 0.71
CA LYS A 20 17.49 7.29 1.07
C LYS A 20 18.52 7.36 -0.06
N THR A 21 18.79 6.22 -0.68
CA THR A 21 19.76 6.15 -1.76
C THR A 21 19.30 7.00 -2.95
N ARG A 22 17.99 7.07 -3.14
CA ARG A 22 17.44 7.84 -4.25
C ARG A 22 17.58 9.34 -3.99
N GLY A 23 18.03 9.68 -2.80
CA GLY A 23 18.23 11.08 -2.45
C GLY A 23 17.15 11.55 -1.47
N VAL A 24 16.60 10.61 -0.71
CA VAL A 24 15.57 10.94 0.26
C VAL A 24 16.13 10.86 1.69
N LYS A 25 15.35 11.36 2.65
CA LYS A 25 15.77 11.31 4.04
C LYS A 25 14.84 10.43 4.86
N VAL A 26 15.39 9.72 5.83
CA VAL A 26 14.60 8.82 6.66
C VAL A 26 14.73 9.19 8.13
N LYS A 27 13.91 10.14 8.57
CA LYS A 27 13.92 10.56 9.97
C LYS A 27 12.65 10.10 10.68
N TYR A 28 12.68 10.09 12.00
CA TYR A 28 11.53 9.66 12.78
C TYR A 28 10.28 10.43 12.36
N ALA A 29 10.48 11.67 11.91
CA ALA A 29 9.35 12.48 11.47
C ALA A 29 8.65 11.85 10.27
N ASP A 30 9.38 10.99 9.56
CA ASP A 30 8.83 10.33 8.38
C ASP A 30 7.82 9.26 8.79
N LEU A 31 8.16 8.51 9.82
CA LEU A 31 7.28 7.45 10.30
C LEU A 31 5.93 8.03 10.73
N LEU A 32 5.98 9.15 11.46
CA LEU A 32 4.77 9.79 11.94
C LEU A 32 3.76 9.95 10.82
N LYS A 33 4.09 10.79 9.85
CA LYS A 33 3.19 11.06 8.73
C LYS A 33 3.07 9.84 7.84
N PHE A 34 4.21 9.33 7.37
CA PHE A 34 4.21 8.20 6.46
C PHE A 34 3.37 7.06 7.01
N PHE A 35 3.56 6.75 8.29
CA PHE A 35 2.85 5.65 8.92
C PHE A 35 1.37 5.96 9.04
N ASP A 36 1.06 7.19 9.44
CA ASP A 36 -0.33 7.61 9.59
C ASP A 36 -0.96 7.90 8.23
N PHE A 37 -0.11 8.15 7.24
CA PHE A 37 -0.61 8.46 5.90
C PHE A 37 -1.39 7.29 5.33
N VAL A 38 -0.82 6.09 5.42
CA VAL A 38 -1.48 4.90 4.91
C VAL A 38 -2.52 4.40 5.89
N LYS A 39 -2.26 4.58 7.18
CA LYS A 39 -3.18 4.14 8.22
C LYS A 39 -4.55 4.77 8.02
N ASP A 40 -4.57 6.00 7.50
CA ASP A 40 -5.82 6.71 7.28
C ASP A 40 -6.87 5.77 6.69
N THR A 41 -6.60 5.26 5.50
CA THR A 41 -7.54 4.37 4.83
C THR A 41 -6.92 2.98 4.66
N CYS A 42 -5.68 2.82 5.11
CA CYS A 42 -4.99 1.55 5.00
C CYS A 42 -5.28 0.91 3.64
N PRO A 43 -4.89 1.55 2.58
CA PRO A 43 -5.11 1.05 1.20
C PRO A 43 -4.22 -0.15 0.87
N TRP A 44 -3.17 -0.32 1.66
CA TRP A 44 -2.24 -1.42 1.42
C TRP A 44 -2.90 -2.77 1.74
N PHE A 45 -4.22 -2.82 1.56
CA PHE A 45 -4.96 -4.05 1.82
C PHE A 45 -4.66 -4.57 3.22
N PRO A 46 -5.46 -4.19 4.17
CA PRO A 46 -5.31 -4.64 5.60
C PRO A 46 -5.29 -6.15 5.72
N GLN A 47 -6.09 -6.82 4.89
CA GLN A 47 -6.18 -8.27 4.94
C GLN A 47 -5.09 -8.91 4.10
N GLU A 48 -4.87 -8.36 2.91
CA GLU A 48 -3.86 -8.91 2.00
C GLU A 48 -2.48 -8.34 2.33
N GLY A 49 -2.46 -7.24 3.06
CA GLY A 49 -1.20 -6.58 3.40
C GLY A 49 -0.28 -6.52 2.20
N THR A 50 -0.86 -6.57 1.00
CA THR A 50 -0.08 -6.54 -0.23
C THR A 50 -0.07 -5.13 -0.82
N ILE A 51 0.75 -4.93 -1.84
CA ILE A 51 0.82 -3.63 -2.51
C ILE A 51 -0.18 -3.56 -3.65
N ASP A 52 -0.80 -2.39 -3.82
CA ASP A 52 -1.78 -2.20 -4.87
C ASP A 52 -1.54 -0.88 -5.60
N ILE A 53 -1.30 -0.96 -6.90
CA ILE A 53 -1.05 0.24 -7.69
C ILE A 53 -2.34 1.02 -7.90
N LYS A 54 -3.44 0.31 -8.16
CA LYS A 54 -4.72 0.95 -8.43
C LYS A 54 -5.19 1.73 -7.20
N ARG A 55 -5.26 1.04 -6.06
CA ARG A 55 -5.71 1.69 -4.83
C ARG A 55 -4.72 2.75 -4.39
N TRP A 56 -3.44 2.50 -4.63
CA TRP A 56 -2.39 3.44 -4.25
C TRP A 56 -2.62 4.79 -4.91
N ARG A 57 -3.09 4.77 -6.15
CA ARG A 57 -3.38 6.01 -6.87
C ARG A 57 -4.56 6.75 -6.24
N ARG A 58 -5.56 5.99 -5.79
CA ARG A 58 -6.74 6.58 -5.18
C ARG A 58 -6.35 7.39 -3.95
N VAL A 59 -5.60 6.76 -3.04
CA VAL A 59 -5.18 7.43 -1.83
C VAL A 59 -4.26 8.61 -2.14
N GLY A 60 -3.41 8.43 -3.15
CA GLY A 60 -2.48 9.48 -3.54
C GLY A 60 -3.23 10.70 -4.08
N ASP A 61 -4.15 10.46 -5.00
CA ASP A 61 -4.93 11.54 -5.59
C ASP A 61 -5.89 12.12 -4.57
N CYS A 62 -6.46 11.25 -3.74
CA CYS A 62 -7.41 11.69 -2.72
C CYS A 62 -6.74 12.64 -1.73
N PHE A 63 -5.49 12.33 -1.37
CA PHE A 63 -4.76 13.16 -0.43
C PHE A 63 -4.13 14.35 -1.14
N GLN A 64 -3.59 14.11 -2.32
CA GLN A 64 -2.96 15.17 -3.10
C GLN A 64 -3.99 16.23 -3.49
N ASP A 65 -5.18 15.78 -3.86
CA ASP A 65 -6.25 16.70 -4.24
C ASP A 65 -6.68 17.55 -3.05
N TYR A 66 -6.98 16.88 -1.94
CA TYR A 66 -7.41 17.57 -0.74
C TYR A 66 -6.30 18.48 -0.21
N TYR A 67 -5.06 17.97 -0.24
CA TYR A 67 -3.92 18.74 0.24
C TYR A 67 -3.69 19.97 -0.64
N ASN A 68 -3.89 19.79 -1.95
CA ASN A 68 -3.67 20.88 -2.90
C ASN A 68 -4.60 22.05 -2.60
N THR A 69 -5.85 21.74 -2.27
CA THR A 69 -6.83 22.77 -2.00
C THR A 69 -6.26 23.82 -1.05
N PHE A 70 -5.22 23.43 -0.31
CA PHE A 70 -4.59 24.35 0.63
C PHE A 70 -3.47 25.13 -0.05
N GLY A 71 -3.46 25.10 -1.38
CA GLY A 71 -2.43 25.80 -2.14
C GLY A 71 -1.07 25.67 -1.46
N PRO A 72 -0.61 24.47 -1.29
CA PRO A 72 0.70 24.18 -0.63
C PRO A 72 1.88 24.43 -1.57
N GLU A 73 2.88 25.14 -1.08
CA GLU A 73 4.07 25.43 -1.89
C GLU A 73 5.11 24.32 -1.72
N LYS A 74 5.18 23.76 -0.52
CA LYS A 74 6.16 22.72 -0.23
C LYS A 74 5.95 21.53 -1.16
N VAL A 75 4.69 21.08 -1.27
CA VAL A 75 4.37 19.95 -2.12
C VAL A 75 5.60 19.05 -2.31
N PRO A 76 5.83 18.15 -1.40
CA PRO A 76 6.99 17.22 -1.46
C PRO A 76 6.98 16.39 -2.74
N VAL A 77 8.09 16.47 -3.48
CA VAL A 77 8.21 15.72 -4.73
C VAL A 77 8.63 14.29 -4.48
N THR A 78 9.27 14.06 -3.33
CA THR A 78 9.72 12.72 -2.97
C THR A 78 8.62 11.70 -3.24
N ALA A 79 7.37 12.16 -3.18
CA ALA A 79 6.23 11.27 -3.43
C ALA A 79 6.35 10.62 -4.80
N PHE A 80 6.98 11.33 -5.73
CA PHE A 80 7.14 10.81 -7.09
C PHE A 80 7.99 9.55 -7.09
N SER A 81 9.03 9.54 -6.25
CA SER A 81 9.93 8.40 -6.17
C SER A 81 9.20 7.18 -5.62
N TYR A 82 8.35 7.40 -4.64
CA TYR A 82 7.59 6.31 -4.04
C TYR A 82 6.84 5.52 -5.09
N TRP A 83 6.07 6.23 -5.91
CA TRP A 83 5.27 5.58 -6.95
C TRP A 83 6.16 4.81 -7.91
N ASN A 84 7.30 5.41 -8.27
CA ASN A 84 8.22 4.78 -9.21
C ASN A 84 8.83 3.53 -8.60
N LEU A 85 9.26 3.64 -7.34
CA LEU A 85 9.88 2.51 -6.65
C LEU A 85 8.86 1.40 -6.40
N ILE A 86 7.76 1.76 -5.75
CA ILE A 86 6.70 0.79 -5.46
C ILE A 86 6.16 0.17 -6.74
N LYS A 87 5.99 1.00 -7.76
CA LYS A 87 5.49 0.53 -9.05
C LYS A 87 6.26 -0.71 -9.50
N GLU A 88 7.59 -0.60 -9.49
CA GLU A 88 8.43 -1.70 -9.95
C GLU A 88 8.68 -2.68 -8.81
N LEU A 89 8.46 -2.22 -7.58
CA LEU A 89 8.71 -3.05 -6.40
C LEU A 89 7.93 -4.36 -6.49
N ILE A 90 6.67 -4.26 -6.92
CA ILE A 90 5.82 -5.43 -7.04
C ILE A 90 6.39 -6.41 -8.06
N ASP A 91 6.86 -5.87 -9.18
CA ASP A 91 7.43 -6.71 -10.24
C ASP A 91 8.73 -7.36 -9.77
N LYS A 92 9.23 -6.90 -8.63
CA LYS A 92 10.47 -7.45 -8.08
C LYS A 92 10.29 -8.91 -7.69
N LYS A 93 11.22 -9.75 -8.14
CA LYS A 93 11.15 -11.18 -7.84
C LYS A 93 11.14 -11.41 -6.33
N GLU A 94 11.80 -10.51 -5.60
CA GLU A 94 11.89 -10.63 -4.15
C GLU A 94 10.54 -10.32 -3.50
N VAL A 95 9.50 -11.02 -3.94
CA VAL A 95 8.17 -10.82 -3.39
C VAL A 95 8.01 -11.58 -2.08
N ASN A 96 6.83 -11.47 -1.47
CA ASN A 96 6.56 -12.15 -0.20
C ASN A 96 5.24 -12.89 -0.26
N PRO A 97 5.05 -13.82 0.63
CA PRO A 97 3.83 -14.69 0.64
C PRO A 97 2.59 -13.94 0.17
N GLN A 98 2.52 -12.66 0.51
CA GLN A 98 1.37 -11.84 0.12
C GLN A 98 1.00 -12.07 -1.34
N VAL A 99 1.91 -12.73 -2.08
CA VAL A 99 1.67 -13.00 -3.48
C VAL A 99 0.45 -13.92 -3.65
N MET A 100 0.40 -14.97 -2.85
CA MET A 100 -0.71 -15.91 -2.91
C MET A 100 -2.02 -15.24 -2.48
N ALA A 101 -1.91 -14.34 -1.50
CA ALA A 101 -3.08 -13.63 -1.01
C ALA A 101 -3.39 -12.41 -1.89
N ALA A 102 -2.39 -11.98 -2.63
CA ALA A 102 -2.55 -10.82 -3.52
C ALA A 102 -3.45 -11.18 -4.69
N VAL A 103 -3.13 -12.29 -5.36
CA VAL A 103 -3.93 -12.75 -6.49
C VAL A 103 -5.41 -12.78 -6.13
N ALA A 104 -5.70 -12.78 -4.83
CA ALA A 104 -7.08 -12.80 -4.36
C ALA A 104 -7.83 -11.57 -4.85
N GLN A 105 -7.16 -10.43 -4.83
CA GLN A 105 -7.77 -9.19 -5.27
C GLN A 105 -9.20 -9.08 -4.74
N THR A 106 -10.13 -8.68 -5.59
CA THR A 106 -11.53 -8.54 -5.19
C THR A 106 -12.11 -9.89 -4.78
N GLU A 107 -11.90 -10.89 -5.62
CA GLU A 107 -12.41 -12.23 -5.34
C GLU A 107 -11.39 -13.29 -5.74
N GLU A 108 -11.50 -14.48 -5.16
CA GLU A 108 -10.60 -15.56 -5.48
C GLU A 108 -10.99 -16.22 -6.80
N ILE A 109 -10.03 -16.32 -7.71
CA ILE A 109 -10.29 -16.93 -9.01
C ILE A 109 -10.86 -18.33 -8.84
N LEU A 110 -10.54 -18.96 -7.71
CA LEU A 110 -11.03 -20.30 -7.43
C LEU A 110 -12.55 -20.30 -7.33
N LYS A 111 -13.10 -19.27 -6.69
CA LYS A 111 -14.55 -19.15 -6.54
C LYS A 111 -15.21 -18.92 -7.90
N SER A 112 -14.60 -18.08 -8.71
CA SER A 112 -15.14 -17.77 -10.03
C SER A 112 -15.16 -19.01 -10.91
N ASN A 113 -14.07 -19.76 -10.89
CA ASN A 113 -13.97 -20.98 -11.68
C ASN A 113 -15.04 -21.99 -11.26
N SER A 114 -15.27 -22.08 -9.94
CA SER A 114 -16.26 -23.00 -9.41
C SER A 114 -16.66 -22.60 -8.00
N GLN A 115 -17.83 -23.05 -7.57
CA GLN A 115 -18.33 -22.73 -6.24
C GLN A 115 -18.15 -23.91 -5.30
N THR A 116 -17.33 -24.87 -5.70
CA THR A 116 -17.08 -26.05 -4.88
C THR A 116 -16.45 -25.66 -3.55
N ASP A 117 -15.46 -24.78 -3.61
CA ASP A 117 -14.77 -24.34 -2.41
C ASP A 117 -15.73 -23.57 -1.50
N LEU A 118 -16.58 -22.74 -2.10
CA LEU A 118 -17.54 -21.95 -1.33
C LEU A 118 -18.95 -22.24 -1.80
N GLU A 119 -19.80 -22.71 -0.88
CA GLU A 119 -21.18 -23.02 -1.22
C GLU A 119 -22.12 -21.97 -0.65
N HIS A 120 -23.01 -21.45 -1.49
CA HIS A 120 -23.96 -20.44 -1.05
C HIS A 120 -25.38 -20.99 -1.11
N HIS A 121 -26.09 -20.90 0.01
CA HIS A 121 -27.47 -21.37 0.08
C HIS A 121 -28.44 -20.21 0.28
N HIS A 122 -29.66 -20.36 -0.23
CA HIS A 122 -30.67 -19.33 -0.09
C HIS A 122 -31.21 -19.31 1.34
N HIS A 123 -31.32 -20.49 1.93
CA HIS A 123 -31.82 -20.61 3.30
C HIS A 123 -30.98 -19.75 4.25
N HIS A 124 -29.67 -19.75 4.03
CA HIS A 124 -28.77 -18.96 4.87
C HIS A 124 -29.00 -17.47 4.64
N HIS A 125 -29.25 -17.11 3.38
CA HIS A 125 -29.48 -15.71 3.03
C HIS A 125 -28.31 -14.84 3.50
C1 MYR A 1 -1.80 -9.24 12.06
O1 MYR A 1 -1.18 -10.29 12.03
C2 MYR A 1 -1.34 -8.21 11.21
C3 MYR A 1 -1.57 -8.55 9.73
C4 MYR A 1 -0.77 -7.63 8.81
C5 MYR A 1 0.31 -8.39 8.04
C6 MYR A 1 1.51 -7.49 7.76
C7 MYR A 1 1.29 -6.47 6.63
C8 MYR A 1 2.46 -5.52 6.37
C9 MYR A 1 2.11 -4.27 5.54
C10 MYR A 1 2.99 -4.14 4.28
C11 MYR A 1 3.06 -2.70 3.76
C12 MYR A 1 3.62 -2.65 2.33
C13 MYR A 1 2.70 -1.86 1.40
C14 MYR A 1 3.33 -0.56 0.95
H21 MYR A 1 -1.82 -7.36 11.44
H22 MYR A 1 -0.36 -8.08 11.36
H31 MYR A 1 -1.31 -9.49 9.56
H32 MYR A 1 -2.55 -8.44 9.52
H41 MYR A 1 -1.39 -7.18 8.17
H42 MYR A 1 -0.32 -6.93 9.38
H51 MYR A 1 0.61 -9.16 8.58
H52 MYR A 1 -0.07 -8.73 7.17
H61 MYR A 1 1.74 -6.99 8.59
H62 MYR A 1 2.28 -8.07 7.49
H71 MYR A 1 1.10 -6.97 5.79
H72 MYR A 1 0.48 -5.92 6.87
H81 MYR A 1 2.81 -5.21 7.26
H82 MYR A 1 3.18 -6.03 5.90
H91 MYR A 1 1.15 -4.34 5.25
H92 MYR A 1 2.22 -3.45 6.09
H101 MYR A 1 3.92 -4.44 4.51
H102 MYR A 1 2.62 -4.72 3.55
H111 MYR A 1 2.14 -2.30 3.76
H112 MYR A 1 3.65 -2.14 4.35
H121 MYR A 1 4.52 -2.21 2.34
H122 MYR A 1 3.70 -3.58 1.98
H131 MYR A 1 2.48 -2.42 0.60
H132 MYR A 1 1.83 -1.65 1.88
H141 MYR A 1 2.82 -0.18 0.18
H142 MYR A 1 3.33 0.10 1.70
H143 MYR A 1 4.28 -0.73 0.67
N GLY A 2 -2.09 -8.60 13.18
CA GLY A 2 -1.68 -9.12 14.48
C GLY A 2 -0.18 -8.96 14.69
N GLN A 3 0.48 -10.04 15.11
CA GLN A 3 1.91 -9.98 15.35
C GLN A 3 2.66 -9.59 14.08
N GLU A 4 2.17 -10.07 12.95
CA GLU A 4 2.78 -9.75 11.66
C GLU A 4 3.15 -8.28 11.60
N LEU A 5 2.52 -7.49 12.46
CA LEU A 5 2.78 -6.06 12.49
C LEU A 5 4.28 -5.78 12.34
N SER A 6 5.09 -6.70 12.85
CA SER A 6 6.54 -6.55 12.76
C SER A 6 6.99 -6.53 11.30
N GLN A 7 6.30 -7.31 10.47
CA GLN A 7 6.63 -7.37 9.05
C GLN A 7 6.66 -5.97 8.46
N HIS A 8 5.68 -5.14 8.84
CA HIS A 8 5.61 -3.79 8.34
C HIS A 8 6.81 -2.98 8.83
N GLU A 9 7.14 -3.13 10.10
CA GLU A 9 8.28 -2.41 10.68
C GLU A 9 9.53 -2.67 9.85
N ARG A 10 9.55 -3.80 9.15
CA ARG A 10 10.70 -4.15 8.32
C ARG A 10 10.63 -3.44 6.99
N TYR A 11 9.48 -3.57 6.31
CA TYR A 11 9.31 -2.92 5.02
C TYR A 11 9.46 -1.41 5.15
N VAL A 12 9.00 -0.87 6.27
CA VAL A 12 9.10 0.58 6.49
C VAL A 12 10.56 1.01 6.61
N GLU A 13 11.28 0.41 7.55
CA GLU A 13 12.70 0.76 7.74
C GLU A 13 13.55 0.27 6.59
N GLN A 14 13.14 -0.84 5.98
CA GLN A 14 13.89 -1.41 4.88
C GLN A 14 13.65 -0.63 3.60
N LEU A 15 12.47 -0.78 3.03
CA LEU A 15 12.15 -0.09 1.78
C LEU A 15 12.70 1.33 1.82
N LYS A 16 12.51 2.01 2.94
CA LYS A 16 13.01 3.36 3.07
C LYS A 16 14.53 3.39 2.97
N GLN A 17 15.19 2.45 3.63
CA GLN A 17 16.65 2.41 3.61
C GLN A 17 17.16 2.49 2.16
N ALA A 18 16.62 1.63 1.31
CA ALA A 18 17.04 1.63 -0.08
C ALA A 18 16.73 2.98 -0.71
N LEU A 19 15.47 3.36 -0.67
CA LEU A 19 15.07 4.65 -1.26
C LEU A 19 16.10 5.72 -0.92
N LYS A 20 16.49 5.79 0.33
CA LYS A 20 17.47 6.79 0.75
C LYS A 20 18.66 6.74 -0.18
N THR A 21 18.99 5.55 -0.66
CA THR A 21 20.11 5.40 -1.58
C THR A 21 19.88 6.20 -2.86
N ARG A 22 18.62 6.31 -3.28
CA ARG A 22 18.28 7.02 -4.50
C ARG A 22 18.41 8.52 -4.29
N GLY A 23 19.01 8.90 -3.18
CA GLY A 23 19.20 10.32 -2.85
C GLY A 23 18.09 10.83 -1.95
N VAL A 24 17.09 9.98 -1.72
CA VAL A 24 15.97 10.36 -0.88
C VAL A 24 16.40 10.46 0.58
N LYS A 25 15.54 11.03 1.43
CA LYS A 25 15.85 11.17 2.84
C LYS A 25 14.77 10.49 3.68
N VAL A 26 15.20 9.66 4.64
CA VAL A 26 14.25 8.95 5.51
C VAL A 26 14.50 9.31 6.97
N LYS A 27 13.64 10.17 7.50
CA LYS A 27 13.75 10.61 8.90
C LYS A 27 12.61 10.04 9.74
N TYR A 28 12.76 10.09 11.05
CA TYR A 28 11.73 9.57 11.94
C TYR A 28 10.39 10.23 11.65
N ALA A 29 10.44 11.52 11.33
CA ALA A 29 9.23 12.28 11.02
C ALA A 29 8.47 11.67 9.85
N ASP A 30 9.19 10.91 9.03
CA ASP A 30 8.59 10.25 7.86
C ASP A 30 7.69 9.11 8.30
N LEU A 31 8.11 8.41 9.34
CA LEU A 31 7.32 7.28 9.85
C LEU A 31 6.02 7.79 10.46
N LEU A 32 6.10 8.89 11.17
CA LEU A 32 4.90 9.43 11.81
C LEU A 32 3.84 9.79 10.77
N LYS A 33 4.28 10.34 9.66
CA LYS A 33 3.35 10.73 8.60
C LYS A 33 3.04 9.58 7.67
N PHE A 34 4.07 8.90 7.20
CA PHE A 34 3.88 7.77 6.29
C PHE A 34 3.07 6.64 6.91
N PHE A 35 3.32 6.39 8.18
CA PHE A 35 2.59 5.35 8.89
C PHE A 35 1.18 5.81 9.24
N ASP A 36 1.08 6.99 9.87
CA ASP A 36 -0.22 7.52 10.27
C ASP A 36 -1.09 7.81 9.04
N PHE A 37 -0.44 8.16 7.94
CA PHE A 37 -1.15 8.47 6.70
C PHE A 37 -1.96 7.28 6.23
N VAL A 38 -1.34 6.11 6.18
CA VAL A 38 -2.06 4.92 5.74
C VAL A 38 -3.13 4.53 6.75
N LYS A 39 -2.86 4.74 8.02
CA LYS A 39 -3.83 4.41 9.06
C LYS A 39 -5.18 5.06 8.77
N ASP A 40 -5.15 6.24 8.19
CA ASP A 40 -6.40 6.94 7.88
C ASP A 40 -7.41 6.02 7.22
N THR A 41 -7.08 5.52 6.02
CA THR A 41 -7.98 4.63 5.30
C THR A 41 -7.40 3.22 5.20
N CYS A 42 -6.08 3.12 5.29
CA CYS A 42 -5.39 1.84 5.20
C CYS A 42 -5.75 1.13 3.89
N PRO A 43 -5.63 1.82 2.77
CA PRO A 43 -5.95 1.24 1.44
C PRO A 43 -4.85 0.34 0.92
N TRP A 44 -3.64 0.52 1.43
CA TRP A 44 -2.50 -0.28 1.01
C TRP A 44 -2.62 -1.71 1.50
N PHE A 45 -3.84 -2.15 1.77
CA PHE A 45 -4.07 -3.50 2.25
C PHE A 45 -3.00 -3.90 3.25
N PRO A 46 -3.08 -3.39 4.45
CA PRO A 46 -2.09 -3.69 5.52
C PRO A 46 -2.31 -5.08 6.11
N GLN A 47 -3.44 -5.70 5.79
CA GLN A 47 -3.73 -7.03 6.32
C GLN A 47 -2.74 -8.06 5.77
N GLU A 48 -2.67 -8.15 4.44
CA GLU A 48 -1.74 -9.09 3.81
C GLU A 48 -0.43 -8.37 3.47
N GLY A 49 -0.46 -7.04 3.51
CA GLY A 49 0.74 -6.26 3.18
C GLY A 49 1.14 -6.44 1.73
N THR A 50 0.35 -5.87 0.82
CA THR A 50 0.62 -5.96 -0.61
C THR A 50 0.68 -4.59 -1.23
N ILE A 51 1.14 -4.52 -2.48
CA ILE A 51 1.24 -3.26 -3.18
C ILE A 51 0.25 -3.22 -4.33
N ASP A 52 -0.35 -2.05 -4.57
CA ASP A 52 -1.30 -1.91 -5.66
C ASP A 52 -1.17 -0.52 -6.29
N ILE A 53 -0.89 -0.50 -7.58
CA ILE A 53 -0.73 0.75 -8.32
C ILE A 53 -2.08 1.45 -8.51
N LYS A 54 -3.11 0.67 -8.80
CA LYS A 54 -4.44 1.23 -9.01
C LYS A 54 -5.00 1.89 -7.75
N ARG A 55 -5.09 1.13 -6.68
CA ARG A 55 -5.61 1.65 -5.43
C ARG A 55 -4.68 2.75 -4.90
N TRP A 56 -3.39 2.57 -5.10
CA TRP A 56 -2.43 3.55 -4.62
C TRP A 56 -2.71 4.92 -5.21
N ARG A 57 -3.06 4.94 -6.50
CA ARG A 57 -3.35 6.19 -7.18
C ARG A 57 -4.59 6.85 -6.58
N ARG A 58 -5.58 6.03 -6.24
CA ARG A 58 -6.82 6.56 -5.67
C ARG A 58 -6.55 7.33 -4.39
N VAL A 59 -5.86 6.69 -3.44
CA VAL A 59 -5.53 7.35 -2.18
C VAL A 59 -4.60 8.53 -2.41
N GLY A 60 -3.69 8.39 -3.36
CA GLY A 60 -2.74 9.46 -3.65
C GLY A 60 -3.45 10.72 -4.14
N ASP A 61 -4.28 10.58 -5.17
CA ASP A 61 -5.00 11.72 -5.72
C ASP A 61 -6.09 12.20 -4.77
N CYS A 62 -6.73 11.25 -4.10
CA CYS A 62 -7.79 11.58 -3.15
C CYS A 62 -7.27 12.42 -1.99
N PHE A 63 -6.08 12.08 -1.51
CA PHE A 63 -5.49 12.82 -0.41
C PHE A 63 -4.72 14.03 -0.92
N GLN A 64 -3.92 13.84 -1.95
CA GLN A 64 -3.14 14.93 -2.50
C GLN A 64 -4.03 16.05 -3.00
N ASP A 65 -5.26 15.69 -3.39
CA ASP A 65 -6.20 16.68 -3.88
C ASP A 65 -6.81 17.46 -2.72
N TYR A 66 -7.44 16.76 -1.79
CA TYR A 66 -8.05 17.43 -0.64
C TYR A 66 -7.00 18.09 0.24
N TYR A 67 -5.89 17.42 0.44
CA TYR A 67 -4.82 17.95 1.27
C TYR A 67 -4.25 19.25 0.68
N ASN A 68 -3.98 19.23 -0.63
CA ASN A 68 -3.43 20.40 -1.30
C ASN A 68 -4.45 21.55 -1.26
N THR A 69 -5.73 21.23 -1.44
CA THR A 69 -6.77 22.26 -1.44
C THR A 69 -6.75 23.02 -0.13
N PHE A 70 -6.25 22.38 0.92
CA PHE A 70 -6.18 23.02 2.22
C PHE A 70 -4.73 23.20 2.64
N GLY A 71 -3.83 22.91 1.71
CA GLY A 71 -2.40 23.03 2.00
C GLY A 71 -1.62 23.42 0.74
N PRO A 72 -0.33 23.18 0.74
CA PRO A 72 0.56 23.52 -0.42
C PRO A 72 0.21 22.68 -1.65
N GLU A 73 0.27 23.30 -2.83
CA GLU A 73 -0.04 22.59 -4.06
C GLU A 73 1.18 21.81 -4.53
N LYS A 74 2.36 22.40 -4.33
CA LYS A 74 3.60 21.76 -4.76
C LYS A 74 3.92 20.59 -3.87
N VAL A 75 3.81 20.83 -2.56
CA VAL A 75 4.07 19.81 -1.56
C VAL A 75 5.36 19.02 -1.86
N PRO A 76 5.84 18.21 -0.95
CA PRO A 76 7.06 17.41 -1.21
C PRO A 76 6.90 16.52 -2.45
N VAL A 77 7.80 16.66 -3.39
CA VAL A 77 7.78 15.86 -4.63
C VAL A 77 8.47 14.51 -4.42
N THR A 78 9.21 14.39 -3.33
CA THR A 78 9.94 13.16 -3.05
C THR A 78 9.04 11.95 -3.28
N ALA A 79 7.74 12.16 -3.18
CA ALA A 79 6.76 11.11 -3.40
C ALA A 79 6.91 10.51 -4.81
N PHE A 80 7.59 11.24 -5.67
CA PHE A 80 7.82 10.80 -7.04
C PHE A 80 8.73 9.56 -7.07
N SER A 81 9.78 9.57 -6.25
CA SER A 81 10.72 8.46 -6.21
C SER A 81 10.02 7.19 -5.77
N TYR A 82 9.11 7.32 -4.81
CA TYR A 82 8.38 6.16 -4.31
C TYR A 82 7.61 5.50 -5.42
N TRP A 83 6.85 6.27 -6.17
CA TRP A 83 6.05 5.71 -7.26
C TRP A 83 6.92 5.00 -8.27
N ASN A 84 8.08 5.58 -8.57
CA ASN A 84 9.00 4.97 -9.52
C ASN A 84 9.53 3.63 -9.02
N LEU A 85 9.96 3.59 -7.76
CA LEU A 85 10.49 2.37 -7.21
C LEU A 85 9.39 1.34 -7.03
N ILE A 86 8.32 1.73 -6.35
CA ILE A 86 7.22 0.80 -6.13
C ILE A 86 6.65 0.33 -7.45
N LYS A 87 6.65 1.20 -8.43
CA LYS A 87 6.12 0.86 -9.73
C LYS A 87 6.86 -0.34 -10.31
N GLU A 88 8.17 -0.30 -10.21
CA GLU A 88 8.99 -1.38 -10.71
C GLU A 88 9.13 -2.49 -9.69
N LEU A 89 8.83 -2.18 -8.44
CA LEU A 89 9.00 -3.15 -7.38
C LEU A 89 8.08 -4.33 -7.57
N ILE A 90 6.83 -4.04 -7.94
CA ILE A 90 5.86 -5.09 -8.14
C ILE A 90 6.31 -6.01 -9.26
N ASP A 91 6.81 -5.41 -10.35
CA ASP A 91 7.25 -6.18 -11.50
C ASP A 91 8.15 -7.32 -11.07
N LYS A 92 8.94 -7.10 -10.03
CA LYS A 92 9.83 -8.13 -9.54
C LYS A 92 9.03 -9.27 -8.91
N LYS A 93 9.46 -10.50 -9.19
CA LYS A 93 8.77 -11.68 -8.65
C LYS A 93 9.42 -12.12 -7.33
N GLU A 94 10.48 -11.44 -6.95
CA GLU A 94 11.19 -11.77 -5.72
C GLU A 94 10.58 -11.04 -4.54
N VAL A 95 9.37 -10.50 -4.74
CA VAL A 95 8.70 -9.77 -3.68
C VAL A 95 7.47 -10.53 -3.19
N ASN A 96 7.66 -11.39 -2.19
CA ASN A 96 6.53 -12.14 -1.65
C ASN A 96 6.41 -11.93 -0.15
N PRO A 97 5.87 -10.80 0.26
CA PRO A 97 5.67 -10.48 1.70
C PRO A 97 4.43 -11.17 2.27
N GLN A 98 3.46 -11.38 1.39
CA GLN A 98 2.21 -12.01 1.78
C GLN A 98 2.49 -13.29 2.54
N VAL A 99 3.66 -13.86 2.33
CA VAL A 99 4.00 -15.11 3.00
C VAL A 99 3.58 -15.10 4.48
N MET A 100 4.22 -14.25 5.26
CA MET A 100 3.90 -14.15 6.69
C MET A 100 2.68 -13.27 6.95
N ALA A 101 2.62 -12.15 6.24
CA ALA A 101 1.52 -11.21 6.39
C ALA A 101 0.17 -11.86 6.11
N ALA A 102 0.19 -13.00 5.44
CA ALA A 102 -1.03 -13.74 5.10
C ALA A 102 -1.36 -14.75 6.18
N VAL A 103 -0.46 -14.87 7.16
CA VAL A 103 -0.66 -15.81 8.27
C VAL A 103 -1.66 -15.24 9.28
N ALA A 104 -2.05 -13.99 9.07
CA ALA A 104 -2.99 -13.33 9.98
C ALA A 104 -4.34 -14.04 9.99
N GLN A 105 -4.71 -14.59 8.84
CA GLN A 105 -5.98 -15.30 8.68
C GLN A 105 -7.02 -14.76 9.65
N THR A 106 -7.76 -13.75 9.21
CA THR A 106 -8.78 -13.15 10.07
C THR A 106 -10.06 -13.99 10.07
N GLU A 107 -10.95 -13.69 11.00
CA GLU A 107 -12.20 -14.44 11.10
C GLU A 107 -13.39 -13.48 11.27
N GLU A 108 -14.57 -13.93 10.86
CA GLU A 108 -15.76 -13.10 10.99
C GLU A 108 -16.17 -12.98 12.44
N ILE A 109 -16.40 -11.77 12.90
CA ILE A 109 -16.80 -11.55 14.27
C ILE A 109 -18.03 -12.37 14.62
N LEU A 110 -18.81 -12.71 13.61
CA LEU A 110 -20.01 -13.50 13.81
C LEU A 110 -19.67 -14.87 14.36
N LYS A 111 -18.60 -15.46 13.82
CA LYS A 111 -18.15 -16.78 14.25
C LYS A 111 -17.63 -16.72 15.68
N SER A 112 -16.92 -15.65 16.01
CA SER A 112 -16.37 -15.49 17.33
C SER A 112 -17.47 -15.48 18.39
N ASN A 113 -18.53 -14.72 18.12
CA ASN A 113 -19.65 -14.64 19.05
C ASN A 113 -20.37 -15.97 19.12
N SER A 114 -20.57 -16.58 17.97
CA SER A 114 -21.26 -17.87 17.90
C SER A 114 -20.90 -18.61 16.62
N GLN A 115 -20.60 -19.90 16.74
CA GLN A 115 -20.25 -20.70 15.56
C GLN A 115 -21.50 -21.27 14.91
N THR A 116 -22.58 -20.51 14.93
CA THR A 116 -23.83 -20.95 14.33
C THR A 116 -23.72 -21.02 12.81
N ASP A 117 -23.04 -20.05 12.22
CA ASP A 117 -22.87 -20.00 10.78
C ASP A 117 -22.11 -21.24 10.30
N LEU A 118 -21.02 -21.56 10.98
CA LEU A 118 -20.23 -22.73 10.63
C LEU A 118 -19.88 -23.54 11.86
N GLU A 119 -19.85 -24.86 11.73
CA GLU A 119 -19.53 -25.74 12.85
C GLU A 119 -18.30 -26.56 12.54
N HIS A 120 -17.89 -27.41 13.49
CA HIS A 120 -16.72 -28.26 13.30
C HIS A 120 -17.10 -29.73 13.45
N HIS A 121 -16.56 -30.56 12.57
CA HIS A 121 -16.84 -31.99 12.60
C HIS A 121 -15.62 -32.76 13.09
N HIS A 122 -15.84 -33.68 14.02
CA HIS A 122 -14.75 -34.50 14.56
C HIS A 122 -14.89 -35.94 14.11
N HIS A 123 -13.76 -36.54 13.73
CA HIS A 123 -13.74 -37.92 13.26
C HIS A 123 -12.68 -38.72 13.99
N HIS A 124 -12.95 -40.00 14.21
CA HIS A 124 -12.00 -40.87 14.90
C HIS A 124 -10.74 -41.05 14.06
N HIS A 125 -10.91 -41.22 12.76
CA HIS A 125 -9.78 -41.40 11.86
C HIS A 125 -9.81 -40.36 10.74
C1 MYR A 1 3.99 -13.49 8.22
O1 MYR A 1 4.82 -12.75 8.75
C2 MYR A 1 4.20 -13.79 6.86
C3 MYR A 1 4.02 -12.55 5.98
C4 MYR A 1 3.04 -12.78 4.82
C5 MYR A 1 3.37 -11.92 3.60
C6 MYR A 1 4.04 -10.61 4.03
C7 MYR A 1 3.41 -9.35 3.43
C8 MYR A 1 4.41 -8.29 2.95
C9 MYR A 1 3.87 -6.85 2.96
C10 MYR A 1 4.96 -5.81 2.67
C11 MYR A 1 4.40 -4.52 2.04
C12 MYR A 1 5.47 -3.43 1.97
C13 MYR A 1 5.56 -2.82 0.57
C14 MYR A 1 5.50 -1.30 0.62
H21 MYR A 1 5.12 -14.14 6.74
H22 MYR A 1 3.54 -14.48 6.56
H31 MYR A 1 3.68 -11.79 6.53
H32 MYR A 1 4.91 -12.29 5.59
H41 MYR A 1 3.07 -13.75 4.56
H42 MYR A 1 2.10 -12.56 5.13
H51 MYR A 1 3.99 -12.43 3.01
H52 MYR A 1 2.52 -11.71 3.09
H61 MYR A 1 4.00 -10.53 5.03
H62 MYR A 1 5.00 -10.63 3.74
H71 MYR A 1 2.84 -9.62 2.65
H72 MYR A 1 2.84 -8.92 4.13
H81 MYR A 1 5.23 -8.33 3.53
H82 MYR A 1 4.68 -8.51 2.01
H91 MYR A 1 3.16 -6.77 2.28
H92 MYR A 1 3.49 -6.65 3.87
H101 MYR A 1 5.42 -5.58 3.52
H102 MYR A 1 5.62 -6.21 2.04
H111 MYR A 1 4.07 -4.72 1.12
H112 MYR A 1 3.63 -4.19 2.58
H121 MYR A 1 5.26 -2.71 2.63
H122 MYR A 1 6.37 -3.82 2.21
H131 MYR A 1 6.42 -3.10 0.15
H132 MYR A 1 4.81 -3.15 0.01
H141 MYR A 1 4.57 -0.99 0.38
H142 MYR A 1 5.73 -0.99 1.54
H143 MYR A 1 6.16 -0.91 -0.03
N GLY A 2 2.69 -13.29 8.30
CA GLY A 2 2.14 -12.17 9.05
C GLY A 2 1.49 -11.17 8.10
N GLN A 3 0.26 -11.47 7.66
CA GLN A 3 -0.44 -10.58 6.75
C GLN A 3 -0.24 -9.13 7.14
N GLU A 4 -0.65 -8.79 8.35
CA GLU A 4 -0.51 -7.42 8.84
C GLU A 4 0.87 -7.21 9.42
N LEU A 5 1.15 -7.89 10.49
CA LEU A 5 2.44 -7.70 11.17
C LEU A 5 3.55 -7.53 10.16
N SER A 6 3.82 -8.58 9.39
CA SER A 6 4.91 -8.53 8.45
C SER A 6 4.91 -7.21 7.71
N GLN A 7 3.74 -6.78 7.27
CA GLN A 7 3.62 -5.53 6.55
C GLN A 7 4.35 -4.42 7.30
N HIS A 8 3.93 -4.15 8.53
CA HIS A 8 4.56 -3.10 9.32
C HIS A 8 6.07 -3.28 9.39
N GLU A 9 6.51 -4.51 9.56
CA GLU A 9 7.93 -4.80 9.65
C GLU A 9 8.66 -4.50 8.35
N ARG A 10 8.30 -5.22 7.29
CA ARG A 10 8.96 -5.03 6.00
C ARG A 10 8.65 -3.66 5.43
N TYR A 11 7.38 -3.27 5.47
CA TYR A 11 6.98 -1.97 4.94
C TYR A 11 7.87 -0.87 5.49
N VAL A 12 7.95 -0.76 6.80
CA VAL A 12 8.76 0.27 7.40
C VAL A 12 10.23 0.14 7.01
N GLU A 13 10.85 -0.96 7.37
CA GLU A 13 12.26 -1.15 7.07
C GLU A 13 12.55 -1.05 5.57
N GLN A 14 11.75 -1.74 4.79
CA GLN A 14 11.94 -1.74 3.34
C GLN A 14 11.64 -0.39 2.73
N LEU A 15 10.35 -0.08 2.62
CA LEU A 15 9.92 1.17 2.00
C LEU A 15 10.87 2.32 2.40
N LYS A 16 11.15 2.43 3.69
CA LYS A 16 12.07 3.46 4.17
C LYS A 16 13.46 3.25 3.58
N GLN A 17 13.87 1.99 3.48
CA GLN A 17 15.19 1.67 2.92
C GLN A 17 15.20 1.96 1.42
N ALA A 18 14.32 1.28 0.70
CA ALA A 18 14.25 1.46 -0.74
C ALA A 18 14.30 2.94 -1.09
N LEU A 19 13.98 3.78 -0.12
CA LEU A 19 14.04 5.22 -0.32
C LEU A 19 15.44 5.77 -0.08
N LYS A 20 16.01 5.42 1.07
CA LYS A 20 17.36 5.90 1.42
C LYS A 20 18.30 5.80 0.23
N THR A 21 18.20 4.70 -0.50
CA THR A 21 19.06 4.49 -1.65
C THR A 21 18.83 5.58 -2.70
N ARG A 22 17.61 6.10 -2.74
CA ARG A 22 17.30 7.16 -3.70
C ARG A 22 17.78 8.53 -3.20
N GLY A 23 18.63 8.51 -2.18
CA GLY A 23 19.17 9.76 -1.63
C GLY A 23 18.24 10.34 -0.57
N VAL A 24 17.46 9.48 0.06
CA VAL A 24 16.52 9.93 1.09
C VAL A 24 17.07 9.64 2.47
N LYS A 25 16.43 10.19 3.50
CA LYS A 25 16.86 9.98 4.87
C LYS A 25 15.81 9.19 5.65
N VAL A 26 16.28 8.40 6.61
CA VAL A 26 15.37 7.59 7.44
C VAL A 26 15.35 8.10 8.87
N LYS A 27 14.46 9.06 9.13
CA LYS A 27 14.34 9.63 10.47
C LYS A 27 13.02 9.20 11.13
N TYR A 28 12.94 9.35 12.44
CA TYR A 28 11.74 8.99 13.17
C TYR A 28 10.56 9.87 12.74
N ALA A 29 10.84 11.15 12.51
CA ALA A 29 9.81 12.10 12.10
C ALA A 29 9.11 11.64 10.82
N ASP A 30 9.82 10.85 10.02
CA ASP A 30 9.26 10.36 8.77
C ASP A 30 8.22 9.28 9.03
N LEU A 31 8.48 8.43 10.00
CA LEU A 31 7.54 7.36 10.33
C LEU A 31 6.22 7.96 10.83
N LEU A 32 6.30 8.97 11.64
CA LEU A 32 5.07 9.56 12.17
C LEU A 32 4.07 9.86 11.04
N LYS A 33 4.51 10.63 10.06
CA LYS A 33 3.64 11.01 8.95
C LYS A 33 3.44 9.84 7.98
N PHE A 34 4.54 9.25 7.54
CA PHE A 34 4.47 8.14 6.58
C PHE A 34 3.68 6.95 7.12
N PHE A 35 3.88 6.65 8.40
CA PHE A 35 3.15 5.55 9.04
C PHE A 35 1.66 5.92 9.15
N ASP A 36 1.39 7.15 9.62
CA ASP A 36 0.01 7.62 9.80
C ASP A 36 -0.65 7.88 8.46
N PHE A 37 0.17 8.08 7.43
CA PHE A 37 -0.33 8.37 6.09
C PHE A 37 -1.09 7.16 5.54
N VAL A 38 -0.40 6.03 5.46
CA VAL A 38 -1.04 4.81 4.93
C VAL A 38 -2.07 4.26 5.92
N LYS A 39 -1.75 4.33 7.21
CA LYS A 39 -2.66 3.82 8.24
C LYS A 39 -4.04 4.45 8.10
N ASP A 40 -4.08 5.71 7.68
CA ASP A 40 -5.35 6.40 7.52
C ASP A 40 -6.39 5.49 6.88
N THR A 41 -6.12 5.06 5.66
CA THR A 41 -7.05 4.18 4.94
C THR A 41 -6.42 2.80 4.70
N CYS A 42 -5.19 2.62 5.19
CA CYS A 42 -4.47 1.37 5.00
C CYS A 42 -4.77 0.77 3.63
N PRO A 43 -4.41 1.47 2.57
CA PRO A 43 -4.65 1.03 1.18
C PRO A 43 -3.75 -0.15 0.79
N TRP A 44 -2.72 -0.38 1.58
CA TRP A 44 -1.78 -1.47 1.30
C TRP A 44 -2.43 -2.83 1.53
N PHE A 45 -3.75 -2.87 1.47
CA PHE A 45 -4.48 -4.11 1.68
C PHE A 45 -4.05 -4.75 3.00
N PRO A 46 -4.73 -4.45 4.09
CA PRO A 46 -4.38 -5.02 5.43
C PRO A 46 -4.77 -6.48 5.56
N GLN A 47 -5.47 -7.00 4.55
CA GLN A 47 -5.90 -8.39 4.59
C GLN A 47 -4.78 -9.32 4.14
N GLU A 48 -4.29 -9.10 2.93
CA GLU A 48 -3.20 -9.90 2.37
C GLU A 48 -1.85 -9.25 2.65
N GLY A 49 -1.88 -7.97 2.99
CA GLY A 49 -0.65 -7.23 3.27
C GLY A 49 0.22 -7.15 2.01
N THR A 50 -0.20 -6.32 1.05
CA THR A 50 0.53 -6.17 -0.19
C THR A 50 0.35 -4.78 -0.77
N ILE A 51 1.14 -4.45 -1.79
CA ILE A 51 1.04 -3.14 -2.43
C ILE A 51 -0.01 -3.18 -3.53
N ASP A 52 -0.62 -2.03 -3.80
CA ASP A 52 -1.64 -1.95 -4.85
C ASP A 52 -1.49 -0.64 -5.62
N ILE A 53 -1.30 -0.76 -6.93
CA ILE A 53 -1.15 0.40 -7.80
C ILE A 53 -2.46 1.16 -7.94
N LYS A 54 -3.55 0.41 -8.09
CA LYS A 54 -4.87 1.02 -8.27
C LYS A 54 -5.28 1.84 -7.04
N ARG A 55 -5.25 1.20 -5.87
CA ARG A 55 -5.60 1.89 -4.63
C ARG A 55 -4.59 2.98 -4.32
N TRP A 56 -3.32 2.72 -4.64
CA TRP A 56 -2.27 3.69 -4.36
C TRP A 56 -2.60 5.03 -5.02
N ARG A 57 -3.18 4.96 -6.21
CA ARG A 57 -3.55 6.17 -6.93
C ARG A 57 -4.69 6.88 -6.20
N ARG A 58 -5.65 6.10 -5.69
CA ARG A 58 -6.78 6.67 -4.98
C ARG A 58 -6.33 7.48 -3.75
N VAL A 59 -5.48 6.87 -2.93
CA VAL A 59 -4.97 7.55 -1.73
C VAL A 59 -4.09 8.73 -2.12
N GLY A 60 -3.23 8.52 -3.12
CA GLY A 60 -2.33 9.58 -3.57
C GLY A 60 -3.11 10.78 -4.07
N ASP A 61 -4.08 10.53 -4.94
CA ASP A 61 -4.91 11.60 -5.49
C ASP A 61 -5.82 12.20 -4.42
N CYS A 62 -6.37 11.34 -3.57
CA CYS A 62 -7.27 11.79 -2.52
C CYS A 62 -6.59 12.83 -1.63
N PHE A 63 -5.34 12.57 -1.28
CA PHE A 63 -4.59 13.50 -0.45
C PHE A 63 -4.13 14.71 -1.28
N GLN A 64 -3.79 14.46 -2.54
CA GLN A 64 -3.33 15.54 -3.42
C GLN A 64 -4.41 16.58 -3.60
N ASP A 65 -5.61 16.13 -3.91
CA ASP A 65 -6.73 17.05 -4.11
C ASP A 65 -7.00 17.86 -2.84
N TYR A 66 -7.13 17.16 -1.71
CA TYR A 66 -7.39 17.83 -0.44
C TYR A 66 -6.26 18.78 -0.08
N TYR A 67 -5.03 18.31 -0.25
CA TYR A 67 -3.87 19.13 0.06
C TYR A 67 -3.82 20.37 -0.83
N ASN A 68 -4.22 20.19 -2.10
CA ASN A 68 -4.22 21.29 -3.04
C ASN A 68 -5.17 22.42 -2.60
N THR A 69 -6.32 22.05 -2.07
CA THR A 69 -7.30 23.04 -1.62
C THR A 69 -6.64 24.08 -0.72
N PHE A 70 -5.60 23.67 -0.02
CA PHE A 70 -4.91 24.59 0.87
C PHE A 70 -3.96 25.49 0.07
N GLY A 71 -4.12 25.50 -1.25
CA GLY A 71 -3.27 26.31 -2.11
C GLY A 71 -1.83 26.27 -1.64
N PRO A 72 -1.24 25.10 -1.57
CA PRO A 72 0.17 24.92 -1.12
C PRO A 72 1.17 25.26 -2.22
N GLU A 73 2.16 26.07 -1.87
CA GLU A 73 3.18 26.46 -2.83
C GLU A 73 4.32 25.45 -2.85
N LYS A 74 4.60 24.89 -1.69
CA LYS A 74 5.69 23.93 -1.56
C LYS A 74 5.43 22.70 -2.42
N VAL A 75 4.21 22.17 -2.36
CA VAL A 75 3.83 20.98 -3.13
C VAL A 75 5.04 20.08 -3.38
N PRO A 76 5.42 19.28 -2.41
CA PRO A 76 6.60 18.39 -2.55
C PRO A 76 6.49 17.49 -3.76
N VAL A 77 7.49 17.52 -4.61
CA VAL A 77 7.51 16.69 -5.82
C VAL A 77 7.99 15.28 -5.50
N THR A 78 8.66 15.13 -4.37
CA THR A 78 9.19 13.83 -3.97
C THR A 78 8.17 12.73 -4.25
N ALA A 79 6.89 13.11 -4.28
CA ALA A 79 5.83 12.16 -4.54
C ALA A 79 6.06 11.41 -5.85
N PHE A 80 6.82 12.04 -6.74
CA PHE A 80 7.14 11.45 -8.03
C PHE A 80 8.04 10.23 -7.86
N SER A 81 9.01 10.33 -6.95
CA SER A 81 9.93 9.22 -6.70
C SER A 81 9.19 8.00 -6.18
N TYR A 82 8.24 8.23 -5.28
CA TYR A 82 7.48 7.13 -4.70
C TYR A 82 6.75 6.35 -5.79
N TRP A 83 6.09 7.06 -6.68
CA TRP A 83 5.37 6.40 -7.77
C TRP A 83 6.31 5.50 -8.56
N ASN A 84 7.46 6.04 -8.94
CA ASN A 84 8.44 5.28 -9.71
C ASN A 84 9.04 4.14 -8.89
N LEU A 85 9.31 4.40 -7.62
CA LEU A 85 9.90 3.41 -6.75
C LEU A 85 8.93 2.27 -6.49
N ILE A 86 7.83 2.58 -5.81
CA ILE A 86 6.84 1.57 -5.50
C ILE A 86 6.42 0.83 -6.76
N LYS A 87 6.44 1.55 -7.87
CA LYS A 87 6.05 0.98 -9.15
C LYS A 87 6.92 -0.20 -9.51
N GLU A 88 8.22 -0.09 -9.28
CA GLU A 88 9.12 -1.18 -9.58
C GLU A 88 9.17 -2.20 -8.45
N LEU A 89 8.74 -1.79 -7.26
CA LEU A 89 8.82 -2.68 -6.12
C LEU A 89 7.98 -3.92 -6.37
N ILE A 90 6.78 -3.71 -6.85
CA ILE A 90 5.89 -4.85 -7.11
C ILE A 90 6.47 -5.75 -8.20
N ASP A 91 7.01 -5.12 -9.25
CA ASP A 91 7.54 -5.88 -10.38
C ASP A 91 8.32 -7.08 -9.91
N LYS A 92 8.82 -7.03 -8.67
CA LYS A 92 9.57 -8.14 -8.12
C LYS A 92 8.67 -9.36 -7.97
N LYS A 93 9.16 -10.51 -8.44
CA LYS A 93 8.39 -11.74 -8.37
C LYS A 93 8.79 -12.54 -7.13
N GLU A 94 9.84 -12.11 -6.46
CA GLU A 94 10.30 -12.77 -5.25
C GLU A 94 9.73 -12.10 -4.02
N VAL A 95 8.60 -11.43 -4.19
CA VAL A 95 7.94 -10.74 -3.08
C VAL A 95 7.57 -11.74 -1.99
N ASN A 96 7.62 -11.29 -0.74
CA ASN A 96 7.30 -12.14 0.39
C ASN A 96 6.11 -13.05 0.08
N PRO A 97 5.93 -14.10 0.84
CA PRO A 97 4.80 -15.04 0.64
C PRO A 97 3.50 -14.33 0.30
N GLN A 98 3.41 -13.05 0.65
CA GLN A 98 2.21 -12.28 0.36
C GLN A 98 1.74 -12.55 -1.06
N VAL A 99 2.61 -13.12 -1.89
CA VAL A 99 2.27 -13.39 -3.27
C VAL A 99 1.05 -14.31 -3.35
N MET A 100 1.05 -15.36 -2.55
CA MET A 100 -0.07 -16.28 -2.53
C MET A 100 -1.34 -15.59 -2.05
N ALA A 101 -1.18 -14.75 -1.03
CA ALA A 101 -2.32 -14.03 -0.47
C ALA A 101 -2.67 -12.82 -1.34
N ALA A 102 -1.72 -12.43 -2.18
CA ALA A 102 -1.92 -11.28 -3.07
C ALA A 102 -2.89 -11.65 -4.19
N VAL A 103 -2.69 -12.82 -4.78
CA VAL A 103 -3.55 -13.27 -5.87
C VAL A 103 -5.00 -13.32 -5.41
N ALA A 104 -5.21 -13.79 -4.19
CA ALA A 104 -6.56 -13.88 -3.64
C ALA A 104 -7.31 -12.56 -3.81
N GLN A 105 -6.62 -11.46 -3.54
CA GLN A 105 -7.23 -10.13 -3.66
C GLN A 105 -8.49 -10.05 -2.80
N THR A 106 -9.64 -10.30 -3.43
CA THR A 106 -10.92 -10.24 -2.72
C THR A 106 -11.66 -11.57 -2.85
N GLU A 107 -10.97 -12.59 -3.35
CA GLU A 107 -11.58 -13.91 -3.52
C GLU A 107 -10.63 -15.00 -3.04
N GLU A 108 -11.19 -16.04 -2.44
CA GLU A 108 -10.38 -17.14 -1.94
C GLU A 108 -9.75 -17.89 -3.11
N ILE A 109 -8.43 -18.03 -3.08
CA ILE A 109 -7.72 -18.71 -4.15
C ILE A 109 -8.31 -20.10 -4.37
N LEU A 110 -8.84 -20.69 -3.31
CA LEU A 110 -9.44 -22.02 -3.40
C LEU A 110 -10.65 -21.99 -4.32
N LYS A 111 -11.41 -20.90 -4.23
CA LYS A 111 -12.60 -20.75 -5.06
C LYS A 111 -12.22 -20.34 -6.48
N SER A 112 -10.96 -20.55 -6.84
CA SER A 112 -10.49 -20.21 -8.17
C SER A 112 -11.27 -20.97 -9.23
N ASN A 113 -11.44 -22.26 -9.00
CA ASN A 113 -12.18 -23.10 -9.95
C ASN A 113 -13.63 -22.65 -10.03
N SER A 114 -14.52 -23.59 -10.33
CA SER A 114 -15.94 -23.29 -10.43
C SER A 114 -16.47 -22.77 -9.09
N GLN A 115 -16.09 -23.44 -8.01
CA GLN A 115 -16.54 -23.04 -6.67
C GLN A 115 -15.46 -23.34 -5.64
N THR A 116 -15.85 -23.36 -4.37
CA THR A 116 -14.92 -23.63 -3.28
C THR A 116 -14.47 -25.08 -3.33
N ASP A 117 -13.50 -25.43 -2.49
CA ASP A 117 -12.98 -26.78 -2.44
C ASP A 117 -14.04 -27.75 -1.92
N LEU A 118 -15.19 -27.21 -1.53
CA LEU A 118 -16.27 -28.02 -1.02
C LEU A 118 -17.12 -28.57 -2.15
N GLU A 119 -16.69 -28.30 -3.38
CA GLU A 119 -17.43 -28.77 -4.55
C GLU A 119 -17.48 -30.30 -4.56
N HIS A 120 -16.35 -30.94 -4.27
CA HIS A 120 -16.30 -32.39 -4.25
C HIS A 120 -17.26 -32.95 -3.22
N HIS A 121 -17.33 -32.30 -2.07
CA HIS A 121 -18.22 -32.75 -1.00
C HIS A 121 -19.65 -32.30 -1.28
N HIS A 122 -20.61 -32.94 -0.60
CA HIS A 122 -22.02 -32.61 -0.79
C HIS A 122 -22.61 -32.06 0.51
N HIS A 123 -23.51 -31.08 0.37
CA HIS A 123 -24.15 -30.48 1.53
C HIS A 123 -25.61 -30.92 1.63
N HIS A 124 -26.07 -31.13 2.86
CA HIS A 124 -27.46 -31.56 3.07
C HIS A 124 -28.29 -30.41 3.64
N HIS A 125 -29.34 -30.05 2.92
CA HIS A 125 -30.22 -28.96 3.35
C HIS A 125 -31.36 -29.50 4.21
C1 MYR A 1 -1.67 -12.11 9.50
O1 MYR A 1 -1.06 -13.11 9.13
C2 MYR A 1 -1.40 -10.92 8.83
C3 MYR A 1 -1.35 -11.12 7.30
C4 MYR A 1 -1.10 -9.80 6.58
C5 MYR A 1 -0.08 -9.97 5.45
C6 MYR A 1 1.16 -9.13 5.71
C7 MYR A 1 2.00 -8.82 4.46
C8 MYR A 1 3.03 -7.69 4.62
C9 MYR A 1 2.80 -6.48 3.69
C10 MYR A 1 4.02 -5.56 3.60
C11 MYR A 1 3.65 -4.06 3.69
C12 MYR A 1 4.27 -3.27 2.55
C13 MYR A 1 3.21 -2.42 1.83
C14 MYR A 1 3.75 -1.86 0.52
H21 MYR A 1 -2.10 -10.24 9.05
H22 MYR A 1 -0.51 -10.56 9.13
H31 MYR A 1 -0.64 -11.77 7.08
H32 MYR A 1 -2.24 -11.48 6.99
H41 MYR A 1 -1.96 -9.47 6.20
H42 MYR A 1 -0.74 -9.13 7.23
H51 MYR A 1 0.17 -10.93 5.38
H52 MYR A 1 -0.50 -9.68 4.58
H61 MYR A 1 0.89 -8.26 6.12
H62 MYR A 1 1.76 -9.62 6.35
H71 MYR A 1 2.49 -9.65 4.20
H72 MYR A 1 1.37 -8.56 3.71
H81 MYR A 1 2.99 -7.37 5.56
H82 MYR A 1 3.93 -8.06 4.42
H91 MYR A 1 2.58 -6.81 2.77
H92 MYR A 1 2.02 -5.95 4.03
H101 MYR A 1 4.64 -5.78 4.35
H102 MYR A 1 4.48 -5.72 2.74
H111 MYR A 1 2.65 -3.97 3.66
H112 MYR A 1 3.99 -3.69 4.56
H121 MYR A 1 4.98 -2.68 2.90
H122 MYR A 1 4.67 -3.90 1.88
H131 MYR A 1 2.41 -2.97 1.64
H132 MYR A 1 2.96 -1.64 2.42
H141 MYR A 1 3.29 -0.99 0.32
H142 MYR A 1 4.73 -1.69 0.60
H143 MYR A 1 3.58 -2.52 -0.22
N GLY A 2 -1.74 -11.74 10.77
CA GLY A 2 -1.09 -12.53 11.82
C GLY A 2 0.33 -12.02 12.08
N GLN A 3 1.16 -12.88 12.67
CA GLN A 3 2.54 -12.51 12.97
C GLN A 3 3.18 -11.81 11.78
N GLU A 4 2.61 -12.03 10.60
CA GLU A 4 3.13 -11.41 9.38
C GLU A 4 3.50 -9.96 9.64
N LEU A 5 2.91 -9.37 10.67
CA LEU A 5 3.17 -7.98 11.00
C LEU A 5 4.67 -7.68 10.89
N SER A 6 5.49 -8.68 11.20
CA SER A 6 6.94 -8.52 11.14
C SER A 6 7.35 -8.07 9.73
N GLN A 7 6.65 -8.57 8.72
CA GLN A 7 6.96 -8.21 7.35
C GLN A 7 6.96 -6.69 7.19
N HIS A 8 5.95 -6.03 7.75
CA HIS A 8 5.87 -4.58 7.66
C HIS A 8 7.12 -3.94 8.25
N GLU A 9 7.50 -4.40 9.44
CA GLU A 9 8.69 -3.85 10.10
C GLU A 9 9.86 -3.79 9.13
N ARG A 10 9.91 -4.78 8.23
CA ARG A 10 10.99 -4.83 7.23
C ARG A 10 10.69 -3.87 6.10
N TYR A 11 9.45 -3.88 5.62
CA TYR A 11 9.05 -3.01 4.53
C TYR A 11 9.36 -1.56 4.87
N VAL A 12 9.02 -1.15 6.09
CA VAL A 12 9.28 0.23 6.50
C VAL A 12 10.77 0.54 6.44
N GLU A 13 11.58 -0.29 7.09
CA GLU A 13 13.03 -0.07 7.09
C GLU A 13 13.61 -0.25 5.69
N GLN A 14 13.07 -1.21 4.96
CA GLN A 14 13.55 -1.51 3.62
C GLN A 14 13.15 -0.40 2.66
N LEU A 15 11.86 -0.37 2.32
CA LEU A 15 11.36 0.63 1.39
C LEU A 15 12.06 1.98 1.63
N LYS A 16 12.12 2.38 2.88
CA LYS A 16 12.78 3.63 3.22
C LYS A 16 14.26 3.59 2.85
N GLN A 17 14.89 2.44 3.09
CA GLN A 17 16.30 2.29 2.75
C GLN A 17 16.49 2.38 1.23
N ALA A 18 15.78 1.51 0.51
CA ALA A 18 15.86 1.49 -0.94
C ALA A 18 15.53 2.88 -1.50
N LEU A 19 14.97 3.72 -0.63
CA LEU A 19 14.63 5.08 -1.02
C LEU A 19 15.84 6.01 -0.86
N LYS A 20 16.47 5.94 0.32
CA LYS A 20 17.63 6.78 0.60
C LYS A 20 18.57 6.79 -0.60
N THR A 21 18.62 5.67 -1.31
CA THR A 21 19.48 5.58 -2.49
C THR A 21 19.07 6.61 -3.55
N ARG A 22 17.76 6.86 -3.64
CA ARG A 22 17.25 7.81 -4.61
C ARG A 22 17.60 9.24 -4.19
N GLY A 23 18.09 9.39 -2.97
CA GLY A 23 18.46 10.71 -2.46
C GLY A 23 17.46 11.19 -1.43
N VAL A 24 16.84 10.25 -0.72
CA VAL A 24 15.86 10.61 0.30
C VAL A 24 16.44 10.42 1.70
N LYS A 25 15.75 10.92 2.71
CA LYS A 25 16.19 10.79 4.08
C LYS A 25 15.22 9.95 4.89
N VAL A 26 15.75 9.06 5.73
CA VAL A 26 14.91 8.19 6.54
C VAL A 26 15.00 8.58 8.02
N LYS A 27 14.10 9.45 8.45
CA LYS A 27 14.08 9.90 9.84
C LYS A 27 12.87 9.34 10.58
N TYR A 28 12.89 9.43 11.90
CA TYR A 28 11.78 8.94 12.70
C TYR A 28 10.51 9.75 12.40
N ALA A 29 10.69 11.05 12.18
CA ALA A 29 9.57 11.93 11.89
C ALA A 29 8.83 11.47 10.63
N ASP A 30 9.55 10.75 9.77
CA ASP A 30 8.96 10.25 8.53
C ASP A 30 7.98 9.14 8.81
N LEU A 31 8.33 8.25 9.73
CA LEU A 31 7.45 7.14 10.07
C LEU A 31 6.13 7.65 10.61
N LEU A 32 6.17 8.69 11.40
CA LEU A 32 4.95 9.23 11.99
C LEU A 32 3.94 9.58 10.90
N LYS A 33 4.40 10.25 9.86
CA LYS A 33 3.52 10.66 8.78
C LYS A 33 3.25 9.53 7.80
N PHE A 34 4.30 8.94 7.29
CA PHE A 34 4.17 7.86 6.31
C PHE A 34 3.40 6.67 6.87
N PHE A 35 3.64 6.37 8.14
CA PHE A 35 2.96 5.25 8.78
C PHE A 35 1.48 5.57 9.05
N ASP A 36 1.26 6.73 9.68
CA ASP A 36 -0.11 7.14 9.99
C ASP A 36 -0.84 7.58 8.73
N PHE A 37 -0.07 7.93 7.70
CA PHE A 37 -0.65 8.40 6.44
C PHE A 37 -1.48 7.31 5.80
N VAL A 38 -0.84 6.20 5.46
CA VAL A 38 -1.56 5.08 4.83
C VAL A 38 -2.53 4.45 5.81
N LYS A 39 -2.18 4.46 7.08
CA LYS A 39 -3.04 3.85 8.11
C LYS A 39 -4.40 4.52 8.11
N ASP A 40 -4.43 5.82 7.87
CA ASP A 40 -5.69 6.56 7.86
C ASP A 40 -6.77 5.76 7.14
N THR A 41 -6.56 5.46 5.87
CA THR A 41 -7.52 4.70 5.10
C THR A 41 -7.05 3.27 4.89
N CYS A 42 -5.81 2.99 5.31
CA CYS A 42 -5.24 1.66 5.16
C CYS A 42 -5.65 1.05 3.82
N PRO A 43 -5.33 1.70 2.74
CA PRO A 43 -5.66 1.22 1.37
C PRO A 43 -4.70 0.12 0.91
N TRP A 44 -3.56 0.02 1.58
CA TRP A 44 -2.56 -0.98 1.20
C TRP A 44 -3.04 -2.39 1.57
N PHE A 45 -4.34 -2.54 1.76
CA PHE A 45 -4.90 -3.83 2.10
C PHE A 45 -4.22 -4.39 3.35
N PRO A 46 -4.67 -4.01 4.52
CA PRO A 46 -4.06 -4.46 5.80
C PRO A 46 -4.34 -5.93 6.09
N GLN A 47 -5.21 -6.54 5.27
CA GLN A 47 -5.55 -7.94 5.47
C GLN A 47 -4.49 -8.84 4.86
N GLU A 48 -4.24 -8.67 3.57
CA GLU A 48 -3.22 -9.47 2.88
C GLU A 48 -1.88 -8.75 2.89
N GLY A 49 -1.92 -7.41 3.02
CA GLY A 49 -0.70 -6.61 3.02
C GLY A 49 -0.01 -6.71 1.67
N THR A 50 -0.61 -6.09 0.65
CA THR A 50 -0.05 -6.11 -0.70
C THR A 50 -0.01 -4.72 -1.30
N ILE A 51 0.67 -4.59 -2.44
CA ILE A 51 0.78 -3.30 -3.09
C ILE A 51 -0.16 -3.23 -4.29
N ASP A 52 -0.75 -2.07 -4.53
CA ASP A 52 -1.66 -1.89 -5.65
C ASP A 52 -1.39 -0.54 -6.34
N ILE A 53 -1.07 -0.60 -7.62
CA ILE A 53 -0.78 0.60 -8.40
C ILE A 53 -2.05 1.38 -8.66
N LYS A 54 -3.13 0.67 -8.96
CA LYS A 54 -4.41 1.33 -9.25
C LYS A 54 -4.97 2.00 -8.00
N ARG A 55 -5.05 1.25 -6.91
CA ARG A 55 -5.57 1.79 -5.66
C ARG A 55 -4.69 2.94 -5.17
N TRP A 56 -3.38 2.76 -5.28
CA TRP A 56 -2.45 3.79 -4.85
C TRP A 56 -2.79 5.13 -5.47
N ARG A 57 -3.21 5.09 -6.74
CA ARG A 57 -3.58 6.30 -7.45
C ARG A 57 -4.79 6.96 -6.81
N ARG A 58 -5.77 6.14 -6.42
CA ARG A 58 -6.98 6.67 -5.79
C ARG A 58 -6.65 7.46 -4.52
N VAL A 59 -5.92 6.82 -3.63
CA VAL A 59 -5.53 7.47 -2.37
C VAL A 59 -4.60 8.66 -2.66
N GLY A 60 -3.72 8.49 -3.64
CA GLY A 60 -2.79 9.55 -3.99
C GLY A 60 -3.55 10.80 -4.47
N ASP A 61 -4.50 10.59 -5.38
CA ASP A 61 -5.29 11.71 -5.90
C ASP A 61 -6.22 12.27 -4.83
N CYS A 62 -6.75 11.39 -4.01
CA CYS A 62 -7.65 11.80 -2.94
C CYS A 62 -6.94 12.71 -1.94
N PHE A 63 -5.67 12.40 -1.70
CA PHE A 63 -4.88 13.21 -0.76
C PHE A 63 -4.31 14.44 -1.45
N GLN A 64 -3.83 14.26 -2.67
CA GLN A 64 -3.25 15.36 -3.43
C GLN A 64 -4.31 16.42 -3.71
N ASP A 65 -5.52 15.98 -4.01
CA ASP A 65 -6.62 16.91 -4.29
C ASP A 65 -6.99 17.68 -3.03
N TYR A 66 -7.25 16.96 -1.94
CA TYR A 66 -7.62 17.59 -0.69
C TYR A 66 -6.51 18.49 -0.18
N TYR A 67 -5.27 18.00 -0.29
CA TYR A 67 -4.12 18.76 0.16
C TYR A 67 -3.88 19.98 -0.73
N ASN A 68 -4.08 19.80 -2.03
CA ASN A 68 -3.88 20.88 -2.99
C ASN A 68 -4.83 22.03 -2.72
N THR A 69 -6.08 21.70 -2.39
CA THR A 69 -7.08 22.73 -2.12
C THR A 69 -6.54 23.78 -1.16
N PHE A 70 -5.52 23.42 -0.42
CA PHE A 70 -4.92 24.34 0.54
C PHE A 70 -3.79 25.14 -0.11
N GLY A 71 -3.75 25.12 -1.44
CA GLY A 71 -2.71 25.84 -2.18
C GLY A 71 -1.36 25.70 -1.48
N PRO A 72 -0.89 24.48 -1.32
CA PRO A 72 0.41 24.21 -0.66
C PRO A 72 1.59 24.45 -1.58
N GLU A 73 2.54 25.27 -1.14
CA GLU A 73 3.71 25.57 -1.94
C GLU A 73 4.79 24.51 -1.71
N LYS A 74 4.75 23.88 -0.55
CA LYS A 74 5.74 22.86 -0.20
C LYS A 74 5.60 21.65 -1.09
N VAL A 75 4.36 21.17 -1.24
CA VAL A 75 4.08 19.99 -2.07
C VAL A 75 5.30 19.08 -2.15
N PRO A 76 5.49 18.24 -1.16
CA PRO A 76 6.66 17.31 -1.11
C PRO A 76 6.70 16.41 -2.35
N VAL A 77 7.85 16.41 -3.02
CA VAL A 77 8.02 15.59 -4.22
C VAL A 77 8.35 14.15 -3.86
N THR A 78 8.80 13.95 -2.64
CA THR A 78 9.16 12.61 -2.18
C THR A 78 8.08 11.61 -2.59
N ALA A 79 6.83 12.08 -2.64
CA ALA A 79 5.72 11.22 -3.01
C ALA A 79 5.94 10.61 -4.39
N PHE A 80 6.66 11.34 -5.24
CA PHE A 80 6.96 10.86 -6.59
C PHE A 80 8.00 9.75 -6.55
N SER A 81 8.97 9.89 -5.65
CA SER A 81 10.03 8.90 -5.52
C SER A 81 9.46 7.56 -5.06
N TYR A 82 8.50 7.62 -4.14
CA TYR A 82 7.88 6.40 -3.62
C TYR A 82 7.18 5.64 -4.74
N TRP A 83 6.35 6.34 -5.51
CA TRP A 83 5.63 5.70 -6.60
C TRP A 83 6.59 5.04 -7.57
N ASN A 84 7.72 5.69 -7.83
CA ASN A 84 8.69 5.14 -8.76
C ASN A 84 9.25 3.80 -8.26
N LEU A 85 9.76 3.79 -7.04
CA LEU A 85 10.32 2.58 -6.50
C LEU A 85 9.26 1.51 -6.34
N ILE A 86 8.13 1.89 -5.76
CA ILE A 86 7.04 0.95 -5.55
C ILE A 86 6.55 0.39 -6.88
N LYS A 87 6.47 1.26 -7.88
CA LYS A 87 5.99 0.86 -9.18
C LYS A 87 6.75 -0.35 -9.69
N GLU A 88 8.07 -0.29 -9.59
CA GLU A 88 8.91 -1.39 -10.03
C GLU A 88 9.05 -2.46 -8.95
N LEU A 89 8.73 -2.08 -7.72
CA LEU A 89 8.89 -3.00 -6.60
C LEU A 89 8.05 -4.23 -6.79
N ILE A 90 6.84 -4.03 -7.27
CA ILE A 90 5.93 -5.15 -7.49
C ILE A 90 6.52 -6.11 -8.53
N ASP A 91 7.08 -5.54 -9.60
CA ASP A 91 7.65 -6.35 -10.68
C ASP A 91 8.73 -7.28 -10.13
N LYS A 92 9.21 -6.97 -8.93
CA LYS A 92 10.25 -7.79 -8.32
C LYS A 92 9.72 -9.20 -8.05
N LYS A 93 10.50 -10.19 -8.47
CA LYS A 93 10.12 -11.59 -8.27
C LYS A 93 10.05 -11.93 -6.79
N GLU A 94 10.95 -11.36 -6.01
CA GLU A 94 11.00 -11.60 -4.58
C GLU A 94 9.78 -10.99 -3.89
N VAL A 95 8.59 -11.36 -4.34
CA VAL A 95 7.35 -10.84 -3.77
C VAL A 95 7.17 -11.37 -2.36
N ASN A 96 6.68 -10.50 -1.47
CA ASN A 96 6.48 -10.88 -0.09
C ASN A 96 5.46 -12.02 0.01
N PRO A 97 5.47 -12.74 1.10
CA PRO A 97 4.53 -13.89 1.34
C PRO A 97 3.08 -13.47 1.18
N GLN A 98 2.84 -12.16 1.12
CA GLN A 98 1.49 -11.64 0.97
C GLN A 98 0.75 -12.40 -0.13
N VAL A 99 1.48 -13.13 -0.94
CA VAL A 99 0.87 -13.89 -2.04
C VAL A 99 -0.11 -14.91 -1.50
N MET A 100 0.32 -15.66 -0.48
CA MET A 100 -0.54 -16.68 0.12
C MET A 100 -1.74 -16.03 0.81
N ALA A 101 -1.50 -14.91 1.48
CA ALA A 101 -2.55 -14.19 2.19
C ALA A 101 -3.38 -13.36 1.21
N ALA A 102 -2.87 -13.21 0.00
CA ALA A 102 -3.56 -12.43 -1.03
C ALA A 102 -4.47 -13.32 -1.88
N VAL A 103 -4.26 -14.62 -1.79
CA VAL A 103 -5.07 -15.57 -2.57
C VAL A 103 -6.45 -15.73 -1.94
N ALA A 104 -6.68 -15.02 -0.84
CA ALA A 104 -7.98 -15.09 -0.16
C ALA A 104 -9.11 -14.67 -1.10
N GLN A 105 -8.83 -13.68 -1.94
CA GLN A 105 -9.83 -13.19 -2.88
C GLN A 105 -9.20 -12.94 -4.25
N THR A 106 -9.66 -13.69 -5.25
CA THR A 106 -9.15 -13.55 -6.60
C THR A 106 -10.16 -12.82 -7.49
N GLU A 107 -11.25 -12.37 -6.88
CA GLU A 107 -12.28 -11.67 -7.63
C GLU A 107 -12.28 -10.18 -7.29
N GLU A 108 -12.92 -9.38 -8.12
CA GLU A 108 -12.98 -7.94 -7.89
C GLU A 108 -14.13 -7.60 -6.95
N ILE A 109 -13.82 -6.92 -5.86
CA ILE A 109 -14.84 -6.56 -4.88
C ILE A 109 -16.00 -5.85 -5.57
N LEU A 110 -15.73 -5.27 -6.73
CA LEU A 110 -16.76 -4.56 -7.48
C LEU A 110 -17.86 -5.51 -7.90
N LYS A 111 -17.46 -6.69 -8.37
CA LYS A 111 -18.43 -7.69 -8.82
C LYS A 111 -19.26 -8.19 -7.64
N SER A 112 -18.65 -8.25 -6.47
CA SER A 112 -19.35 -8.72 -5.28
C SER A 112 -20.59 -7.88 -5.01
N ASN A 113 -20.43 -6.56 -5.05
CA ASN A 113 -21.55 -5.67 -4.82
C ASN A 113 -22.63 -5.88 -5.88
N SER A 114 -22.21 -5.94 -7.13
CA SER A 114 -23.16 -6.15 -8.22
C SER A 114 -22.44 -6.62 -9.48
N GLN A 115 -23.17 -7.22 -10.41
CA GLN A 115 -22.58 -7.70 -11.65
C GLN A 115 -22.91 -6.76 -12.79
N THR A 116 -23.42 -5.58 -12.47
CA THR A 116 -23.78 -4.60 -13.49
C THR A 116 -22.54 -4.11 -14.21
N ASP A 117 -21.38 -4.28 -13.58
CA ASP A 117 -20.13 -3.85 -14.18
C ASP A 117 -19.66 -4.83 -15.25
N LEU A 118 -19.08 -5.93 -14.81
CA LEU A 118 -18.58 -6.95 -15.74
C LEU A 118 -19.74 -7.56 -16.53
N GLU A 119 -20.86 -7.79 -15.85
CA GLU A 119 -22.02 -8.37 -16.51
C GLU A 119 -21.66 -9.68 -17.18
N HIS A 120 -21.79 -10.78 -16.45
CA HIS A 120 -21.46 -12.09 -16.99
C HIS A 120 -22.56 -13.09 -16.66
N HIS A 121 -22.84 -13.99 -17.61
CA HIS A 121 -23.88 -14.99 -17.42
C HIS A 121 -23.29 -16.40 -17.46
N HIS A 122 -23.88 -17.32 -16.71
CA HIS A 122 -23.41 -18.69 -16.67
C HIS A 122 -24.23 -19.57 -17.62
N HIS A 123 -23.53 -20.45 -18.34
CA HIS A 123 -24.20 -21.34 -19.28
C HIS A 123 -25.24 -22.20 -18.57
N HIS A 124 -24.84 -22.78 -17.44
CA HIS A 124 -25.75 -23.62 -16.67
C HIS A 124 -26.06 -22.98 -15.32
N HIS A 125 -27.35 -22.75 -15.06
CA HIS A 125 -27.76 -22.14 -13.80
C HIS A 125 -28.19 -23.22 -12.81
C1 MYR A 1 -1.78 -11.83 8.89
O1 MYR A 1 -0.99 -12.74 8.60
C2 MYR A 1 -1.52 -10.56 8.35
C3 MYR A 1 -1.80 -10.52 6.85
C4 MYR A 1 -1.27 -9.23 6.22
C5 MYR A 1 -0.11 -9.51 5.26
C6 MYR A 1 1.06 -8.56 5.53
C7 MYR A 1 1.87 -8.19 4.28
C8 MYR A 1 2.68 -6.89 4.40
C9 MYR A 1 2.17 -5.73 3.53
C10 MYR A 1 3.25 -5.16 2.60
C11 MYR A 1 4.00 -3.95 3.22
C12 MYR A 1 4.07 -2.79 2.24
C13 MYR A 1 3.08 -1.68 2.59
C14 MYR A 1 3.33 -0.42 1.78
H21 MYR A 1 -2.09 -9.89 8.82
H22 MYR A 1 -0.56 -10.32 8.51
H31 MYR A 1 -1.37 -11.30 6.40
H32 MYR A 1 -2.79 -10.55 6.69
H41 MYR A 1 -2.00 -8.77 5.73
H42 MYR A 1 -0.93 -8.62 6.95
H51 MYR A 1 0.19 -10.45 5.37
H52 MYR A 1 -0.43 -9.37 4.31
H61 MYR A 1 0.71 -7.73 5.94
H62 MYR A 1 1.69 -9.01 6.18
H71 MYR A 1 2.50 -8.94 4.08
H72 MYR A 1 1.24 -8.08 3.52
H81 MYR A 1 2.68 -6.60 5.36
H82 MYR A 1 3.63 -7.08 4.12
H91 MYR A 1 1.41 -6.06 2.97
H92 MYR A 1 1.85 -4.99 4.13
H101 MYR A 1 3.92 -5.87 2.40
H102 MYR A 1 2.82 -4.85 1.75
H111 MYR A 1 3.52 -3.66 4.04
H112 MYR A 1 4.93 -4.23 3.47
H121 MYR A 1 5.00 -2.42 2.23
H122 MYR A 1 3.86 -3.12 1.31
H131 MYR A 1 2.15 -2.00 2.43
H132 MYR A 1 3.17 -1.46 3.57
H141 MYR A 1 3.10 -0.59 0.81
H142 MYR A 1 2.76 0.32 2.13
H143 MYR A 1 4.29 -0.17 1.85
N GLY A 2 -2.16 -11.58 10.14
CA GLY A 2 -1.67 -12.36 11.26
C GLY A 2 -0.19 -12.08 11.52
N GLN A 3 0.58 -13.14 11.72
CA GLN A 3 2.01 -13.00 11.98
C GLN A 3 2.70 -12.27 10.83
N GLU A 4 2.15 -12.43 9.62
CA GLU A 4 2.72 -11.78 8.44
C GLU A 4 3.07 -10.33 8.76
N LEU A 5 2.44 -9.78 9.79
CA LEU A 5 2.68 -8.40 10.17
C LEU A 5 4.18 -8.09 10.10
N SER A 6 5.00 -9.09 10.42
CA SER A 6 6.45 -8.91 10.38
C SER A 6 6.89 -8.47 8.99
N GLN A 7 6.18 -8.92 7.97
CA GLN A 7 6.51 -8.56 6.59
C GLN A 7 6.55 -7.05 6.45
N HIS A 8 5.60 -6.36 7.08
CA HIS A 8 5.56 -4.90 7.02
C HIS A 8 6.80 -4.31 7.68
N GLU A 9 7.12 -4.81 8.87
CA GLU A 9 8.30 -4.32 9.59
C GLU A 9 9.50 -4.20 8.65
N ARG A 10 9.58 -5.12 7.69
CA ARG A 10 10.67 -5.10 6.72
C ARG A 10 10.44 -4.01 5.68
N TYR A 11 9.21 -3.94 5.16
CA TYR A 11 8.88 -2.95 4.14
C TYR A 11 9.29 -1.56 4.61
N VAL A 12 8.99 -1.24 5.86
CA VAL A 12 9.35 0.07 6.40
C VAL A 12 10.86 0.24 6.44
N GLU A 13 11.56 -0.77 6.93
CA GLU A 13 13.02 -0.70 6.99
C GLU A 13 13.61 -0.69 5.58
N GLN A 14 13.03 -1.48 4.69
CA GLN A 14 13.52 -1.56 3.33
C GLN A 14 13.15 -0.31 2.55
N LEU A 15 11.87 -0.18 2.21
CA LEU A 15 11.41 0.96 1.44
C LEU A 15 12.14 2.23 1.88
N LYS A 16 12.14 2.49 3.18
CA LYS A 16 12.82 3.67 3.71
C LYS A 16 14.31 3.64 3.37
N GLN A 17 14.90 2.44 3.42
CA GLN A 17 16.32 2.27 3.10
C GLN A 17 16.56 2.53 1.61
N ALA A 18 15.86 1.77 0.77
CA ALA A 18 15.99 1.92 -0.68
C ALA A 18 15.76 3.38 -1.09
N LEU A 19 15.17 4.14 -0.18
CA LEU A 19 14.93 5.56 -0.42
C LEU A 19 16.16 6.40 -0.09
N LYS A 20 16.69 6.20 1.11
CA LYS A 20 17.86 6.95 1.54
C LYS A 20 18.92 6.96 0.45
N THR A 21 19.11 5.81 -0.18
CA THR A 21 20.11 5.70 -1.25
C THR A 21 19.72 6.55 -2.45
N ARG A 22 18.41 6.71 -2.65
CA ARG A 22 17.91 7.49 -3.78
C ARG A 22 18.08 8.99 -3.51
N GLY A 23 18.91 9.30 -2.53
CA GLY A 23 19.17 10.71 -2.19
C GLY A 23 18.04 11.27 -1.33
N VAL A 24 17.36 10.39 -0.61
CA VAL A 24 16.26 10.81 0.27
C VAL A 24 16.68 10.74 1.73
N LYS A 25 15.84 11.29 2.60
CA LYS A 25 16.12 11.28 4.03
C LYS A 25 14.90 10.81 4.81
N VAL A 26 15.11 9.95 5.81
CA VAL A 26 14.01 9.44 6.60
C VAL A 26 14.24 9.74 8.08
N LYS A 27 13.59 10.79 8.57
CA LYS A 27 13.70 11.16 9.97
C LYS A 27 12.60 10.48 10.79
N TYR A 28 12.76 10.47 12.11
CA TYR A 28 11.76 9.87 12.98
C TYR A 28 10.37 10.40 12.66
N ALA A 29 10.26 11.71 12.50
CA ALA A 29 8.99 12.33 12.15
C ALA A 29 8.50 11.85 10.78
N ASP A 30 9.43 11.36 9.98
CA ASP A 30 9.09 10.87 8.64
C ASP A 30 8.22 9.62 8.72
N LEU A 31 8.60 8.69 9.60
CA LEU A 31 7.84 7.46 9.77
C LEU A 31 6.46 7.77 10.31
N LEU A 32 6.38 8.70 11.25
CA LEU A 32 5.09 9.05 11.84
C LEU A 32 4.11 9.51 10.77
N LYS A 33 4.58 10.35 9.86
CA LYS A 33 3.74 10.86 8.80
C LYS A 33 3.48 9.79 7.75
N PHE A 34 4.54 9.19 7.25
CA PHE A 34 4.43 8.16 6.22
C PHE A 34 3.66 6.95 6.72
N PHE A 35 3.86 6.61 7.98
CA PHE A 35 3.17 5.48 8.59
C PHE A 35 1.70 5.80 8.82
N ASP A 36 1.44 6.99 9.38
CA ASP A 36 0.08 7.41 9.66
C ASP A 36 -0.66 7.73 8.36
N PHE A 37 0.10 8.02 7.32
CA PHE A 37 -0.48 8.36 6.03
C PHE A 37 -1.24 7.17 5.44
N VAL A 38 -0.52 6.08 5.22
CA VAL A 38 -1.13 4.88 4.65
C VAL A 38 -2.07 4.23 5.65
N LYS A 39 -1.68 4.24 6.91
CA LYS A 39 -2.50 3.63 7.96
C LYS A 39 -3.89 4.26 7.99
N ASP A 40 -3.96 5.54 7.63
CA ASP A 40 -5.23 6.25 7.63
C ASP A 40 -6.32 5.40 6.98
N THR A 41 -6.12 5.05 5.72
CA THR A 41 -7.10 4.24 4.99
C THR A 41 -6.52 2.86 4.68
N CYS A 42 -5.27 2.64 5.07
CA CYS A 42 -4.60 1.37 4.81
C CYS A 42 -5.03 0.81 3.46
N PRO A 43 -4.67 1.47 2.41
CA PRO A 43 -5.02 1.04 1.02
C PRO A 43 -4.28 -0.23 0.61
N TRP A 44 -3.19 -0.52 1.31
CA TRP A 44 -2.39 -1.71 1.01
C TRP A 44 -3.14 -2.98 1.41
N PHE A 45 -4.46 -2.88 1.49
CA PHE A 45 -5.27 -4.03 1.86
C PHE A 45 -4.81 -4.61 3.19
N PRO A 46 -5.45 -4.24 4.27
CA PRO A 46 -5.08 -4.70 5.63
C PRO A 46 -5.35 -6.19 5.82
N GLN A 47 -6.01 -6.79 4.83
CA GLN A 47 -6.33 -8.22 4.91
C GLN A 47 -5.17 -9.07 4.41
N GLU A 48 -4.78 -8.84 3.16
CA GLU A 48 -3.67 -9.58 2.55
C GLU A 48 -2.36 -8.83 2.72
N GLY A 49 -2.46 -7.52 2.92
CA GLY A 49 -1.27 -6.68 3.06
C GLY A 49 -0.39 -6.78 1.81
N THR A 50 -0.82 -6.11 0.74
CA THR A 50 -0.07 -6.14 -0.51
C THR A 50 -0.05 -4.75 -1.16
N ILE A 51 0.78 -4.59 -2.17
CA ILE A 51 0.88 -3.33 -2.89
C ILE A 51 -0.11 -3.31 -4.05
N ASP A 52 -0.73 -2.15 -4.28
CA ASP A 52 -1.67 -2.00 -5.39
C ASP A 52 -1.44 -0.69 -6.12
N ILE A 53 -1.20 -0.80 -7.42
CA ILE A 53 -0.97 0.38 -8.25
C ILE A 53 -2.25 1.17 -8.45
N LYS A 54 -3.35 0.45 -8.65
CA LYS A 54 -4.64 1.10 -8.87
C LYS A 54 -5.11 1.85 -7.63
N ARG A 55 -5.15 1.14 -6.50
CA ARG A 55 -5.57 1.76 -5.25
C ARG A 55 -4.61 2.87 -4.83
N TRP A 56 -3.33 2.67 -5.13
CA TRP A 56 -2.32 3.66 -4.79
C TRP A 56 -2.69 5.02 -5.37
N ARG A 57 -3.22 5.02 -6.58
CA ARG A 57 -3.63 6.25 -7.23
C ARG A 57 -4.80 6.90 -6.49
N ARG A 58 -5.72 6.05 -6.03
CA ARG A 58 -6.89 6.56 -5.31
C ARG A 58 -6.47 7.32 -4.06
N VAL A 59 -5.64 6.70 -3.24
CA VAL A 59 -5.15 7.35 -2.02
C VAL A 59 -4.32 8.58 -2.36
N GLY A 60 -3.46 8.44 -3.37
CA GLY A 60 -2.60 9.53 -3.78
C GLY A 60 -3.43 10.74 -4.23
N ASP A 61 -4.47 10.47 -5.00
CA ASP A 61 -5.34 11.54 -5.49
C ASP A 61 -6.19 12.08 -4.35
N CYS A 62 -6.61 11.20 -3.44
CA CYS A 62 -7.44 11.61 -2.32
C CYS A 62 -6.67 12.55 -1.40
N PHE A 63 -5.38 12.27 -1.20
CA PHE A 63 -4.55 13.11 -0.35
C PHE A 63 -4.11 14.37 -1.09
N GLN A 64 -3.72 14.20 -2.34
CA GLN A 64 -3.26 15.33 -3.15
C GLN A 64 -4.40 16.31 -3.38
N ASP A 65 -5.60 15.78 -3.56
CA ASP A 65 -6.77 16.63 -3.79
C ASP A 65 -7.06 17.48 -2.55
N TYR A 66 -7.17 16.84 -1.40
CA TYR A 66 -7.44 17.55 -0.16
C TYR A 66 -6.28 18.46 0.20
N TYR A 67 -5.06 17.97 -0.02
CA TYR A 67 -3.86 18.75 0.29
C TYR A 67 -3.79 19.99 -0.60
N ASN A 68 -4.15 19.83 -1.86
CA ASN A 68 -4.09 20.94 -2.81
C ASN A 68 -5.02 22.07 -2.39
N THR A 69 -6.22 21.71 -1.95
CA THR A 69 -7.19 22.71 -1.52
C THR A 69 -6.56 23.73 -0.58
N PHE A 70 -5.52 23.31 0.12
CA PHE A 70 -4.83 24.20 1.05
C PHE A 70 -3.82 25.06 0.31
N GLY A 71 -3.93 25.11 -1.01
CA GLY A 71 -3.01 25.88 -1.83
C GLY A 71 -1.59 25.82 -1.28
N PRO A 72 -1.04 24.64 -1.19
CA PRO A 72 0.32 24.42 -0.66
C PRO A 72 1.40 24.76 -1.69
N GLU A 73 2.38 25.56 -1.26
CA GLU A 73 3.47 25.94 -2.16
C GLU A 73 4.60 24.93 -2.09
N LYS A 74 4.71 24.25 -0.94
CA LYS A 74 5.78 23.28 -0.76
C LYS A 74 5.60 22.08 -1.66
N VAL A 75 4.38 21.55 -1.70
CA VAL A 75 4.07 20.40 -2.54
C VAL A 75 5.33 19.55 -2.78
N PRO A 76 5.70 18.76 -1.81
CA PRO A 76 6.92 17.89 -1.91
C PRO A 76 6.86 16.99 -3.15
N VAL A 77 7.91 17.06 -3.96
CA VAL A 77 7.98 16.25 -5.17
C VAL A 77 8.47 14.84 -4.85
N THR A 78 9.11 14.69 -3.71
CA THR A 78 9.63 13.39 -3.30
C THR A 78 8.60 12.30 -3.55
N ALA A 79 7.34 12.68 -3.55
CA ALA A 79 6.26 11.73 -3.78
C ALA A 79 6.43 11.02 -5.13
N PHE A 80 7.16 11.67 -6.03
CA PHE A 80 7.41 11.10 -7.35
C PHE A 80 8.30 9.87 -7.24
N SER A 81 9.28 9.93 -6.34
CA SER A 81 10.20 8.82 -6.15
C SER A 81 9.45 7.56 -5.70
N TYR A 82 8.48 7.76 -4.82
CA TYR A 82 7.69 6.64 -4.31
C TYR A 82 6.96 5.92 -5.45
N TRP A 83 6.29 6.70 -6.28
CA TRP A 83 5.55 6.13 -7.40
C TRP A 83 6.46 5.28 -8.28
N ASN A 84 7.59 5.84 -8.66
CA ASN A 84 8.54 5.12 -9.50
C ASN A 84 9.14 3.93 -8.78
N LEU A 85 9.45 4.12 -7.50
CA LEU A 85 10.04 3.05 -6.71
C LEU A 85 9.05 1.91 -6.51
N ILE A 86 7.96 2.18 -5.80
CA ILE A 86 6.96 1.17 -5.54
C ILE A 86 6.53 0.50 -6.84
N LYS A 87 6.50 1.29 -7.92
CA LYS A 87 6.07 0.78 -9.20
C LYS A 87 6.91 -0.41 -9.62
N GLU A 88 8.22 -0.29 -9.43
CA GLU A 88 9.13 -1.37 -9.80
C GLU A 88 9.21 -2.44 -8.72
N LEU A 89 8.81 -2.07 -7.50
CA LEU A 89 8.89 -2.98 -6.39
C LEU A 89 8.04 -4.22 -6.66
N ILE A 90 6.82 -3.98 -7.13
CA ILE A 90 5.91 -5.08 -7.41
C ILE A 90 6.50 -6.00 -8.48
N ASP A 91 7.05 -5.39 -9.52
CA ASP A 91 7.62 -6.16 -10.63
C ASP A 91 8.67 -7.13 -10.11
N LYS A 92 9.44 -6.69 -9.13
CA LYS A 92 10.49 -7.54 -8.55
C LYS A 92 9.87 -8.74 -7.85
N LYS A 93 10.54 -9.89 -7.97
CA LYS A 93 10.04 -11.12 -7.35
C LYS A 93 10.10 -11.01 -5.84
N GLU A 94 10.53 -9.86 -5.35
CA GLU A 94 10.63 -9.63 -3.90
C GLU A 94 9.24 -9.45 -3.29
N VAL A 95 8.38 -10.44 -3.50
CA VAL A 95 7.02 -10.37 -2.98
C VAL A 95 6.90 -11.23 -1.72
N ASN A 96 6.25 -10.68 -0.70
CA ASN A 96 6.09 -11.39 0.56
C ASN A 96 5.01 -12.47 0.45
N PRO A 97 5.03 -13.42 1.33
CA PRO A 97 4.03 -14.54 1.35
C PRO A 97 2.62 -14.03 1.09
N GLN A 98 2.43 -12.73 1.18
CA GLN A 98 1.12 -12.12 0.94
C GLN A 98 0.48 -12.70 -0.31
N VAL A 99 1.29 -13.40 -1.11
CA VAL A 99 0.80 -14.00 -2.35
C VAL A 99 -0.32 -14.98 -2.06
N MET A 100 -0.11 -15.85 -1.08
CA MET A 100 -1.11 -16.85 -0.71
C MET A 100 -2.33 -16.18 -0.10
N ALA A 101 -2.09 -15.18 0.75
CA ALA A 101 -3.17 -14.46 1.40
C ALA A 101 -3.81 -13.46 0.42
N ALA A 102 -3.12 -13.20 -0.68
CA ALA A 102 -3.61 -12.26 -1.68
C ALA A 102 -4.43 -12.97 -2.74
N VAL A 103 -4.15 -14.25 -2.95
CA VAL A 103 -4.87 -15.03 -3.96
C VAL A 103 -6.35 -15.06 -3.63
N ALA A 104 -6.68 -15.32 -2.37
CA ALA A 104 -8.08 -15.36 -1.95
C ALA A 104 -8.76 -14.01 -2.20
N GLN A 105 -7.97 -12.95 -2.11
CA GLN A 105 -8.51 -11.60 -2.32
C GLN A 105 -8.55 -11.28 -3.81
N THR A 106 -7.65 -10.40 -4.24
CA THR A 106 -7.59 -10.00 -5.65
C THR A 106 -9.00 -9.83 -6.21
N GLU A 107 -9.58 -8.65 -6.00
CA GLU A 107 -10.92 -8.37 -6.49
C GLU A 107 -11.01 -8.63 -7.99
N GLU A 108 -12.18 -9.07 -8.44
CA GLU A 108 -12.37 -9.34 -9.87
C GLU A 108 -12.76 -8.07 -10.61
N ILE A 109 -11.91 -7.66 -11.55
CA ILE A 109 -12.17 -6.46 -12.32
C ILE A 109 -13.58 -6.49 -12.92
N LEU A 110 -14.09 -7.71 -13.10
CA LEU A 110 -15.43 -7.87 -13.67
C LEU A 110 -16.48 -7.28 -12.74
N LYS A 111 -16.33 -7.53 -11.44
CA LYS A 111 -17.28 -7.02 -10.46
C LYS A 111 -17.22 -5.50 -10.39
N SER A 112 -16.01 -4.95 -10.50
CA SER A 112 -15.82 -3.51 -10.45
C SER A 112 -16.60 -2.83 -11.57
N ASN A 113 -16.49 -3.38 -12.78
CA ASN A 113 -17.20 -2.82 -13.93
C ASN A 113 -18.69 -3.01 -13.78
N SER A 114 -19.10 -4.18 -13.31
CA SER A 114 -20.51 -4.49 -13.12
C SER A 114 -20.69 -5.69 -12.19
N GLN A 115 -21.68 -5.60 -11.32
CA GLN A 115 -21.95 -6.68 -10.36
C GLN A 115 -22.94 -7.67 -10.96
N THR A 116 -22.94 -7.78 -12.28
CA THR A 116 -23.85 -8.71 -12.96
C THR A 116 -23.56 -10.14 -12.55
N ASP A 117 -22.28 -10.50 -12.50
CA ASP A 117 -21.89 -11.85 -12.12
C ASP A 117 -22.45 -12.21 -10.75
N LEU A 118 -22.23 -11.33 -9.77
CA LEU A 118 -22.73 -11.55 -8.43
C LEU A 118 -23.49 -10.35 -7.92
N GLU A 119 -24.67 -10.57 -7.36
CA GLU A 119 -25.48 -9.48 -6.84
C GLU A 119 -25.47 -9.49 -5.31
N HIS A 120 -25.07 -8.38 -4.72
CA HIS A 120 -25.02 -8.26 -3.27
C HIS A 120 -26.42 -8.15 -2.69
N HIS A 121 -26.62 -8.72 -1.51
CA HIS A 121 -27.93 -8.68 -0.86
C HIS A 121 -27.95 -7.60 0.22
N HIS A 122 -29.00 -6.78 0.19
CA HIS A 122 -29.13 -5.70 1.18
C HIS A 122 -29.29 -6.27 2.58
N HIS A 123 -30.12 -7.31 2.70
CA HIS A 123 -30.35 -7.94 3.99
C HIS A 123 -29.61 -9.27 4.08
N HIS A 124 -28.64 -9.34 4.99
CA HIS A 124 -27.86 -10.56 5.17
C HIS A 124 -28.58 -11.52 6.11
N HIS A 125 -28.74 -12.75 5.65
CA HIS A 125 -29.41 -13.76 6.46
C HIS A 125 -30.73 -13.22 7.01
C1 MYR A 1 -1.48 -11.70 9.41
O1 MYR A 1 -1.13 -12.86 9.19
C2 MYR A 1 -0.92 -10.69 8.61
C3 MYR A 1 -1.17 -10.95 7.11
C4 MYR A 1 -0.82 -9.73 6.27
C5 MYR A 1 0.08 -10.08 5.10
C6 MYR A 1 1.47 -9.45 5.26
C7 MYR A 1 2.09 -8.94 3.95
C8 MYR A 1 3.19 -7.89 4.12
C9 MYR A 1 3.12 -6.72 3.12
C10 MYR A 1 4.46 -5.96 3.00
C11 MYR A 1 4.32 -4.46 3.28
C12 MYR A 1 4.78 -3.62 2.08
C13 MYR A 1 3.72 -2.62 1.66
C14 MYR A 1 4.10 -1.89 0.38
H21 MYR A 1 -1.32 -9.81 8.86
H22 MYR A 1 0.06 -10.66 8.77
H31 MYR A 1 -0.61 -11.72 6.82
H32 MYR A 1 -2.14 -11.17 6.97
H41 MYR A 1 -1.66 -9.32 5.94
H42 MYR A 1 -0.34 -9.06 6.85
H51 MYR A 1 0.18 -11.08 5.04
H52 MYR A 1 -0.33 -9.75 4.24
H61 MYR A 1 1.39 -8.69 5.89
H62 MYR A 1 2.08 -10.14 5.64
H71 MYR A 1 2.47 -9.71 3.46
H72 MYR A 1 1.36 -8.53 3.40
H81 MYR A 1 3.13 -7.51 5.05
H82 MYR A 1 4.08 -8.33 4.00
H91 MYR A 1 2.87 -7.07 2.23
H92 MYR A 1 2.42 -6.06 3.44
H101 MYR A 1 5.11 -6.35 3.64
H102 MYR A 1 4.80 -6.08 2.07
H111 MYR A 1 3.37 -4.24 3.48
H112 MYR A 1 4.89 -4.21 4.07
H121 MYR A 1 5.62 -3.14 2.31
H122 MYR A 1 4.96 -4.23 1.30
H131 MYR A 1 2.84 -3.09 1.52
H132 MYR A 1 3.60 -1.93 2.38
H141 MYR A 1 3.69 -0.98 0.38
H142 MYR A 1 5.10 -1.81 0.34
H143 MYR A 1 3.78 -2.41 -0.41
N GLY A 2 -1.50 -11.16 10.61
CA GLY A 2 -1.08 -11.92 11.78
C GLY A 2 0.39 -11.67 12.10
N GLN A 3 1.16 -12.74 12.28
CA GLN A 3 2.57 -12.62 12.58
C GLN A 3 3.32 -11.99 11.42
N GLU A 4 2.77 -12.13 10.22
CA GLU A 4 3.37 -11.56 9.02
C GLU A 4 3.62 -10.07 9.20
N LEU A 5 2.90 -9.47 10.15
CA LEU A 5 3.03 -8.05 10.40
C LEU A 5 4.50 -7.63 10.40
N SER A 6 5.35 -8.52 10.89
CA SER A 6 6.78 -8.24 10.95
C SER A 6 7.27 -7.81 9.57
N GLN A 7 6.68 -8.36 8.52
CA GLN A 7 7.07 -8.02 7.16
C GLN A 7 7.03 -6.51 6.96
N HIS A 8 5.97 -5.88 7.47
CA HIS A 8 5.83 -4.43 7.34
C HIS A 8 6.99 -3.72 8.04
N GLU A 9 7.28 -4.13 9.27
CA GLU A 9 8.38 -3.52 10.02
C GLU A 9 9.65 -3.49 9.18
N ARG A 10 9.79 -4.48 8.30
CA ARG A 10 10.95 -4.55 7.43
C ARG A 10 10.75 -3.67 6.22
N TYR A 11 9.60 -3.79 5.57
CA TYR A 11 9.30 -2.98 4.40
C TYR A 11 9.50 -1.50 4.71
N VAL A 12 9.07 -1.07 5.88
CA VAL A 12 9.22 0.34 6.27
C VAL A 12 10.69 0.72 6.35
N GLU A 13 11.46 -0.08 7.07
CA GLU A 13 12.89 0.20 7.22
C GLU A 13 13.61 -0.01 5.88
N GLN A 14 13.20 -1.02 5.14
CA GLN A 14 13.82 -1.33 3.86
C GLN A 14 13.44 -0.28 2.82
N LEU A 15 12.20 -0.32 2.37
CA LEU A 15 11.75 0.62 1.36
C LEU A 15 12.36 1.99 1.60
N LYS A 16 12.37 2.43 2.84
CA LYS A 16 12.97 3.71 3.19
C LYS A 16 14.46 3.73 2.87
N GLN A 17 15.12 2.62 3.15
CA GLN A 17 16.55 2.50 2.88
C GLN A 17 16.80 2.58 1.37
N ALA A 18 16.16 1.68 0.63
CA ALA A 18 16.30 1.66 -0.82
C ALA A 18 15.92 3.01 -1.40
N LEU A 19 15.26 3.83 -0.59
CA LEU A 19 14.88 5.17 -1.01
C LEU A 19 15.98 6.18 -0.72
N LYS A 20 16.44 6.20 0.53
CA LYS A 20 17.49 7.14 0.93
C LYS A 20 18.56 7.24 -0.15
N THR A 21 18.88 6.11 -0.76
CA THR A 21 19.89 6.08 -1.81
C THR A 21 19.49 6.97 -2.98
N ARG A 22 18.18 7.02 -3.25
CA ARG A 22 17.68 7.83 -4.35
C ARG A 22 17.82 9.32 -4.03
N GLY A 23 18.17 9.61 -2.78
CA GLY A 23 18.34 11.01 -2.36
C GLY A 23 17.19 11.44 -1.45
N VAL A 24 16.63 10.49 -0.72
CA VAL A 24 15.53 10.79 0.19
C VAL A 24 16.00 10.74 1.63
N LYS A 25 15.17 11.26 2.54
CA LYS A 25 15.51 11.25 3.96
C LYS A 25 14.60 10.28 4.72
N VAL A 26 15.15 9.66 5.76
CA VAL A 26 14.38 8.71 6.56
C VAL A 26 14.48 9.05 8.05
N LYS A 27 13.59 9.94 8.50
CA LYS A 27 13.57 10.35 9.89
C LYS A 27 12.35 9.80 10.60
N TYR A 28 12.36 9.84 11.93
CA TYR A 28 11.22 9.35 12.70
C TYR A 28 9.93 10.03 12.26
N ALA A 29 10.00 11.33 12.01
CA ALA A 29 8.84 12.09 11.56
C ALA A 29 8.27 11.50 10.28
N ASP A 30 9.12 10.77 9.56
CA ASP A 30 8.70 10.15 8.30
C ASP A 30 7.74 8.99 8.57
N LEU A 31 8.04 8.22 9.59
CA LEU A 31 7.19 7.07 9.94
C LEU A 31 5.83 7.56 10.38
N LEU A 32 5.79 8.61 11.18
CA LEU A 32 4.52 9.11 11.67
C LEU A 32 3.59 9.49 10.53
N LYS A 33 4.11 10.28 9.59
CA LYS A 33 3.31 10.72 8.45
C LYS A 33 3.10 9.59 7.45
N PHE A 34 4.19 8.97 7.04
CA PHE A 34 4.11 7.90 6.05
C PHE A 34 3.28 6.72 6.54
N PHE A 35 3.47 6.37 7.80
CA PHE A 35 2.74 5.26 8.39
C PHE A 35 1.27 5.64 8.64
N ASP A 36 1.05 6.85 9.16
CA ASP A 36 -0.30 7.31 9.44
C ASP A 36 -1.08 7.54 8.15
N PHE A 37 -0.37 8.00 7.13
CA PHE A 37 -1.01 8.28 5.84
C PHE A 37 -1.72 7.04 5.31
N VAL A 38 -1.00 5.94 5.27
CA VAL A 38 -1.58 4.69 4.77
C VAL A 38 -2.59 4.12 5.77
N LYS A 39 -2.26 4.20 7.05
CA LYS A 39 -3.14 3.68 8.09
C LYS A 39 -4.47 4.41 8.06
N ASP A 40 -4.46 5.64 7.55
CA ASP A 40 -5.68 6.44 7.50
C ASP A 40 -6.78 5.70 6.76
N THR A 41 -6.50 5.29 5.53
CA THR A 41 -7.49 4.57 4.73
C THR A 41 -7.04 3.13 4.48
N CYS A 42 -5.85 2.80 4.96
CA CYS A 42 -5.32 1.45 4.78
C CYS A 42 -5.64 0.93 3.38
N PRO A 43 -5.17 1.60 2.37
CA PRO A 43 -5.41 1.21 0.95
C PRO A 43 -4.47 0.10 0.49
N TRP A 44 -3.43 -0.16 1.30
CA TRP A 44 -2.45 -1.18 0.96
C TRP A 44 -3.01 -2.58 1.25
N PHE A 45 -4.32 -2.69 1.30
CA PHE A 45 -4.95 -3.96 1.57
C PHE A 45 -4.40 -4.58 2.87
N PRO A 46 -4.91 -4.15 3.99
CA PRO A 46 -4.45 -4.64 5.32
C PRO A 46 -4.84 -6.09 5.57
N GLN A 47 -5.61 -6.66 4.64
CA GLN A 47 -6.06 -8.05 4.79
C GLN A 47 -4.97 -9.00 4.30
N GLU A 48 -4.58 -8.83 3.03
CA GLU A 48 -3.54 -9.68 2.45
C GLU A 48 -2.17 -9.03 2.63
N GLY A 49 -2.15 -7.72 2.79
CA GLY A 49 -0.90 -6.98 2.94
C GLY A 49 -0.08 -7.05 1.66
N THR A 50 -0.52 -6.31 0.64
CA THR A 50 0.18 -6.31 -0.64
C THR A 50 0.18 -4.90 -1.25
N ILE A 51 0.97 -4.73 -2.31
CA ILE A 51 1.05 -3.44 -2.98
C ILE A 51 0.00 -3.36 -4.10
N ASP A 52 -0.57 -2.18 -4.28
CA ASP A 52 -1.57 -2.00 -5.34
C ASP A 52 -1.37 -0.65 -6.03
N ILE A 53 -1.13 -0.70 -7.33
CA ILE A 53 -0.92 0.52 -8.11
C ILE A 53 -2.23 1.28 -8.30
N LYS A 54 -3.30 0.53 -8.55
CA LYS A 54 -4.61 1.14 -8.79
C LYS A 54 -5.09 1.90 -7.54
N ARG A 55 -5.17 1.19 -6.42
CA ARG A 55 -5.62 1.80 -5.18
C ARG A 55 -4.65 2.89 -4.74
N TRP A 56 -3.36 2.69 -5.02
CA TRP A 56 -2.34 3.66 -4.65
C TRP A 56 -2.66 5.02 -5.27
N ARG A 57 -3.20 4.99 -6.48
CA ARG A 57 -3.55 6.23 -7.18
C ARG A 57 -4.71 6.92 -6.47
N ARG A 58 -5.69 6.14 -6.04
CA ARG A 58 -6.85 6.70 -5.35
C ARG A 58 -6.44 7.48 -4.11
N VAL A 59 -5.63 6.85 -3.27
CA VAL A 59 -5.16 7.50 -2.05
C VAL A 59 -4.28 8.70 -2.39
N GLY A 60 -3.48 8.57 -3.45
CA GLY A 60 -2.60 9.66 -3.87
C GLY A 60 -3.41 10.88 -4.28
N ASP A 61 -4.45 10.65 -5.07
CA ASP A 61 -5.30 11.75 -5.54
C ASP A 61 -6.14 12.29 -4.39
N CYS A 62 -6.65 11.39 -3.56
CA CYS A 62 -7.48 11.79 -2.43
C CYS A 62 -6.71 12.72 -1.49
N PHE A 63 -5.43 12.43 -1.32
CA PHE A 63 -4.58 13.24 -0.45
C PHE A 63 -4.05 14.46 -1.18
N GLN A 64 -3.70 14.28 -2.45
CA GLN A 64 -3.17 15.36 -3.25
C GLN A 64 -4.21 16.46 -3.42
N ASP A 65 -5.45 16.06 -3.67
CA ASP A 65 -6.53 17.03 -3.86
C ASP A 65 -6.86 17.73 -2.54
N TYR A 66 -6.94 16.96 -1.46
CA TYR A 66 -7.24 17.53 -0.16
C TYR A 66 -6.10 18.41 0.32
N TYR A 67 -4.88 17.95 0.14
CA TYR A 67 -3.70 18.70 0.56
C TYR A 67 -3.55 19.97 -0.28
N ASN A 68 -3.84 19.85 -1.57
CA ASN A 68 -3.71 20.98 -2.48
C ASN A 68 -4.63 22.12 -2.07
N THR A 69 -5.85 21.77 -1.66
CA THR A 69 -6.83 22.79 -1.26
C THR A 69 -6.20 23.77 -0.29
N PHE A 70 -5.16 23.34 0.40
CA PHE A 70 -4.48 24.21 1.36
C PHE A 70 -3.43 25.06 0.66
N GLY A 71 -3.50 25.12 -0.66
CA GLY A 71 -2.53 25.89 -1.44
C GLY A 71 -1.12 25.74 -0.86
N PRO A 72 -0.63 24.52 -0.80
CA PRO A 72 0.72 24.23 -0.25
C PRO A 72 1.82 24.53 -1.26
N GLU A 73 2.83 25.27 -0.83
CA GLU A 73 3.95 25.61 -1.71
C GLU A 73 5.03 24.54 -1.63
N LYS A 74 5.13 23.90 -0.47
CA LYS A 74 6.16 22.88 -0.26
C LYS A 74 5.93 21.69 -1.17
N VAL A 75 4.67 21.23 -1.24
CA VAL A 75 4.33 20.09 -2.10
C VAL A 75 5.54 19.19 -2.31
N PRO A 76 5.81 18.29 -1.40
CA PRO A 76 6.98 17.37 -1.50
C PRO A 76 6.96 16.58 -2.81
N VAL A 77 8.05 16.66 -3.54
CA VAL A 77 8.16 15.95 -4.81
C VAL A 77 8.58 14.50 -4.58
N THR A 78 9.12 14.22 -3.40
CA THR A 78 9.58 12.88 -3.08
C THR A 78 8.49 11.86 -3.41
N ALA A 79 7.24 12.32 -3.40
CA ALA A 79 6.12 11.43 -3.71
C ALA A 79 6.31 10.76 -5.06
N PHE A 80 7.05 11.42 -5.94
CA PHE A 80 7.31 10.88 -7.27
C PHE A 80 8.27 9.70 -7.20
N SER A 81 9.21 9.75 -6.26
CA SER A 81 10.18 8.69 -6.09
C SER A 81 9.51 7.43 -5.57
N TYR A 82 8.61 7.59 -4.61
CA TYR A 82 7.91 6.45 -4.02
C TYR A 82 7.17 5.67 -5.09
N TRP A 83 6.33 6.36 -5.85
CA TRP A 83 5.55 5.72 -6.91
C TRP A 83 6.47 5.04 -7.91
N ASN A 84 7.59 5.70 -8.24
CA ASN A 84 8.52 5.15 -9.20
C ASN A 84 9.14 3.85 -8.70
N LEU A 85 9.59 3.86 -7.45
CA LEU A 85 10.21 2.68 -6.87
C LEU A 85 9.18 1.58 -6.66
N ILE A 86 8.07 1.92 -6.03
CA ILE A 86 7.02 0.95 -5.78
C ILE A 86 6.48 0.40 -7.10
N LYS A 87 6.37 1.26 -8.09
CA LYS A 87 5.84 0.86 -9.38
C LYS A 87 6.62 -0.33 -9.92
N GLU A 88 7.95 -0.23 -9.88
CA GLU A 88 8.78 -1.31 -10.38
C GLU A 88 8.99 -2.37 -9.31
N LEU A 89 8.73 -2.00 -8.06
CA LEU A 89 8.98 -2.91 -6.96
C LEU A 89 8.15 -4.18 -7.11
N ILE A 90 6.90 -4.00 -7.55
CA ILE A 90 6.02 -5.14 -7.73
C ILE A 90 6.58 -6.10 -8.76
N ASP A 91 7.12 -5.55 -9.85
CA ASP A 91 7.67 -6.37 -10.92
C ASP A 91 8.72 -7.33 -10.37
N LYS A 92 9.53 -6.85 -9.44
CA LYS A 92 10.56 -7.67 -8.83
C LYS A 92 9.94 -8.80 -8.02
N LYS A 93 10.58 -9.96 -8.02
CA LYS A 93 10.07 -11.11 -7.27
C LYS A 93 10.17 -10.86 -5.78
N GLU A 94 10.52 -9.63 -5.40
CA GLU A 94 10.65 -9.27 -4.00
C GLU A 94 9.27 -9.18 -3.35
N VAL A 95 8.50 -10.24 -3.46
CA VAL A 95 7.15 -10.27 -2.88
C VAL A 95 7.11 -11.18 -1.67
N ASN A 96 6.37 -10.77 -0.65
CA ASN A 96 6.27 -11.56 0.57
C ASN A 96 5.20 -12.64 0.43
N PRO A 97 5.12 -13.53 1.38
CA PRO A 97 4.11 -14.64 1.37
C PRO A 97 2.71 -14.14 1.10
N GLN A 98 2.53 -12.82 1.17
CA GLN A 98 1.22 -12.23 0.91
C GLN A 98 0.61 -12.82 -0.35
N VAL A 99 1.42 -13.52 -1.14
CA VAL A 99 0.93 -14.13 -2.37
C VAL A 99 -0.20 -15.11 -2.10
N MET A 100 0.02 -16.01 -1.15
CA MET A 100 -1.00 -16.99 -0.79
C MET A 100 -2.24 -16.30 -0.23
N ALA A 101 -2.03 -15.34 0.65
CA ALA A 101 -3.13 -14.60 1.26
C ALA A 101 -3.73 -13.62 0.27
N ALA A 102 -3.01 -13.37 -0.82
CA ALA A 102 -3.48 -12.45 -1.85
C ALA A 102 -4.27 -13.17 -2.93
N VAL A 103 -3.96 -14.44 -3.12
CA VAL A 103 -4.64 -15.23 -4.15
C VAL A 103 -6.14 -15.28 -3.86
N ALA A 104 -6.49 -15.54 -2.60
CA ALA A 104 -7.90 -15.61 -2.21
C ALA A 104 -8.61 -14.31 -2.55
N GLN A 105 -7.91 -13.19 -2.37
CA GLN A 105 -8.50 -11.88 -2.65
C GLN A 105 -8.77 -11.73 -4.15
N THR A 106 -7.84 -12.23 -4.96
CA THR A 106 -7.99 -12.15 -6.41
C THR A 106 -9.16 -13.00 -6.88
N GLU A 107 -9.96 -12.44 -7.79
CA GLU A 107 -11.12 -13.15 -8.31
C GLU A 107 -10.83 -13.70 -9.71
N GLU A 108 -11.34 -14.90 -9.99
CA GLU A 108 -11.12 -15.52 -11.30
C GLU A 108 -11.87 -14.75 -12.38
N ILE A 109 -11.13 -14.23 -13.35
CA ILE A 109 -11.73 -13.47 -14.43
C ILE A 109 -13.01 -14.15 -14.91
N LEU A 110 -13.07 -15.46 -14.73
CA LEU A 110 -14.25 -16.22 -15.15
C LEU A 110 -15.48 -15.78 -14.37
N LYS A 111 -15.30 -15.57 -13.07
CA LYS A 111 -16.40 -15.14 -12.22
C LYS A 111 -16.93 -13.78 -12.66
N SER A 112 -16.02 -12.95 -13.18
CA SER A 112 -16.41 -11.62 -13.63
C SER A 112 -17.77 -11.65 -14.32
N ASN A 113 -17.80 -12.24 -15.51
CA ASN A 113 -19.05 -12.32 -16.26
C ASN A 113 -20.07 -13.17 -15.52
N SER A 114 -19.66 -14.37 -15.11
CA SER A 114 -20.55 -15.26 -14.38
C SER A 114 -19.76 -16.37 -13.69
N GLN A 115 -20.40 -17.05 -12.75
CA GLN A 115 -19.73 -18.14 -12.02
C GLN A 115 -19.66 -19.39 -12.89
N THR A 116 -18.70 -19.40 -13.80
CA THR A 116 -18.52 -20.55 -14.69
C THR A 116 -18.12 -21.78 -13.89
N ASP A 117 -17.21 -21.61 -12.94
CA ASP A 117 -16.74 -22.71 -12.13
C ASP A 117 -17.91 -23.37 -11.40
N LEU A 118 -18.74 -22.56 -10.75
CA LEU A 118 -19.90 -23.07 -10.03
C LEU A 118 -21.19 -22.53 -10.63
N GLU A 119 -22.12 -23.43 -10.96
CA GLU A 119 -23.39 -23.02 -11.54
C GLU A 119 -24.51 -23.18 -10.52
N HIS A 120 -25.21 -22.08 -10.23
CA HIS A 120 -26.31 -22.11 -9.28
C HIS A 120 -27.59 -21.63 -9.94
N HIS A 121 -28.72 -22.16 -9.46
CA HIS A 121 -30.02 -21.78 -10.02
C HIS A 121 -31.03 -21.55 -8.89
N HIS A 122 -31.92 -20.58 -9.10
CA HIS A 122 -32.93 -20.27 -8.09
C HIS A 122 -33.88 -21.45 -7.91
N HIS A 123 -34.30 -22.03 -9.02
CA HIS A 123 -35.22 -23.18 -8.97
C HIS A 123 -34.59 -24.33 -8.19
N HIS A 124 -33.30 -24.57 -8.44
CA HIS A 124 -32.59 -25.65 -7.76
C HIS A 124 -32.60 -25.43 -6.25
N HIS A 125 -32.37 -24.18 -5.84
CA HIS A 125 -32.34 -23.86 -4.41
C HIS A 125 -33.11 -22.57 -4.16
C1 MYR A 1 3.48 -12.70 8.11
O1 MYR A 1 3.57 -11.63 7.51
C2 MYR A 1 3.14 -13.82 7.38
C3 MYR A 1 3.40 -13.63 5.88
C4 MYR A 1 2.35 -12.73 5.23
C5 MYR A 1 2.96 -11.84 4.15
C6 MYR A 1 3.69 -10.64 4.76
C7 MYR A 1 3.38 -9.29 4.09
C8 MYR A 1 4.55 -8.31 4.00
C9 MYR A 1 4.25 -7.01 3.24
C10 MYR A 1 5.52 -6.23 2.86
C11 MYR A 1 5.45 -4.74 3.24
C12 MYR A 1 6.10 -3.85 2.17
C13 MYR A 1 5.05 -3.07 1.39
C14 MYR A 1 5.66 -1.86 0.71
H21 MYR A 1 3.67 -14.59 7.72
H22 MYR A 1 2.16 -14.03 7.51
H31 MYR A 1 4.30 -13.23 5.75
H32 MYR A 1 3.38 -14.52 5.42
H41 MYR A 1 1.62 -13.28 4.83
H42 MYR A 1 1.95 -12.13 5.93
H51 MYR A 1 3.60 -12.37 3.61
H52 MYR A 1 2.22 -11.50 3.53
H61 MYR A 1 3.45 -10.57 5.73
H62 MYR A 1 4.67 -10.80 4.68
H71 MYR A 1 3.05 -9.47 3.16
H72 MYR A 1 2.64 -8.84 4.61
H81 MYR A 1 4.85 -8.08 4.93
H82 MYR A 1 5.31 -8.77 3.53
H91 MYR A 1 3.74 -7.22 2.41
H92 MYR A 1 3.69 -6.42 3.82
H101 MYR A 1 6.30 -6.65 3.31
H102 MYR A 1 5.65 -6.29 1.86
H111 MYR A 1 4.50 -4.47 3.35
H112 MYR A 1 5.94 -4.60 4.11
H121 MYR A 1 6.73 -3.22 2.60
H122 MYR A 1 6.61 -4.44 1.53
H131 MYR A 1 4.64 -3.66 0.70
H132 MYR A 1 4.33 -2.76 2.02
H141 MYR A 1 4.93 -1.20 0.46
H142 MYR A 1 6.31 -1.40 1.33
H143 MYR A 1 6.14 -2.15 -0.12
N GLY A 2 2.78 -12.85 9.23
CA GLY A 2 2.05 -11.74 9.83
C GLY A 2 1.48 -10.83 8.76
N GLN A 3 0.35 -11.21 8.20
CA GLN A 3 -0.25 -10.43 7.12
C GLN A 3 -0.11 -8.94 7.40
N GLU A 4 -0.53 -8.52 8.57
CA GLU A 4 -0.41 -7.12 8.94
C GLU A 4 0.96 -6.83 9.52
N LEU A 5 1.23 -7.44 10.66
CA LEU A 5 2.48 -7.18 11.35
C LEU A 5 3.62 -7.06 10.35
N SER A 6 3.95 -8.15 9.68
CA SER A 6 5.06 -8.13 8.75
C SER A 6 5.00 -6.89 7.89
N GLN A 7 3.80 -6.52 7.50
CA GLN A 7 3.61 -5.34 6.66
C GLN A 7 4.38 -4.17 7.25
N HIS A 8 4.03 -3.78 8.47
CA HIS A 8 4.69 -2.65 9.12
C HIS A 8 6.21 -2.85 9.15
N GLU A 9 6.63 -4.06 9.47
CA GLU A 9 8.06 -4.34 9.55
C GLU A 9 8.76 -4.09 8.22
N ARG A 10 8.38 -4.85 7.20
CA ARG A 10 8.99 -4.69 5.89
C ARG A 10 8.65 -3.34 5.29
N TYR A 11 7.40 -2.93 5.41
CA TYR A 11 6.97 -1.65 4.85
C TYR A 11 7.84 -0.52 5.39
N VAL A 12 7.89 -0.39 6.70
CA VAL A 12 8.68 0.68 7.30
C VAL A 12 10.15 0.59 6.93
N GLU A 13 10.75 -0.58 7.15
CA GLU A 13 12.17 -0.77 6.85
C GLU A 13 12.45 -0.77 5.36
N GLN A 14 11.68 -1.52 4.61
CA GLN A 14 11.88 -1.62 3.16
C GLN A 14 11.53 -0.31 2.47
N LEU A 15 10.23 -0.03 2.41
CA LEU A 15 9.75 1.18 1.72
C LEU A 15 10.72 2.34 1.99
N LYS A 16 11.05 2.56 3.25
CA LYS A 16 11.99 3.62 3.58
C LYS A 16 13.37 3.34 2.99
N GLN A 17 13.80 2.09 3.01
CA GLN A 17 15.10 1.75 2.45
C GLN A 17 15.10 1.96 0.93
N ALA A 18 14.21 1.25 0.25
CA ALA A 18 14.10 1.36 -1.19
C ALA A 18 14.17 2.83 -1.60
N LEU A 19 13.86 3.71 -0.66
CA LEU A 19 13.93 5.15 -0.92
C LEU A 19 15.34 5.67 -0.68
N LYS A 20 15.94 5.24 0.43
CA LYS A 20 17.29 5.70 0.78
C LYS A 20 18.17 5.77 -0.47
N THR A 21 18.06 4.76 -1.31
CA THR A 21 18.85 4.72 -2.53
C THR A 21 18.58 5.95 -3.40
N ARG A 22 17.33 6.42 -3.39
CA ARG A 22 16.95 7.58 -4.17
C ARG A 22 17.54 8.84 -3.57
N GLY A 23 18.16 8.70 -2.40
CA GLY A 23 18.77 9.85 -1.73
C GLY A 23 17.83 10.44 -0.67
N VAL A 24 17.03 9.57 -0.05
CA VAL A 24 16.09 10.03 0.97
C VAL A 24 16.60 9.64 2.36
N LYS A 25 16.08 10.31 3.39
CA LYS A 25 16.48 10.02 4.76
C LYS A 25 15.29 9.55 5.58
N VAL A 26 15.58 8.93 6.72
CA VAL A 26 14.52 8.41 7.59
C VAL A 26 14.65 8.98 9.01
N LYS A 27 13.76 9.91 9.34
CA LYS A 27 13.76 10.54 10.66
C LYS A 27 12.55 10.10 11.48
N TYR A 28 12.56 10.41 12.76
CA TYR A 28 11.45 10.04 13.61
C TYR A 28 10.16 10.67 13.09
N ALA A 29 10.26 11.91 12.63
CA ALA A 29 9.11 12.64 12.10
C ALA A 29 8.58 11.98 10.83
N ASP A 30 9.44 11.22 10.18
CA ASP A 30 9.06 10.52 8.94
C ASP A 30 8.10 9.39 9.25
N LEU A 31 8.37 8.65 10.32
CA LEU A 31 7.50 7.54 10.68
C LEU A 31 6.12 8.05 11.05
N LEU A 32 6.05 9.13 11.81
CA LEU A 32 4.75 9.64 12.21
C LEU A 32 3.87 9.92 11.00
N LYS A 33 4.41 10.65 10.03
CA LYS A 33 3.65 10.99 8.84
C LYS A 33 3.50 9.81 7.90
N PHE A 34 4.61 9.18 7.56
CA PHE A 34 4.60 8.04 6.64
C PHE A 34 3.75 6.88 7.17
N PHE A 35 3.87 6.63 8.47
CA PHE A 35 3.10 5.57 9.10
C PHE A 35 1.61 5.95 9.15
N ASP A 36 1.34 7.19 9.56
CA ASP A 36 -0.04 7.66 9.68
C ASP A 36 -0.67 7.87 8.30
N PHE A 37 0.19 8.01 7.29
CA PHE A 37 -0.27 8.23 5.92
C PHE A 37 -0.98 6.99 5.40
N VAL A 38 -0.27 5.88 5.36
CA VAL A 38 -0.86 4.63 4.88
C VAL A 38 -1.93 4.13 5.84
N LYS A 39 -1.66 4.25 7.14
CA LYS A 39 -2.60 3.79 8.16
C LYS A 39 -3.98 4.42 7.93
N ASP A 40 -3.99 5.65 7.46
CA ASP A 40 -5.26 6.35 7.23
C ASP A 40 -6.28 5.44 6.59
N THR A 41 -5.99 4.98 5.37
CA THR A 41 -6.90 4.09 4.65
C THR A 41 -6.26 2.72 4.42
N CYS A 42 -5.05 2.55 4.94
CA CYS A 42 -4.31 1.29 4.74
C CYS A 42 -4.53 0.75 3.34
N PRO A 43 -4.09 1.48 2.35
CA PRO A 43 -4.25 1.08 0.91
C PRO A 43 -3.44 -0.18 0.58
N TRP A 44 -2.45 -0.47 1.40
CA TRP A 44 -1.61 -1.64 1.18
C TRP A 44 -2.38 -2.93 1.46
N PHE A 45 -3.69 -2.87 1.30
CA PHE A 45 -4.54 -4.02 1.54
C PHE A 45 -4.44 -4.44 3.02
N PRO A 46 -5.39 -4.06 3.84
CA PRO A 46 -5.37 -4.40 5.28
C PRO A 46 -5.70 -5.86 5.53
N GLN A 47 -6.06 -6.58 4.48
CA GLN A 47 -6.40 -7.99 4.64
C GLN A 47 -5.14 -8.86 4.63
N GLU A 48 -4.39 -8.79 3.53
CA GLU A 48 -3.15 -9.55 3.41
C GLU A 48 -1.95 -8.71 3.82
N GLY A 49 -2.01 -7.42 3.48
CA GLY A 49 -0.90 -6.52 3.78
C GLY A 49 0.11 -6.51 2.63
N THR A 50 -0.33 -6.02 1.47
CA THR A 50 0.54 -5.96 0.29
C THR A 50 0.35 -4.65 -0.45
N ILE A 51 1.23 -4.38 -1.40
CA ILE A 51 1.15 -3.15 -2.18
C ILE A 51 0.10 -3.29 -3.27
N ASP A 52 -0.62 -2.20 -3.53
CA ASP A 52 -1.65 -2.21 -4.57
C ASP A 52 -1.58 -0.92 -5.39
N ILE A 53 -1.43 -1.09 -6.70
CA ILE A 53 -1.34 0.05 -7.61
C ILE A 53 -2.68 0.78 -7.73
N LYS A 54 -3.75 0.01 -7.82
CA LYS A 54 -5.09 0.59 -7.96
C LYS A 54 -5.43 1.47 -6.76
N ARG A 55 -5.37 0.88 -5.58
CA ARG A 55 -5.67 1.62 -4.36
C ARG A 55 -4.67 2.74 -4.16
N TRP A 56 -3.43 2.50 -4.56
CA TRP A 56 -2.38 3.51 -4.40
C TRP A 56 -2.78 4.80 -5.09
N ARG A 57 -3.41 4.68 -6.24
CA ARG A 57 -3.85 5.85 -6.99
C ARG A 57 -4.93 6.59 -6.21
N ARG A 58 -5.84 5.84 -5.60
CA ARG A 58 -6.92 6.46 -4.83
C ARG A 58 -6.37 7.30 -3.67
N VAL A 59 -5.50 6.71 -2.88
CA VAL A 59 -4.91 7.43 -1.74
C VAL A 59 -4.05 8.60 -2.23
N GLY A 60 -3.29 8.36 -3.30
CA GLY A 60 -2.43 9.40 -3.85
C GLY A 60 -3.26 10.59 -4.34
N ASP A 61 -4.32 10.30 -5.09
CA ASP A 61 -5.17 11.36 -5.61
C ASP A 61 -5.99 11.99 -4.50
N CYS A 62 -6.43 11.18 -3.55
CA CYS A 62 -7.23 11.67 -2.43
C CYS A 62 -6.40 12.59 -1.54
N PHE A 63 -5.14 12.24 -1.33
CA PHE A 63 -4.26 13.05 -0.50
C PHE A 63 -3.67 14.21 -1.30
N GLN A 64 -3.27 13.91 -2.53
CA GLN A 64 -2.67 14.94 -3.39
C GLN A 64 -3.67 16.05 -3.66
N ASP A 65 -4.90 15.67 -3.97
CA ASP A 65 -5.95 16.64 -4.26
C ASP A 65 -6.24 17.49 -3.03
N TYR A 66 -6.52 16.84 -1.90
CA TYR A 66 -6.82 17.56 -0.68
C TYR A 66 -5.62 18.40 -0.24
N TYR A 67 -4.44 17.81 -0.29
CA TYR A 67 -3.22 18.49 0.11
C TYR A 67 -2.96 19.70 -0.78
N ASN A 68 -3.10 19.50 -2.09
CA ASN A 68 -2.87 20.58 -3.05
C ASN A 68 -3.89 21.69 -2.85
N THR A 69 -5.14 21.32 -2.62
CA THR A 69 -6.21 22.31 -2.42
C THR A 69 -5.94 23.12 -1.16
N PHE A 70 -5.33 22.49 -0.18
CA PHE A 70 -5.02 23.16 1.08
C PHE A 70 -3.52 23.37 1.23
N GLY A 71 -2.80 23.15 0.14
CA GLY A 71 -1.34 23.29 0.16
C GLY A 71 -0.87 24.21 -0.98
N PRO A 72 0.38 24.15 -1.32
CA PRO A 72 0.98 24.98 -2.39
C PRO A 72 0.67 24.43 -3.79
N GLU A 73 0.78 25.29 -4.80
CA GLU A 73 0.52 24.88 -6.17
C GLU A 73 1.63 23.97 -6.68
N LYS A 74 2.84 24.23 -6.22
CA LYS A 74 4.00 23.46 -6.64
C LYS A 74 3.85 22.00 -6.25
N VAL A 75 3.42 21.78 -5.03
CA VAL A 75 3.21 20.43 -4.51
C VAL A 75 4.53 19.63 -4.54
N PRO A 76 4.90 18.97 -3.45
CA PRO A 76 6.14 18.16 -3.39
C PRO A 76 6.24 17.20 -4.59
N VAL A 77 7.37 17.28 -5.29
CA VAL A 77 7.61 16.40 -6.44
C VAL A 77 8.13 15.06 -5.98
N THR A 78 8.74 15.02 -4.81
CA THR A 78 9.29 13.78 -4.30
C THR A 78 8.27 12.66 -4.44
N ALA A 79 6.98 13.02 -4.42
CA ALA A 79 5.92 12.05 -4.54
C ALA A 79 6.00 11.28 -5.87
N PHE A 80 6.63 11.91 -6.85
CA PHE A 80 6.78 11.30 -8.16
C PHE A 80 7.68 10.07 -8.08
N SER A 81 8.72 10.15 -7.26
CA SER A 81 9.63 9.02 -7.09
C SER A 81 8.93 7.85 -6.45
N TYR A 82 8.00 8.13 -5.54
CA TYR A 82 7.26 7.07 -4.86
C TYR A 82 6.52 6.21 -5.85
N TRP A 83 5.78 6.84 -6.74
CA TRP A 83 5.01 6.11 -7.75
C TRP A 83 5.93 5.24 -8.60
N ASN A 84 7.01 5.83 -9.09
CA ASN A 84 7.95 5.11 -9.93
C ASN A 84 8.59 3.94 -9.18
N LEU A 85 8.94 4.17 -7.91
CA LEU A 85 9.56 3.13 -7.12
C LEU A 85 8.56 2.03 -6.80
N ILE A 86 7.50 2.37 -6.09
CA ILE A 86 6.50 1.39 -5.72
C ILE A 86 5.97 0.69 -6.96
N LYS A 87 5.89 1.42 -8.05
CA LYS A 87 5.39 0.87 -9.30
C LYS A 87 6.19 -0.35 -9.70
N GLU A 88 7.51 -0.22 -9.67
CA GLU A 88 8.37 -1.33 -10.03
C GLU A 88 8.63 -2.25 -8.84
N LEU A 89 8.38 -1.74 -7.65
CA LEU A 89 8.67 -2.50 -6.44
C LEU A 89 7.93 -3.81 -6.47
N ILE A 90 6.67 -3.75 -6.89
CA ILE A 90 5.86 -4.95 -6.94
C ILE A 90 6.45 -5.95 -7.94
N ASP A 91 6.87 -5.44 -9.10
CA ASP A 91 7.43 -6.29 -10.14
C ASP A 91 8.56 -7.15 -9.60
N LYS A 92 9.06 -6.78 -8.42
CA LYS A 92 10.13 -7.53 -7.80
C LYS A 92 9.65 -8.90 -7.36
N LYS A 93 10.49 -9.91 -7.57
CA LYS A 93 10.14 -11.27 -7.20
C LYS A 93 10.48 -11.54 -5.74
N GLU A 94 10.92 -10.50 -5.04
CA GLU A 94 11.30 -10.64 -3.64
C GLU A 94 10.17 -10.14 -2.73
N VAL A 95 8.97 -10.67 -2.94
CA VAL A 95 7.81 -10.26 -2.13
C VAL A 95 7.35 -11.43 -1.27
N ASN A 96 7.18 -11.17 0.02
CA ASN A 96 6.74 -12.21 0.95
C ASN A 96 5.62 -13.04 0.33
N PRO A 97 5.34 -14.20 0.89
CA PRO A 97 4.27 -15.10 0.40
C PRO A 97 3.01 -14.33 0.02
N GLN A 98 2.89 -13.10 0.51
CA GLN A 98 1.74 -12.27 0.20
C GLN A 98 1.44 -12.31 -1.28
N VAL A 99 2.36 -12.83 -2.08
CA VAL A 99 2.17 -12.90 -3.52
C VAL A 99 0.92 -13.72 -3.86
N MET A 100 0.78 -14.88 -3.23
CA MET A 100 -0.37 -15.75 -3.48
C MET A 100 -1.65 -15.10 -2.97
N ALA A 101 -1.54 -14.44 -1.83
CA ALA A 101 -2.70 -13.78 -1.23
C ALA A 101 -2.93 -12.40 -1.84
N ALA A 102 -1.89 -11.88 -2.48
CA ALA A 102 -1.97 -10.56 -3.12
C ALA A 102 -2.63 -10.68 -4.48
N VAL A 103 -2.16 -11.64 -5.29
CA VAL A 103 -2.71 -11.86 -6.61
C VAL A 103 -4.25 -11.82 -6.58
N ALA A 104 -4.80 -11.88 -5.36
CA ALA A 104 -6.25 -11.85 -5.19
C ALA A 104 -6.82 -10.58 -5.81
N GLN A 105 -6.01 -9.52 -5.84
CA GLN A 105 -6.46 -8.25 -6.41
C GLN A 105 -7.89 -7.94 -5.99
N THR A 106 -8.55 -7.06 -6.74
CA THR A 106 -9.93 -6.69 -6.44
C THR A 106 -10.83 -7.91 -6.52
N GLU A 107 -10.68 -8.70 -7.57
CA GLU A 107 -11.49 -9.90 -7.77
C GLU A 107 -10.61 -11.11 -8.00
N GLU A 108 -11.14 -12.30 -7.71
CA GLU A 108 -10.39 -13.53 -7.90
C GLU A 108 -10.25 -13.84 -9.38
N ILE A 109 -9.02 -13.95 -9.84
CA ILE A 109 -8.77 -14.24 -11.25
C ILE A 109 -9.61 -15.42 -11.71
N LEU A 110 -9.95 -16.29 -10.77
CA LEU A 110 -10.77 -17.46 -11.10
C LEU A 110 -12.13 -17.04 -11.60
N LYS A 111 -12.72 -16.05 -10.93
CA LYS A 111 -14.04 -15.57 -11.32
C LYS A 111 -13.99 -14.96 -12.72
N SER A 112 -12.99 -14.13 -12.97
CA SER A 112 -12.84 -13.48 -14.27
C SER A 112 -14.20 -13.11 -14.85
N ASN A 113 -14.49 -13.61 -16.05
CA ASN A 113 -15.76 -13.34 -16.71
C ASN A 113 -16.91 -13.96 -15.92
N SER A 114 -16.69 -15.17 -15.43
CA SER A 114 -17.71 -15.88 -14.66
C SER A 114 -17.08 -16.91 -13.75
N GLN A 115 -17.84 -17.36 -12.75
CA GLN A 115 -17.35 -18.36 -11.81
C GLN A 115 -17.14 -19.70 -12.51
N THR A 116 -15.91 -20.20 -12.48
CA THR A 116 -15.58 -21.47 -13.12
C THR A 116 -15.29 -22.53 -12.06
N ASP A 117 -14.40 -22.20 -11.12
CA ASP A 117 -14.05 -23.13 -10.07
C ASP A 117 -15.24 -23.45 -9.19
N LEU A 118 -15.88 -22.39 -8.68
CA LEU A 118 -17.05 -22.56 -7.82
C LEU A 118 -18.20 -23.18 -8.61
N GLU A 119 -18.37 -22.75 -9.86
CA GLU A 119 -19.44 -23.26 -10.70
C GLU A 119 -20.80 -23.05 -10.03
N HIS A 120 -21.58 -22.14 -10.57
CA HIS A 120 -22.91 -21.85 -10.02
C HIS A 120 -23.97 -22.72 -10.70
N HIS A 121 -24.68 -23.49 -9.90
CA HIS A 121 -25.72 -24.37 -10.43
C HIS A 121 -26.88 -24.48 -9.44
N HIS A 122 -28.10 -24.49 -9.96
CA HIS A 122 -29.29 -24.60 -9.12
C HIS A 122 -30.00 -25.92 -9.38
N HIS A 123 -30.32 -26.62 -8.29
CA HIS A 123 -31.02 -27.91 -8.39
C HIS A 123 -32.44 -27.79 -7.87
N HIS A 124 -33.40 -28.23 -8.69
CA HIS A 124 -34.81 -28.17 -8.31
C HIS A 124 -35.35 -29.58 -8.05
N HIS A 125 -36.23 -29.68 -7.07
CA HIS A 125 -36.83 -30.98 -6.73
C HIS A 125 -38.29 -30.80 -6.32
C1 MYR A 1 -0.51 -12.06 8.62
O1 MYR A 1 0.50 -12.77 8.60
C2 MYR A 1 -0.39 -10.79 8.04
C3 MYR A 1 -0.53 -10.83 6.52
C4 MYR A 1 -0.07 -9.53 5.88
C5 MYR A 1 0.77 -9.75 4.62
C6 MYR A 1 2.12 -9.05 4.74
C7 MYR A 1 2.05 -7.53 4.91
C8 MYR A 1 2.70 -6.71 3.78
C9 MYR A 1 2.97 -5.24 4.12
C10 MYR A 1 3.33 -4.41 2.88
C11 MYR A 1 4.05 -3.09 3.24
C12 MYR A 1 3.74 -2.00 2.21
C13 MYR A 1 3.01 -0.81 2.83
C14 MYR A 1 3.47 0.52 2.27
H21 MYR A 1 -1.10 -10.19 8.42
H22 MYR A 1 0.50 -10.40 8.28
H31 MYR A 1 0.04 -11.58 6.16
H32 MYR A 1 -1.49 -11.00 6.27
H41 MYR A 1 -0.87 -8.98 5.63
H42 MYR A 1 0.48 -9.01 6.53
H51 MYR A 1 0.91 -10.73 4.50
H52 MYR A 1 0.28 -9.40 3.81
H61 MYR A 1 2.60 -9.43 5.53
H62 MYR A 1 2.66 -9.25 3.92
H71 MYR A 1 1.09 -7.27 4.96
H72 MYR A 1 2.51 -7.29 5.76
H81 MYR A 1 3.57 -7.15 3.53
H82 MYR A 1 2.08 -6.74 2.98
H91 MYR A 1 2.16 -4.85 4.55
H92 MYR A 1 3.74 -5.19 4.76
H101 MYR A 1 3.93 -4.93 2.29
H102 MYR A 1 2.49 -4.18 2.38
H111 MYR A 1 3.74 -2.77 4.14
H112 MYR A 1 5.04 -3.24 3.27
H121 MYR A 1 4.60 -1.67 1.82
H122 MYR A 1 3.18 -2.38 1.47
H131 MYR A 1 2.02 -0.92 2.67
H132 MYR A 1 3.16 -0.82 3.82
H141 MYR A 1 3.44 0.48 1.27
H142 MYR A 1 2.88 1.24 2.60
H143 MYR A 1 4.41 0.69 2.57
N GLY A 2 -1.24 -11.85 9.71
CA GLY A 2 -0.88 -12.47 10.98
C GLY A 2 0.53 -12.07 11.41
N GLN A 3 1.31 -13.06 11.83
CA GLN A 3 2.69 -12.81 12.27
C GLN A 3 3.48 -12.11 11.17
N GLU A 4 3.09 -12.37 9.93
CA GLU A 4 3.76 -11.77 8.78
C GLU A 4 3.97 -10.27 8.99
N LEU A 5 3.18 -9.71 9.91
CA LEU A 5 3.27 -8.27 10.21
C LEU A 5 4.74 -7.84 10.37
N SER A 6 5.55 -8.75 10.90
CA SER A 6 6.96 -8.45 11.10
C SER A 6 7.60 -8.00 9.78
N GLN A 7 7.14 -8.58 8.68
CA GLN A 7 7.67 -8.21 7.37
C GLN A 7 7.51 -6.71 7.15
N HIS A 8 6.37 -6.16 7.58
CA HIS A 8 6.12 -4.74 7.41
C HIS A 8 7.23 -3.95 8.09
N GLU A 9 7.52 -4.29 9.34
CA GLU A 9 8.57 -3.59 10.07
C GLU A 9 9.85 -3.53 9.22
N ARG A 10 10.07 -4.56 8.42
CA ARG A 10 11.23 -4.59 7.54
C ARG A 10 11.02 -3.67 6.34
N TYR A 11 9.87 -3.81 5.69
CA TYR A 11 9.56 -2.99 4.53
C TYR A 11 9.76 -1.52 4.85
N VAL A 12 9.34 -1.10 6.04
CA VAL A 12 9.49 0.30 6.44
C VAL A 12 10.96 0.70 6.47
N GLU A 13 11.77 -0.10 7.16
CA GLU A 13 13.20 0.20 7.26
C GLU A 13 13.89 0.03 5.91
N GLN A 14 13.51 -1.01 5.18
CA GLN A 14 14.09 -1.29 3.88
C GLN A 14 13.67 -0.23 2.86
N LEU A 15 12.40 -0.27 2.47
CA LEU A 15 11.88 0.69 1.48
C LEU A 15 12.50 2.06 1.74
N LYS A 16 12.48 2.50 2.99
CA LYS A 16 13.07 3.78 3.33
C LYS A 16 14.57 3.81 2.99
N GLN A 17 15.26 2.71 3.28
CA GLN A 17 16.69 2.63 2.98
C GLN A 17 16.90 2.73 1.46
N ALA A 18 16.28 1.82 0.71
CA ALA A 18 16.38 1.81 -0.74
C ALA A 18 16.01 3.19 -1.29
N LEU A 19 15.35 3.98 -0.44
CA LEU A 19 14.97 5.34 -0.83
C LEU A 19 16.10 6.32 -0.52
N LYS A 20 16.59 6.27 0.72
CA LYS A 20 17.64 7.19 1.14
C LYS A 20 18.69 7.36 0.05
N THR A 21 19.02 6.26 -0.61
CA THR A 21 20.01 6.30 -1.68
C THR A 21 19.52 7.19 -2.82
N ARG A 22 18.22 7.22 -3.03
CA ARG A 22 17.64 8.06 -4.09
C ARG A 22 17.82 9.54 -3.77
N GLY A 23 18.32 9.83 -2.57
CA GLY A 23 18.55 11.22 -2.16
C GLY A 23 17.49 11.68 -1.16
N VAL A 24 16.85 10.71 -0.48
CA VAL A 24 15.82 11.03 0.49
C VAL A 24 16.34 10.84 1.91
N LYS A 25 15.55 11.28 2.89
CA LYS A 25 15.95 11.14 4.29
C LYS A 25 15.02 10.16 5.01
N VAL A 26 15.56 9.50 6.04
CA VAL A 26 14.78 8.53 6.81
C VAL A 26 14.88 8.83 8.30
N LYS A 27 13.97 9.68 8.78
CA LYS A 27 13.95 10.05 10.20
C LYS A 27 12.73 9.44 10.89
N TYR A 28 12.75 9.42 12.22
CA TYR A 28 11.63 8.86 12.97
C TYR A 28 10.34 9.62 12.62
N ALA A 29 10.47 10.92 12.39
CA ALA A 29 9.33 11.74 12.04
C ALA A 29 8.66 11.24 10.76
N ASP A 30 9.44 10.52 9.94
CA ASP A 30 8.91 9.99 8.69
C ASP A 30 7.93 8.86 8.95
N LEU A 31 8.29 7.97 9.86
CA LEU A 31 7.41 6.84 10.18
C LEU A 31 6.08 7.33 10.70
N LEU A 32 6.10 8.34 11.54
CA LEU A 32 4.85 8.85 12.09
C LEU A 32 3.85 9.16 10.98
N LYS A 33 4.26 9.98 10.03
CA LYS A 33 3.39 10.36 8.93
C LYS A 33 3.14 9.22 7.95
N PHE A 34 4.20 8.61 7.47
CA PHE A 34 4.07 7.53 6.50
C PHE A 34 3.30 6.33 7.06
N PHE A 35 3.52 6.04 8.33
CA PHE A 35 2.85 4.93 8.98
C PHE A 35 1.37 5.26 9.22
N ASP A 36 1.10 6.44 9.77
CA ASP A 36 -0.27 6.85 10.06
C ASP A 36 -0.98 7.30 8.78
N PHE A 37 -0.20 7.72 7.79
CA PHE A 37 -0.77 8.17 6.52
C PHE A 37 -1.52 7.06 5.84
N VAL A 38 -0.87 5.91 5.68
CA VAL A 38 -1.52 4.77 5.04
C VAL A 38 -2.55 4.14 5.98
N LYS A 39 -2.25 4.17 7.27
CA LYS A 39 -3.16 3.59 8.26
C LYS A 39 -4.54 4.23 8.17
N ASP A 40 -4.59 5.49 7.76
CA ASP A 40 -5.85 6.19 7.64
C ASP A 40 -6.90 5.31 6.94
N THR A 41 -6.58 4.90 5.71
CA THR A 41 -7.50 4.05 4.94
C THR A 41 -6.89 2.67 4.70
N CYS A 42 -5.65 2.49 5.12
CA CYS A 42 -4.95 1.23 4.93
C CYS A 42 -5.20 0.67 3.53
N PRO A 43 -4.73 1.35 2.52
CA PRO A 43 -4.92 0.92 1.10
C PRO A 43 -4.22 -0.42 0.81
N TRP A 44 -3.15 -0.68 1.54
CA TRP A 44 -2.38 -1.92 1.35
C TRP A 44 -3.20 -3.14 1.77
N PHE A 45 -4.53 -3.00 1.74
CA PHE A 45 -5.41 -4.09 2.12
C PHE A 45 -4.86 -4.80 3.36
N PRO A 46 -5.12 -4.28 4.54
CA PRO A 46 -4.60 -4.89 5.80
C PRO A 46 -4.97 -6.35 5.94
N GLN A 47 -5.79 -6.85 5.01
CA GLN A 47 -6.19 -8.25 5.08
C GLN A 47 -5.13 -9.14 4.45
N GLU A 48 -4.80 -8.86 3.19
CA GLU A 48 -3.78 -9.63 2.48
C GLU A 48 -2.41 -8.97 2.64
N GLY A 49 -2.41 -7.68 2.93
CA GLY A 49 -1.17 -6.93 3.09
C GLY A 49 -0.34 -6.97 1.80
N THR A 50 -0.75 -6.15 0.83
CA THR A 50 -0.06 -6.10 -0.45
C THR A 50 -0.07 -4.69 -1.02
N ILE A 51 0.68 -4.50 -2.10
CA ILE A 51 0.74 -3.19 -2.74
C ILE A 51 -0.19 -3.17 -3.95
N ASP A 52 -0.87 -2.05 -4.15
CA ASP A 52 -1.79 -1.92 -5.29
C ASP A 52 -1.57 -0.58 -5.99
N ILE A 53 -1.27 -0.64 -7.28
CA ILE A 53 -1.03 0.56 -8.06
C ILE A 53 -2.33 1.35 -8.27
N LYS A 54 -3.41 0.63 -8.54
CA LYS A 54 -4.71 1.27 -8.76
C LYS A 54 -5.19 1.99 -7.50
N ARG A 55 -5.20 1.26 -6.38
CA ARG A 55 -5.64 1.84 -5.12
C ARG A 55 -4.66 2.89 -4.64
N TRP A 56 -3.37 2.62 -4.83
CA TRP A 56 -2.33 3.54 -4.41
C TRP A 56 -2.55 4.90 -5.06
N ARG A 57 -3.03 4.89 -6.29
CA ARG A 57 -3.29 6.13 -7.01
C ARG A 57 -4.46 6.88 -6.36
N ARG A 58 -5.50 6.14 -5.97
CA ARG A 58 -6.67 6.76 -5.34
C ARG A 58 -6.29 7.49 -4.06
N VAL A 59 -5.57 6.79 -3.18
CA VAL A 59 -5.14 7.39 -1.90
C VAL A 59 -4.19 8.56 -2.17
N GLY A 60 -3.30 8.38 -3.14
CA GLY A 60 -2.34 9.43 -3.46
C GLY A 60 -3.02 10.68 -4.01
N ASP A 61 -3.85 10.51 -5.03
CA ASP A 61 -4.54 11.65 -5.64
C ASP A 61 -5.58 12.22 -4.67
N CYS A 62 -6.06 11.38 -3.76
CA CYS A 62 -7.06 11.81 -2.78
C CYS A 62 -6.49 12.86 -1.84
N PHE A 63 -5.25 12.65 -1.41
CA PHE A 63 -4.60 13.58 -0.52
C PHE A 63 -4.03 14.78 -1.28
N GLN A 64 -3.52 14.51 -2.48
CA GLN A 64 -2.96 15.57 -3.31
C GLN A 64 -4.02 16.58 -3.71
N ASP A 65 -5.18 16.07 -4.11
CA ASP A 65 -6.27 16.94 -4.51
C ASP A 65 -6.73 17.79 -3.34
N TYR A 66 -6.99 17.15 -2.20
CA TYR A 66 -7.43 17.88 -1.02
C TYR A 66 -6.35 18.82 -0.53
N TYR A 67 -5.10 18.35 -0.55
CA TYR A 67 -3.98 19.17 -0.10
C TYR A 67 -3.75 20.35 -1.04
N ASN A 68 -3.97 20.12 -2.34
CA ASN A 68 -3.79 21.16 -3.34
C ASN A 68 -4.74 22.32 -3.12
N THR A 69 -5.98 22.01 -2.75
CA THR A 69 -6.99 23.06 -2.53
C THR A 69 -6.44 24.13 -1.60
N PHE A 70 -5.40 23.80 -0.85
CA PHE A 70 -4.80 24.76 0.06
C PHE A 70 -3.70 25.54 -0.63
N GLY A 71 -3.68 25.47 -1.96
CA GLY A 71 -2.66 26.17 -2.74
C GLY A 71 -1.30 26.09 -2.05
N PRO A 72 -0.81 24.90 -1.84
CA PRO A 72 0.51 24.67 -1.19
C PRO A 72 1.69 24.89 -2.13
N GLU A 73 2.68 25.66 -1.67
CA GLU A 73 3.86 25.93 -2.49
C GLU A 73 4.91 24.85 -2.32
N LYS A 74 5.05 24.35 -1.10
CA LYS A 74 6.04 23.32 -0.82
C LYS A 74 5.79 22.06 -1.65
N VAL A 75 4.53 21.63 -1.71
CA VAL A 75 4.18 20.42 -2.48
C VAL A 75 5.34 19.45 -2.53
N PRO A 76 5.52 18.63 -1.52
CA PRO A 76 6.64 17.65 -1.49
C PRO A 76 6.65 16.77 -2.73
N VAL A 77 7.80 16.75 -3.39
CA VAL A 77 7.97 15.94 -4.60
C VAL A 77 8.30 14.51 -4.23
N THR A 78 8.72 14.30 -2.98
CA THR A 78 9.08 12.96 -2.54
C THR A 78 8.02 11.96 -2.96
N ALA A 79 6.78 12.43 -3.02
CA ALA A 79 5.66 11.57 -3.41
C ALA A 79 5.91 10.95 -4.79
N PHE A 80 6.63 11.69 -5.64
CA PHE A 80 6.94 11.22 -6.98
C PHE A 80 7.95 10.07 -6.94
N SER A 81 8.91 10.15 -6.02
CA SER A 81 9.93 9.12 -5.89
C SER A 81 9.31 7.80 -5.44
N TYR A 82 8.40 7.88 -4.48
CA TYR A 82 7.73 6.68 -3.97
C TYR A 82 6.97 5.98 -5.08
N TRP A 83 6.22 6.75 -5.86
CA TRP A 83 5.42 6.18 -6.94
C TRP A 83 6.30 5.38 -7.90
N ASN A 84 7.41 5.98 -8.31
CA ASN A 84 8.31 5.30 -9.23
C ASN A 84 8.94 4.06 -8.61
N LEU A 85 9.34 4.17 -7.35
CA LEU A 85 9.96 3.04 -6.67
C LEU A 85 8.95 1.91 -6.46
N ILE A 86 7.93 2.20 -5.66
CA ILE A 86 6.90 1.21 -5.39
C ILE A 86 6.39 0.59 -6.68
N LYS A 87 6.30 1.41 -7.72
CA LYS A 87 5.80 0.94 -8.99
C LYS A 87 6.59 -0.26 -9.47
N GLU A 88 7.92 -0.15 -9.40
CA GLU A 88 8.77 -1.25 -9.84
C GLU A 88 8.89 -2.35 -8.80
N LEU A 89 8.58 -2.01 -7.56
CA LEU A 89 8.71 -2.96 -6.47
C LEU A 89 7.82 -4.17 -6.72
N ILE A 90 6.58 -3.92 -7.12
CA ILE A 90 5.66 -5.01 -7.37
C ILE A 90 6.19 -5.89 -8.50
N ASP A 91 6.70 -5.25 -9.55
CA ASP A 91 7.20 -5.98 -10.71
C ASP A 91 8.05 -7.16 -10.27
N LYS A 92 8.67 -7.04 -9.10
CA LYS A 92 9.50 -8.11 -8.58
C LYS A 92 8.65 -9.35 -8.31
N LYS A 93 9.12 -10.50 -8.77
CA LYS A 93 8.39 -11.75 -8.57
C LYS A 93 8.63 -12.31 -7.18
N GLU A 94 9.51 -11.65 -6.43
CA GLU A 94 9.84 -12.09 -5.08
C GLU A 94 8.99 -11.35 -4.06
N VAL A 95 7.70 -11.20 -4.35
CA VAL A 95 6.79 -10.52 -3.44
C VAL A 95 6.51 -11.38 -2.21
N ASN A 96 6.53 -10.76 -1.04
CA ASN A 96 6.30 -11.49 0.21
C ASN A 96 5.19 -12.54 0.04
N PRO A 97 5.10 -13.47 0.95
CA PRO A 97 4.06 -14.54 0.92
C PRO A 97 2.68 -13.99 0.60
N GLN A 98 2.49 -12.69 0.82
CA GLN A 98 1.22 -12.06 0.54
C GLN A 98 0.69 -12.47 -0.82
N VAL A 99 1.55 -13.09 -1.63
CA VAL A 99 1.15 -13.52 -2.96
C VAL A 99 -0.02 -14.48 -2.89
N MET A 100 0.08 -15.48 -2.02
CA MET A 100 -0.99 -16.45 -1.86
C MET A 100 -2.25 -15.78 -1.33
N ALA A 101 -2.07 -14.88 -0.38
CA ALA A 101 -3.19 -14.16 0.22
C ALA A 101 -3.67 -13.04 -0.71
N ALA A 102 -2.84 -12.69 -1.67
CA ALA A 102 -3.17 -11.64 -2.63
C ALA A 102 -3.88 -12.24 -3.84
N VAL A 103 -3.46 -13.44 -4.23
CA VAL A 103 -4.06 -14.11 -5.38
C VAL A 103 -5.56 -14.29 -5.17
N ALA A 104 -5.93 -14.68 -3.96
CA ALA A 104 -7.35 -14.88 -3.64
C ALA A 104 -8.16 -13.65 -4.02
N GLN A 105 -7.52 -12.49 -3.94
CA GLN A 105 -8.20 -11.23 -4.28
C GLN A 105 -8.83 -11.32 -5.68
N THR A 106 -8.20 -12.09 -6.55
CA THR A 106 -8.70 -12.25 -7.91
C THR A 106 -8.70 -13.72 -8.32
N GLU A 107 -9.51 -14.07 -9.31
CA GLU A 107 -9.59 -15.44 -9.78
C GLU A 107 -8.66 -15.66 -10.97
N GLU A 108 -8.14 -16.88 -11.09
CA GLU A 108 -7.24 -17.19 -12.19
C GLU A 108 -8.03 -17.34 -13.49
N ILE A 109 -7.69 -16.53 -14.48
CA ILE A 109 -8.38 -16.58 -15.77
C ILE A 109 -8.33 -17.99 -16.33
N LEU A 110 -7.28 -18.72 -16.00
CA LEU A 110 -7.12 -20.09 -16.48
C LEU A 110 -8.22 -20.98 -15.91
N LYS A 111 -8.62 -20.70 -14.68
CA LYS A 111 -9.66 -21.49 -14.02
C LYS A 111 -10.97 -21.37 -14.78
N SER A 112 -11.00 -20.51 -15.78
CA SER A 112 -12.21 -20.33 -16.58
C SER A 112 -12.58 -21.64 -17.27
N ASN A 113 -11.59 -22.28 -17.88
CA ASN A 113 -11.83 -23.55 -18.58
C ASN A 113 -12.23 -24.64 -17.59
N SER A 114 -11.52 -24.68 -16.46
CA SER A 114 -11.79 -25.70 -15.45
C SER A 114 -11.23 -25.27 -14.10
N GLN A 115 -10.95 -26.23 -13.24
CA GLN A 115 -10.40 -25.92 -11.93
C GLN A 115 -8.98 -25.36 -12.03
N THR A 116 -8.20 -25.92 -12.95
CA THR A 116 -6.82 -25.47 -13.13
C THR A 116 -6.45 -25.49 -14.62
N ASP A 117 -5.31 -24.89 -14.94
CA ASP A 117 -4.85 -24.86 -16.32
C ASP A 117 -4.59 -26.27 -16.83
N LEU A 118 -3.95 -27.09 -16.00
CA LEU A 118 -3.66 -28.48 -16.37
C LEU A 118 -4.95 -29.26 -16.55
N GLU A 119 -5.90 -29.04 -15.64
CA GLU A 119 -7.19 -29.74 -15.71
C GLU A 119 -6.97 -31.25 -15.77
N HIS A 120 -6.47 -31.82 -14.67
CA HIS A 120 -6.22 -33.25 -14.62
C HIS A 120 -7.27 -33.94 -13.76
N HIS A 121 -8.22 -34.61 -14.40
CA HIS A 121 -9.29 -35.29 -13.69
C HIS A 121 -8.80 -36.65 -13.19
N HIS A 122 -9.01 -36.90 -11.90
CA HIS A 122 -8.59 -38.16 -11.31
C HIS A 122 -9.58 -39.28 -11.65
N HIS A 123 -9.06 -40.39 -12.14
CA HIS A 123 -9.91 -41.52 -12.50
C HIS A 123 -10.65 -42.05 -11.28
N HIS A 124 -9.95 -42.12 -10.15
CA HIS A 124 -10.55 -42.61 -8.92
C HIS A 124 -10.18 -41.71 -7.74
N HIS A 125 -11.10 -41.57 -6.80
CA HIS A 125 -10.85 -40.73 -5.62
C HIS A 125 -10.36 -41.58 -4.46
C1 MYR A 1 -0.67 -11.49 11.06
O1 MYR A 1 0.00 -12.35 10.49
C2 MYR A 1 -0.46 -10.16 10.65
C3 MYR A 1 -0.73 -9.97 9.16
C4 MYR A 1 0.20 -8.94 8.54
C5 MYR A 1 0.55 -9.29 7.10
C6 MYR A 1 1.66 -8.37 6.58
C7 MYR A 1 1.69 -6.97 7.21
C8 MYR A 1 1.96 -5.82 6.23
C9 MYR A 1 3.45 -5.56 5.93
C10 MYR A 1 3.70 -5.16 4.47
C11 MYR A 1 3.54 -3.65 4.22
C12 MYR A 1 4.05 -3.26 2.84
C13 MYR A 1 3.19 -2.14 2.22
C14 MYR A 1 3.33 -2.11 0.70
H21 MYR A 1 -1.05 -9.55 11.18
H22 MYR A 1 0.51 -9.90 10.83
H31 MYR A 1 -0.61 -10.84 8.68
H32 MYR A 1 -1.68 -9.67 9.04
H41 MYR A 1 -0.25 -8.05 8.56
H42 MYR A 1 1.05 -8.90 9.07
H51 MYR A 1 0.86 -10.24 7.05
H52 MYR A 1 -0.27 -9.19 6.50
H61 MYR A 1 2.55 -8.82 6.76
H62 MYR A 1 1.55 -8.26 5.59
H71 MYR A 1 0.81 -6.81 7.64
H72 MYR A 1 2.41 -6.95 7.91
H81 MYR A 1 1.50 -6.03 5.37
H82 MYR A 1 1.57 -4.98 6.61
H91 MYR A 1 3.78 -4.83 6.52
H92 MYR A 1 3.97 -6.40 6.12
H101 MYR A 1 4.63 -5.43 4.22
H102 MYR A 1 3.05 -5.65 3.88
H111 MYR A 1 2.57 -3.41 4.31
H112 MYR A 1 4.05 -3.14 4.92
H121 MYR A 1 4.99 -2.93 2.91
H122 MYR A 1 4.03 -4.05 2.24
H131 MYR A 1 2.23 -2.30 2.46
H132 MYR A 1 3.48 -1.26 2.59
H141 MYR A 1 3.36 -1.15 0.38
H142 MYR A 1 4.16 -2.59 0.44
H143 MYR A 1 2.54 -2.56 0.29
N GLY A 2 -0.75 -11.39 12.38
CA GLY A 2 -0.04 -12.32 13.25
C GLY A 2 1.46 -12.03 13.26
N GLN A 3 2.27 -13.09 13.21
CA GLN A 3 3.72 -12.92 13.21
C GLN A 3 4.18 -12.24 11.93
N GLU A 4 3.38 -12.37 10.87
CA GLU A 4 3.72 -11.76 9.59
C GLU A 4 4.04 -10.28 9.78
N LEU A 5 3.52 -9.70 10.85
CA LEU A 5 3.75 -8.28 11.13
C LEU A 5 5.22 -7.93 10.89
N SER A 6 6.09 -8.92 11.02
CA SER A 6 7.52 -8.71 10.82
C SER A 6 7.77 -8.11 9.44
N GLN A 7 6.95 -8.50 8.47
CA GLN A 7 7.10 -7.99 7.11
C GLN A 7 7.06 -6.46 7.11
N HIS A 8 6.06 -5.89 7.80
CA HIS A 8 5.93 -4.45 7.86
C HIS A 8 7.22 -3.82 8.40
N GLU A 9 7.69 -4.34 9.54
CA GLU A 9 8.91 -3.82 10.14
C GLU A 9 10.00 -3.66 9.08
N ARG A 10 10.02 -4.59 8.12
CA ARG A 10 11.00 -4.55 7.05
C ARG A 10 10.59 -3.50 6.02
N TYR A 11 9.33 -3.53 5.61
CA TYR A 11 8.86 -2.59 4.60
C TYR A 11 9.16 -1.16 5.03
N VAL A 12 8.84 -0.82 6.26
CA VAL A 12 9.08 0.53 6.74
C VAL A 12 10.57 0.87 6.73
N GLU A 13 11.37 0.04 7.36
CA GLU A 13 12.81 0.29 7.42
C GLU A 13 13.48 0.11 6.05
N GLN A 14 13.12 -0.96 5.38
CA GLN A 14 13.68 -1.27 4.07
C GLN A 14 13.22 -0.24 3.04
N LEU A 15 11.97 -0.33 2.63
CA LEU A 15 11.45 0.58 1.62
C LEU A 15 12.04 1.98 1.82
N LYS A 16 12.05 2.45 3.06
CA LYS A 16 12.62 3.76 3.36
C LYS A 16 14.10 3.79 2.99
N GLN A 17 14.81 2.70 3.28
CA GLN A 17 16.22 2.62 2.94
C GLN A 17 16.39 2.61 1.42
N ALA A 18 15.77 1.63 0.78
CA ALA A 18 15.84 1.52 -0.68
C ALA A 18 15.47 2.84 -1.33
N LEU A 19 14.86 3.72 -0.53
CA LEU A 19 14.48 5.04 -1.02
C LEU A 19 15.66 6.01 -0.90
N LYS A 20 16.30 6.01 0.26
CA LYS A 20 17.44 6.89 0.49
C LYS A 20 18.39 6.85 -0.69
N THR A 21 18.51 5.67 -1.29
CA THR A 21 19.40 5.50 -2.43
C THR A 21 19.02 6.47 -3.55
N ARG A 22 17.72 6.76 -3.66
CA ARG A 22 17.25 7.67 -4.69
C ARG A 22 17.59 9.11 -4.33
N GLY A 23 17.99 9.33 -3.08
CA GLY A 23 18.35 10.66 -2.61
C GLY A 23 17.28 11.20 -1.66
N VAL A 24 16.62 10.31 -0.93
CA VAL A 24 15.58 10.71 0.01
C VAL A 24 16.06 10.57 1.46
N LYS A 25 15.32 11.16 2.39
CA LYS A 25 15.68 11.07 3.80
C LYS A 25 14.45 10.78 4.63
N VAL A 26 14.61 9.96 5.67
CA VAL A 26 13.50 9.61 6.54
C VAL A 26 13.80 9.96 7.99
N LYS A 27 12.92 10.75 8.59
CA LYS A 27 13.08 11.17 9.97
C LYS A 27 12.03 10.50 10.86
N TYR A 28 12.21 10.57 12.17
CA TYR A 28 11.27 9.97 13.10
C TYR A 28 9.84 10.43 12.78
N ALA A 29 9.70 11.71 12.48
CA ALA A 29 8.42 12.29 12.13
C ALA A 29 7.88 11.65 10.84
N ASP A 30 8.79 11.02 10.10
CA ASP A 30 8.42 10.38 8.84
C ASP A 30 7.54 9.17 9.10
N LEU A 31 7.94 8.36 10.07
CA LEU A 31 7.16 7.16 10.40
C LEU A 31 5.80 7.56 10.95
N LEU A 32 5.77 8.59 11.77
CA LEU A 32 4.49 9.01 12.35
C LEU A 32 3.50 9.39 11.26
N LYS A 33 3.93 10.23 10.33
CA LYS A 33 3.06 10.68 9.26
C LYS A 33 2.87 9.59 8.22
N PHE A 34 3.96 9.04 7.73
CA PHE A 34 3.90 8.00 6.70
C PHE A 34 3.12 6.78 7.18
N PHE A 35 3.34 6.37 8.42
CA PHE A 35 2.64 5.24 8.99
C PHE A 35 1.15 5.56 9.21
N ASP A 36 0.89 6.75 9.73
CA ASP A 36 -0.48 7.17 9.99
C ASP A 36 -1.22 7.49 8.70
N PHE A 37 -0.44 7.82 7.67
CA PHE A 37 -1.02 8.17 6.37
C PHE A 37 -1.72 6.97 5.75
N VAL A 38 -0.97 5.90 5.54
CA VAL A 38 -1.55 4.69 4.95
C VAL A 38 -2.58 4.07 5.88
N LYS A 39 -2.28 4.07 7.17
CA LYS A 39 -3.18 3.49 8.16
C LYS A 39 -4.53 4.21 8.14
N ASP A 40 -4.52 5.46 7.70
CA ASP A 40 -5.75 6.23 7.66
C ASP A 40 -6.85 5.51 6.87
N THR A 41 -6.54 5.17 5.62
CA THR A 41 -7.50 4.46 4.78
C THR A 41 -7.01 3.05 4.46
N CYS A 42 -5.80 2.73 4.88
CA CYS A 42 -5.22 1.42 4.63
C CYS A 42 -5.44 1.02 3.17
N PRO A 43 -4.99 1.83 2.25
CA PRO A 43 -5.17 1.56 0.79
C PRO A 43 -4.42 0.32 0.32
N TRP A 44 -3.20 0.15 0.83
CA TRP A 44 -2.38 -0.99 0.45
C TRP A 44 -2.79 -2.23 1.24
N PHE A 45 -3.94 -2.14 1.90
CA PHE A 45 -4.43 -3.27 2.70
C PHE A 45 -3.28 -3.91 3.45
N PRO A 46 -2.53 -3.13 4.18
CA PRO A 46 -1.38 -3.62 4.98
C PRO A 46 -1.75 -4.83 5.83
N GLN A 47 -3.03 -5.20 5.80
CA GLN A 47 -3.49 -6.34 6.59
C GLN A 47 -2.68 -7.58 6.25
N GLU A 48 -2.61 -7.91 4.96
CA GLU A 48 -1.82 -9.06 4.53
C GLU A 48 -0.40 -8.63 4.15
N GLY A 49 -0.26 -7.39 3.72
CA GLY A 49 1.04 -6.87 3.31
C GLY A 49 1.25 -7.08 1.82
N THR A 50 0.69 -6.18 1.01
CA THR A 50 0.84 -6.28 -0.44
C THR A 50 0.93 -4.89 -1.05
N ILE A 51 1.33 -4.83 -2.32
CA ILE A 51 1.46 -3.55 -3.01
C ILE A 51 0.39 -3.43 -4.09
N ASP A 52 -0.20 -2.25 -4.23
CA ASP A 52 -1.24 -2.02 -5.24
C ASP A 52 -1.06 -0.65 -5.88
N ILE A 53 -0.89 -0.66 -7.20
CA ILE A 53 -0.72 0.57 -7.96
C ILE A 53 -2.04 1.33 -8.10
N LYS A 54 -3.11 0.59 -8.33
CA LYS A 54 -4.42 1.20 -8.52
C LYS A 54 -4.89 1.93 -7.26
N ARG A 55 -4.93 1.20 -6.15
CA ARG A 55 -5.37 1.79 -4.90
C ARG A 55 -4.45 2.92 -4.49
N TRP A 56 -3.17 2.78 -4.81
CA TRP A 56 -2.21 3.81 -4.47
C TRP A 56 -2.61 5.15 -5.05
N ARG A 57 -3.07 5.12 -6.30
CA ARG A 57 -3.49 6.34 -6.98
C ARG A 57 -4.69 6.96 -6.28
N ARG A 58 -5.61 6.12 -5.82
CA ARG A 58 -6.81 6.61 -5.15
C ARG A 58 -6.44 7.43 -3.91
N VAL A 59 -5.56 6.88 -3.07
CA VAL A 59 -5.13 7.57 -1.87
C VAL A 59 -4.25 8.76 -2.22
N GLY A 60 -3.44 8.60 -3.27
CA GLY A 60 -2.54 9.66 -3.69
C GLY A 60 -3.32 10.88 -4.16
N ASP A 61 -4.35 10.64 -4.96
CA ASP A 61 -5.18 11.72 -5.47
C ASP A 61 -6.07 12.29 -4.37
N CYS A 62 -6.62 11.40 -3.56
CA CYS A 62 -7.49 11.83 -2.47
C CYS A 62 -6.75 12.73 -1.49
N PHE A 63 -5.47 12.43 -1.28
CA PHE A 63 -4.65 13.22 -0.37
C PHE A 63 -4.11 14.46 -1.07
N GLN A 64 -3.69 14.30 -2.32
CA GLN A 64 -3.15 15.42 -3.09
C GLN A 64 -4.24 16.47 -3.32
N ASP A 65 -5.44 16.00 -3.63
CA ASP A 65 -6.56 16.91 -3.87
C ASP A 65 -6.90 17.69 -2.61
N TYR A 66 -7.09 16.97 -1.50
CA TYR A 66 -7.43 17.61 -0.23
C TYR A 66 -6.28 18.49 0.24
N TYR A 67 -5.06 17.98 0.11
CA TYR A 67 -3.88 18.73 0.53
C TYR A 67 -3.70 19.98 -0.34
N ASN A 68 -3.98 19.83 -1.63
CA ASN A 68 -3.81 20.94 -2.56
C ASN A 68 -4.74 22.09 -2.21
N THR A 69 -5.98 21.77 -1.83
CA THR A 69 -6.96 22.79 -1.48
C THR A 69 -6.36 23.80 -0.51
N PHE A 70 -5.31 23.38 0.20
CA PHE A 70 -4.67 24.26 1.16
C PHE A 70 -3.57 25.09 0.48
N GLY A 71 -3.60 25.11 -0.85
CA GLY A 71 -2.60 25.85 -1.61
C GLY A 71 -1.22 25.69 -1.00
N PRO A 72 -0.75 24.47 -0.88
CA PRO A 72 0.59 24.18 -0.30
C PRO A 72 1.72 24.42 -1.29
N GLU A 73 2.73 25.18 -0.85
CA GLU A 73 3.87 25.47 -1.71
C GLU A 73 4.93 24.39 -1.58
N LYS A 74 4.91 23.68 -0.46
CA LYS A 74 5.89 22.63 -0.21
C LYS A 74 5.72 21.49 -1.18
N VAL A 75 4.47 21.04 -1.35
CA VAL A 75 4.16 19.94 -2.26
C VAL A 75 5.40 19.10 -2.55
N PRO A 76 5.75 18.21 -1.64
CA PRO A 76 6.96 17.37 -1.80
C PRO A 76 6.92 16.54 -3.07
N VAL A 77 7.97 16.67 -3.88
CA VAL A 77 8.05 15.94 -5.14
C VAL A 77 8.57 14.53 -4.92
N THR A 78 9.18 14.30 -3.75
CA THR A 78 9.73 12.99 -3.43
C THR A 78 8.72 11.89 -3.74
N ALA A 79 7.45 12.27 -3.82
CA ALA A 79 6.40 11.31 -4.12
C ALA A 79 6.67 10.60 -5.44
N PHE A 80 7.44 11.25 -6.30
CA PHE A 80 7.77 10.69 -7.61
C PHE A 80 8.71 9.49 -7.45
N SER A 81 9.52 9.51 -6.40
CA SER A 81 10.45 8.43 -6.14
C SER A 81 9.71 7.17 -5.69
N TYR A 82 8.66 7.36 -4.90
CA TYR A 82 7.87 6.24 -4.42
C TYR A 82 7.25 5.47 -5.57
N TRP A 83 6.61 6.20 -6.48
CA TRP A 83 5.98 5.56 -7.62
C TRP A 83 6.99 4.81 -8.46
N ASN A 84 8.14 5.43 -8.71
CA ASN A 84 9.17 4.80 -9.52
C ASN A 84 9.73 3.56 -8.83
N LEU A 85 9.98 3.65 -7.52
CA LEU A 85 10.52 2.52 -6.79
C LEU A 85 9.50 1.40 -6.71
N ILE A 86 8.36 1.68 -6.07
CA ILE A 86 7.32 0.67 -5.94
C ILE A 86 6.95 0.11 -7.30
N LYS A 87 6.95 0.96 -8.30
CA LYS A 87 6.58 0.53 -9.64
C LYS A 87 7.38 -0.67 -10.07
N GLU A 88 8.68 -0.64 -9.84
CA GLU A 88 9.53 -1.74 -10.23
C GLU A 88 9.48 -2.86 -9.20
N LEU A 89 9.05 -2.55 -7.99
CA LEU A 89 9.01 -3.55 -6.94
C LEU A 89 8.04 -4.66 -7.32
N ILE A 90 6.85 -4.28 -7.76
CA ILE A 90 5.85 -5.26 -8.13
C ILE A 90 6.34 -6.09 -9.30
N ASP A 91 6.94 -5.44 -10.28
CA ASP A 91 7.41 -6.12 -11.48
C ASP A 91 8.07 -7.45 -11.12
N LYS A 92 8.46 -7.58 -9.85
CA LYS A 92 9.09 -8.80 -9.38
C LYS A 92 8.05 -9.93 -9.26
N LYS A 93 8.47 -11.14 -9.58
CA LYS A 93 7.58 -12.30 -9.50
C LYS A 93 7.57 -12.88 -8.09
N GLU A 94 8.43 -12.34 -7.23
CA GLU A 94 8.52 -12.82 -5.86
C GLU A 94 7.29 -12.40 -5.06
N VAL A 95 6.11 -12.57 -5.65
CA VAL A 95 4.86 -12.22 -4.99
C VAL A 95 3.95 -13.44 -4.89
N ASN A 96 3.42 -13.67 -3.70
CA ASN A 96 2.53 -14.80 -3.47
C ASN A 96 1.08 -14.35 -3.38
N PRO A 97 0.16 -15.28 -3.46
CA PRO A 97 -1.30 -14.97 -3.36
C PRO A 97 -1.59 -13.91 -2.31
N GLN A 98 -0.63 -13.68 -1.42
CA GLN A 98 -0.81 -12.70 -0.35
C GLN A 98 -1.52 -11.46 -0.89
N VAL A 99 -1.47 -11.28 -2.20
CA VAL A 99 -2.13 -10.16 -2.84
C VAL A 99 -3.63 -10.24 -2.61
N MET A 100 -4.20 -11.42 -2.81
CA MET A 100 -5.64 -11.62 -2.64
C MET A 100 -6.04 -11.53 -1.16
N ALA A 101 -5.20 -12.08 -0.29
CA ALA A 101 -5.47 -12.05 1.14
C ALA A 101 -5.57 -10.61 1.64
N ALA A 102 -4.98 -9.70 0.90
CA ALA A 102 -5.02 -8.29 1.27
C ALA A 102 -6.33 -7.64 0.80
N VAL A 103 -6.79 -8.02 -0.39
CA VAL A 103 -8.02 -7.47 -0.93
C VAL A 103 -9.09 -7.37 0.16
N ALA A 104 -8.91 -8.14 1.22
CA ALA A 104 -9.87 -8.13 2.33
C ALA A 104 -10.12 -6.69 2.81
N GLN A 105 -9.35 -5.76 2.27
CA GLN A 105 -9.49 -4.35 2.65
C GLN A 105 -9.77 -4.22 4.13
N THR A 106 -11.05 -4.17 4.48
CA THR A 106 -11.45 -4.05 5.88
C THR A 106 -12.25 -5.28 6.32
N GLU A 107 -12.69 -6.08 5.34
CA GLU A 107 -13.45 -7.28 5.64
C GLU A 107 -13.05 -8.43 4.73
N GLU A 108 -13.27 -9.66 5.18
CA GLU A 108 -12.92 -10.83 4.39
C GLU A 108 -13.95 -11.05 3.28
N ILE A 109 -13.49 -11.10 2.05
CA ILE A 109 -14.39 -11.30 0.91
C ILE A 109 -15.43 -12.38 1.24
N LEU A 110 -15.05 -13.30 2.12
CA LEU A 110 -15.94 -14.38 2.51
C LEU A 110 -17.15 -13.83 3.26
N LYS A 111 -16.90 -12.86 4.14
CA LYS A 111 -17.96 -12.25 4.92
C LYS A 111 -18.14 -10.79 4.52
N SER A 112 -18.26 -10.55 3.24
CA SER A 112 -18.43 -9.19 2.73
C SER A 112 -19.70 -8.56 3.31
N ASN A 113 -20.61 -9.41 3.74
CA ASN A 113 -21.88 -8.92 4.31
C ASN A 113 -21.61 -8.05 5.54
N SER A 114 -20.70 -8.50 6.38
CA SER A 114 -20.35 -7.74 7.59
C SER A 114 -19.34 -8.51 8.43
N GLN A 115 -18.47 -7.78 9.12
CA GLN A 115 -17.46 -8.40 9.97
C GLN A 115 -16.58 -9.34 9.13
N THR A 116 -15.95 -10.30 9.81
CA THR A 116 -15.09 -11.26 9.12
C THR A 116 -15.51 -12.68 9.49
N ASP A 117 -14.92 -13.65 8.78
CA ASP A 117 -15.25 -15.05 9.03
C ASP A 117 -15.41 -15.32 10.53
N LEU A 118 -14.80 -14.46 11.34
CA LEU A 118 -14.89 -14.60 12.78
C LEU A 118 -15.80 -13.52 13.36
N GLU A 119 -16.79 -13.93 14.16
CA GLU A 119 -17.72 -13.00 14.77
C GLU A 119 -17.03 -12.17 15.83
N HIS A 120 -16.03 -12.77 16.48
CA HIS A 120 -15.28 -12.08 17.53
C HIS A 120 -13.83 -11.88 17.12
N HIS A 121 -13.20 -10.85 17.67
CA HIS A 121 -11.80 -10.56 17.36
C HIS A 121 -10.92 -10.81 18.58
N HIS A 122 -9.66 -11.17 18.32
CA HIS A 122 -8.73 -11.45 19.41
C HIS A 122 -8.44 -10.18 20.21
N HIS A 123 -8.26 -9.07 19.50
CA HIS A 123 -7.99 -7.79 20.16
C HIS A 123 -9.11 -7.44 21.13
N HIS A 124 -10.34 -7.69 20.71
CA HIS A 124 -11.50 -7.39 21.54
C HIS A 124 -11.42 -8.17 22.86
N HIS A 125 -11.07 -9.46 22.76
CA HIS A 125 -10.97 -10.30 23.94
C HIS A 125 -10.18 -11.56 23.62
#